data_3KWF
#
_entry.id   3KWF
#
_cell.length_a   65.626
_cell.length_b   69.541
_cell.length_c   423.039
_cell.angle_alpha   90.00
_cell.angle_beta   90.00
_cell.angle_gamma   90.00
#
_symmetry.space_group_name_H-M   'P 21 21 21'
#
loop_
_entity.id
_entity.type
_entity.pdbx_description
1 polymer 'Dipeptidyl peptidase 4'
2 non-polymer 2-acetamido-2-deoxy-beta-D-glucopyranose
3 non-polymer (4S)-1-[(2S,3S,11bS)-2-amino-9,10-dimethoxy-1,3,4,6,7,11b-hexahydro-2H-pyrido[2,1-a]isoquinolin-3-yl]-4-(fluoromethyl)pyrrolidin-2-one
4 water water
#
_entity_poly.entity_id   1
_entity_poly.type   'polypeptide(L)'
_entity_poly.pdbx_seq_one_letter_code
;SRKTYTLTDYLKNTYRLKLYSLRWISDHEYLYKQENNILVFNAEYGNSSVFLENSTFDEFGHSINDYSISPDGQFILLEY
NYVKQWRHSYTASYDIYDLNKRQLITEERIPNNTQWVTWSPVGHKLAYVWNNDIYVKIEPNLPSYRITWTGKEDIIYNGI
TDWVYEEEVFSAYSALWWSPNGTFLAYAQFNDTEVPLIEYSFYSDESLQYPKTVRVPYPKAGAVNPTVKFFVVNTDSLSS
VTNATSIQITAPASMLIGDHYLCDVTWATQERISLQWLRRIQNYSVMDICDYDESSGRWNCLVARQHIEMSTTGWVGRFR
PSEPHFTLDGNSFYKIISNEEGYRHICYFQIDKKDCTFITKGTWEVIGIEALTSDYLYYISNEYKGMPGGRNLYKIQLSD
YTKVTCLSCELNPERCQYYSVSFSKEAKYYQLRCSGPGLPLYTLHSSVNDKGLRVLEDNSALDKMLQNVQMPSKKLDFII
LNETKFWYQMILPPHFDKSKKYPLLLDVYAGPCSQKADTVFRLNWATYLASTENIIVASFDGRGSGYQGDKIMHAINRRL
GTFEVEDQIEAARQFSKMGFVDNKRIAIWGWSYGGYVTSMVLGSGSGVFKCGIAVAPVSRWEYYDSVYTERYMGLPTPED
NLDHYRNSTVMSRAENFKQVEYLLIHGTADDNVHFQQSAQISKALVDVGVDFQAMWYTDEDHGIASSTAHQHIYTHMSHF
IKQCFSLP
;
_entity_poly.pdbx_strand_id   A,B
#
loop_
_chem_comp.id
_chem_comp.type
_chem_comp.name
_chem_comp.formula
B1Q non-polymer (4S)-1-[(2S,3S,11bS)-2-amino-9,10-dimethoxy-1,3,4,6,7,11b-hexahydro-2H-pyrido[2,1-a]isoquinolin-3-yl]-4-(fluoromethyl)pyrrolidin-2-one 'C20 H28 F N3 O3'
NAG D-saccharide, beta linking 2-acetamido-2-deoxy-beta-D-glucopyranose 'C8 H15 N O6'
#
# COMPACT_ATOMS: atom_id res chain seq x y z
N SER A 1 32.44 -3.18 -32.71
CA SER A 1 33.32 -3.89 -31.71
C SER A 1 32.65 -5.20 -31.22
N ARG A 2 31.62 -5.62 -31.97
CA ARG A 2 30.83 -6.87 -31.79
C ARG A 2 29.93 -7.08 -30.57
N LYS A 3 30.47 -7.40 -29.40
CA LYS A 3 29.61 -7.53 -28.21
C LYS A 3 28.96 -6.19 -27.86
N THR A 4 27.71 -6.24 -27.43
CA THR A 4 26.95 -5.02 -27.12
C THR A 4 26.88 -4.75 -25.60
N TYR A 5 26.53 -3.52 -25.21
CA TYR A 5 26.31 -3.20 -23.79
C TYR A 5 24.91 -3.62 -23.32
N THR A 6 24.89 -4.62 -22.45
CA THR A 6 23.68 -5.36 -22.12
C THR A 6 22.97 -4.80 -20.87
N LEU A 7 21.70 -5.17 -20.70
CA LEU A 7 20.95 -4.94 -19.47
C LEU A 7 21.65 -5.64 -18.28
N THR A 8 22.05 -6.89 -18.47
CA THR A 8 22.75 -7.64 -17.45
C THR A 8 24.14 -7.07 -17.15
N ASP A 9 24.73 -6.35 -18.12
CA ASP A 9 25.98 -5.63 -17.90
C ASP A 9 25.72 -4.47 -16.95
N TYR A 10 24.60 -3.78 -17.17
CA TYR A 10 24.20 -2.70 -16.29
C TYR A 10 23.89 -3.24 -14.90
N LEU A 11 22.98 -4.21 -14.85
CA LEU A 11 22.49 -4.77 -13.59
C LEU A 11 23.55 -5.49 -12.75
N LYS A 12 24.52 -6.11 -13.40
CA LYS A 12 25.55 -6.90 -12.69
C LYS A 12 26.91 -6.19 -12.57
N ASN A 13 26.97 -4.94 -13.05
CA ASN A 13 28.17 -4.12 -12.99
C ASN A 13 29.35 -4.89 -13.57
N THR A 14 29.16 -5.37 -14.79
CA THR A 14 30.19 -6.07 -15.55
C THR A 14 31.40 -5.16 -15.75
N TYR A 15 31.14 -3.89 -16.04
CA TYR A 15 32.16 -2.89 -16.31
C TYR A 15 32.19 -1.85 -15.19
N ARG A 16 33.08 -2.08 -14.23
CA ARG A 16 33.23 -1.22 -13.07
C ARG A 16 34.13 -0.05 -13.37
N LEU A 17 33.69 1.15 -13.01
CA LEU A 17 34.54 2.34 -12.97
C LEU A 17 35.42 2.28 -11.75
N LYS A 18 36.72 2.54 -11.93
CA LYS A 18 37.61 2.68 -10.77
C LYS A 18 37.60 4.14 -10.24
N LEU A 19 37.79 4.26 -8.93
CA LEU A 19 37.80 5.53 -8.23
C LEU A 19 39.12 5.70 -7.47
N TYR A 20 39.29 6.86 -6.84
CA TYR A 20 40.46 7.13 -6.00
C TYR A 20 40.04 8.09 -4.89
N SER A 21 39.33 7.54 -3.92
CA SER A 21 38.86 8.30 -2.77
C SER A 21 39.97 8.35 -1.72
N LEU A 22 40.47 9.55 -1.48
CA LEU A 22 41.50 9.74 -0.47
C LEU A 22 40.98 10.66 0.64
N ARG A 23 41.56 10.53 1.82
CA ARG A 23 41.24 11.40 2.95
C ARG A 23 42.49 12.16 3.35
N TRP A 24 42.54 13.44 3.00
CA TRP A 24 43.61 14.33 3.45
C TRP A 24 43.67 14.36 4.99
N ILE A 25 44.84 14.13 5.56
CA ILE A 25 44.99 14.13 7.02
C ILE A 25 45.94 15.23 7.52
N SER A 26 46.47 16.02 6.57
CA SER A 26 47.38 17.12 6.87
C SER A 26 47.56 17.98 5.61
N ASP A 27 48.52 18.89 5.67
CA ASP A 27 48.94 19.71 4.54
C ASP A 27 49.55 18.90 3.38
N HIS A 28 50.13 17.74 3.71
CA HIS A 28 50.99 17.03 2.77
C HIS A 28 50.84 15.50 2.74
N GLU A 29 49.92 14.96 3.52
CA GLU A 29 49.65 13.52 3.53
C GLU A 29 48.16 13.19 3.38
N TYR A 30 47.88 12.04 2.78
CA TYR A 30 46.51 11.50 2.77
C TYR A 30 46.43 10.01 3.01
N LEU A 31 45.27 9.56 3.47
CA LEU A 31 44.99 8.14 3.64
C LEU A 31 44.17 7.64 2.48
N TYR A 32 44.41 6.39 2.14
CA TYR A 32 43.76 5.75 1.01
C TYR A 32 43.68 4.27 1.34
N LYS A 33 42.48 3.70 1.33
CA LYS A 33 42.37 2.26 1.53
C LYS A 33 42.31 1.48 0.22
N GLN A 34 43.06 0.38 0.21
CA GLN A 34 43.38 -0.40 -0.99
C GLN A 34 43.29 -1.87 -0.59
N GLU A 35 42.40 -2.60 -1.28
CA GLU A 35 41.89 -3.87 -0.78
C GLU A 35 41.22 -3.57 0.58
N ASN A 36 41.70 -4.20 1.66
CA ASN A 36 41.26 -3.80 3.00
C ASN A 36 42.34 -3.07 3.82
N ASN A 37 43.45 -2.73 3.18
CA ASN A 37 44.54 -1.99 3.82
C ASN A 37 44.36 -0.48 3.70
N ILE A 38 44.54 0.22 4.81
CA ILE A 38 44.64 1.68 4.79
C ILE A 38 46.11 2.05 4.56
N LEU A 39 46.36 2.74 3.45
CA LEU A 39 47.69 3.23 3.12
C LEU A 39 47.80 4.71 3.47
N VAL A 40 49.01 5.15 3.80
CA VAL A 40 49.30 6.59 3.97
C VAL A 40 50.22 7.08 2.84
N PHE A 41 49.83 8.17 2.19
CA PHE A 41 50.58 8.69 1.05
C PHE A 41 51.23 10.04 1.33
N ASN A 42 52.48 10.19 0.89
CA ASN A 42 53.17 11.48 0.92
C ASN A 42 52.91 12.19 -0.39
N ALA A 43 52.30 13.37 -0.31
CA ALA A 43 51.86 14.10 -1.51
C ALA A 43 53.01 14.64 -2.39
N GLU A 44 54.01 15.27 -1.77
CA GLU A 44 55.14 15.86 -2.51
C GLU A 44 56.00 14.81 -3.24
N TYR A 45 56.18 13.66 -2.61
CA TYR A 45 57.13 12.67 -3.10
C TYR A 45 56.51 11.41 -3.71
N GLY A 46 55.31 11.05 -3.24
CA GLY A 46 54.59 9.92 -3.81
C GLY A 46 54.80 8.61 -3.07
N ASN A 47 55.77 8.57 -2.18
CA ASN A 47 55.99 7.36 -1.40
C ASN A 47 54.85 7.10 -0.41
N SER A 48 54.66 5.82 -0.07
CA SER A 48 53.53 5.41 0.75
C SER A 48 53.86 4.18 1.57
N SER A 49 53.25 4.08 2.75
CA SER A 49 53.34 2.87 3.56
C SER A 49 51.93 2.43 3.97
N VAL A 50 51.83 1.21 4.45
CA VAL A 50 50.57 0.75 5.04
C VAL A 50 50.45 1.33 6.45
N PHE A 51 49.36 2.09 6.64
CA PHE A 51 49.04 2.70 7.90
C PHE A 51 48.46 1.65 8.82
N LEU A 52 47.43 0.95 8.32
CA LEU A 52 46.75 -0.08 9.10
C LEU A 52 46.54 -1.34 8.24
N GLU A 53 47.07 -2.46 8.72
CA GLU A 53 46.99 -3.72 7.98
C GLU A 53 45.59 -4.31 8.03
N ASN A 54 45.17 -4.90 6.91
CA ASN A 54 43.87 -5.57 6.80
C ASN A 54 43.65 -6.71 7.81
N SER A 55 44.75 -7.31 8.27
CA SER A 55 44.72 -8.42 9.22
C SER A 55 44.34 -8.02 10.65
N THR A 56 44.63 -6.77 11.01
CA THR A 56 44.45 -6.25 12.38
C THR A 56 43.16 -6.71 13.08
N PHE A 57 42.05 -6.66 12.36
CA PHE A 57 40.76 -7.02 12.94
C PHE A 57 40.14 -8.28 12.33
N ASP A 58 40.92 -9.36 12.32
CA ASP A 58 40.42 -10.69 11.91
C ASP A 58 39.55 -11.29 13.00
N GLU A 59 40.00 -11.13 14.24
CA GLU A 59 39.31 -11.66 15.42
C GLU A 59 38.39 -10.63 16.10
N PHE A 60 37.81 -9.73 15.32
CA PHE A 60 36.90 -8.74 15.89
C PHE A 60 35.50 -9.30 16.13
N GLY A 61 34.99 -10.11 15.19
CA GLY A 61 33.70 -10.78 15.37
C GLY A 61 32.54 -10.08 14.72
N HIS A 62 32.84 -8.96 14.05
CA HIS A 62 31.87 -8.18 13.29
C HIS A 62 32.56 -7.66 12.03
N SER A 63 31.85 -7.61 10.91
CA SER A 63 32.34 -6.87 9.77
C SER A 63 32.24 -5.37 10.06
N ILE A 64 33.34 -4.65 9.85
CA ILE A 64 33.40 -3.21 10.03
C ILE A 64 32.78 -2.55 8.82
N ASN A 65 31.94 -1.55 9.05
CA ASN A 65 31.34 -0.78 7.95
C ASN A 65 32.23 0.37 7.49
N ASP A 66 32.93 1.00 8.44
CA ASP A 66 33.74 2.18 8.16
C ASP A 66 34.67 2.47 9.33
N TYR A 67 35.65 3.34 9.08
CA TYR A 67 36.63 3.74 10.07
C TYR A 67 36.72 5.27 10.12
N SER A 68 37.13 5.78 11.28
CA SER A 68 37.47 7.18 11.40
C SER A 68 38.69 7.32 12.30
N ILE A 69 39.78 7.83 11.74
CA ILE A 69 41.00 8.07 12.49
C ILE A 69 40.90 9.46 13.11
N SER A 70 41.26 9.55 14.40
CA SER A 70 41.34 10.85 15.08
C SER A 70 42.40 11.72 14.40
N PRO A 71 42.17 13.05 14.37
CA PRO A 71 43.12 14.01 13.80
C PRO A 71 44.54 14.00 14.39
N ASP A 72 44.75 13.33 15.51
CA ASP A 72 46.11 13.23 16.04
C ASP A 72 46.78 11.90 15.72
N GLY A 73 46.04 11.00 15.07
CA GLY A 73 46.57 9.70 14.66
C GLY A 73 46.68 8.65 15.76
N GLN A 74 46.28 9.01 16.98
CA GLN A 74 46.41 8.13 18.14
C GLN A 74 45.36 7.03 18.24
N PHE A 75 44.18 7.27 17.67
CA PHE A 75 43.01 6.39 17.83
C PHE A 75 42.24 6.21 16.53
N ILE A 76 41.53 5.10 16.42
CA ILE A 76 40.64 4.84 15.29
C ILE A 76 39.23 4.38 15.73
N LEU A 77 38.20 5.01 15.16
CA LEU A 77 36.80 4.59 15.34
C LEU A 77 36.44 3.50 14.35
N LEU A 78 35.89 2.41 14.86
CA LEU A 78 35.42 1.29 14.02
C LEU A 78 33.91 1.20 14.05
N GLU A 79 33.29 1.42 12.89
CA GLU A 79 31.84 1.44 12.78
C GLU A 79 31.33 0.08 12.29
N TYR A 80 30.40 -0.50 13.03
CA TYR A 80 29.78 -1.78 12.64
C TYR A 80 28.31 -1.75 13.07
N ASN A 81 27.59 -2.85 12.87
CA ASN A 81 26.12 -2.90 13.13
C ASN A 81 25.33 -1.76 12.45
N TYR A 82 25.79 -1.35 11.26
CA TYR A 82 25.18 -0.27 10.50
C TYR A 82 23.72 -0.59 10.11
N VAL A 83 22.79 0.28 10.50
CA VAL A 83 21.41 0.19 10.05
C VAL A 83 20.97 1.51 9.46
N LYS A 84 20.57 1.47 8.19
CA LYS A 84 20.14 2.67 7.48
C LYS A 84 18.79 3.18 7.98
N GLN A 85 18.71 4.47 8.30
CA GLN A 85 17.44 5.17 8.43
C GLN A 85 17.03 5.82 7.08
N TRP A 86 17.20 7.14 6.92
CA TRP A 86 16.78 7.83 5.70
C TRP A 86 17.95 8.08 4.73
N ARG A 87 17.90 9.15 3.95
CA ARG A 87 18.91 9.35 2.94
C ARG A 87 20.32 9.39 3.54
N HIS A 88 20.48 10.14 4.64
CA HIS A 88 21.77 10.33 5.28
C HIS A 88 21.90 9.70 6.67
N SER A 89 20.80 9.62 7.40
CA SER A 89 20.82 9.09 8.77
C SER A 89 20.97 7.56 8.87
N TYR A 90 21.50 7.12 10.00
CA TYR A 90 21.66 5.70 10.31
C TYR A 90 22.09 5.52 11.77
N THR A 91 21.96 4.30 12.29
CA THR A 91 22.50 3.95 13.59
C THR A 91 23.58 2.87 13.47
N ALA A 92 24.49 2.84 14.45
CA ALA A 92 25.63 1.95 14.40
C ALA A 92 26.23 1.69 15.80
N SER A 93 27.14 0.72 15.88
CA SER A 93 27.94 0.49 17.08
C SER A 93 29.36 0.91 16.80
N TYR A 94 30.09 1.28 17.84
CA TYR A 94 31.44 1.81 17.68
C TYR A 94 32.35 1.27 18.76
N ASP A 95 33.52 0.78 18.32
CA ASP A 95 34.62 0.54 19.22
C ASP A 95 35.74 1.49 18.85
N ILE A 96 36.59 1.80 19.83
CA ILE A 96 37.78 2.60 19.60
C ILE A 96 39.01 1.70 19.76
N TYR A 97 40.04 1.99 18.97
CA TYR A 97 41.24 1.20 18.97
C TYR A 97 42.41 2.16 19.16
N ASP A 98 43.15 1.97 20.25
CA ASP A 98 44.37 2.73 20.48
C ASP A 98 45.42 2.22 19.51
N LEU A 99 45.91 3.13 18.67
CA LEU A 99 46.89 2.80 17.64
C LEU A 99 48.33 2.74 18.16
N ASN A 100 48.69 3.64 19.09
CA ASN A 100 50.02 3.64 19.67
C ASN A 100 50.34 2.28 20.30
N LYS A 101 49.41 1.77 21.09
CA LYS A 101 49.45 0.38 21.52
C LYS A 101 48.96 -0.49 20.34
N ARG A 102 48.22 -1.54 20.64
CA ARG A 102 47.59 -2.35 19.60
C ARG A 102 46.34 -2.98 20.20
N GLN A 103 45.56 -2.15 20.89
CA GLN A 103 44.50 -2.65 21.77
C GLN A 103 43.16 -1.94 21.63
N LEU A 104 42.10 -2.72 21.79
CA LEU A 104 40.75 -2.19 21.89
C LEU A 104 40.51 -1.59 23.27
N ILE A 105 39.86 -0.44 23.30
CA ILE A 105 39.40 0.17 24.54
C ILE A 105 38.12 -0.53 24.99
N THR A 106 38.09 -1.03 26.22
CA THR A 106 36.96 -1.84 26.68
C THR A 106 36.06 -1.18 27.74
N GLU A 107 36.53 -0.08 28.33
CA GLU A 107 35.76 0.61 29.37
C GLU A 107 35.22 1.93 28.83
N GLU A 108 34.02 2.29 29.28
CA GLU A 108 33.32 3.49 28.85
C GLU A 108 33.13 3.52 27.33
N ARG A 109 32.60 2.41 26.80
CA ARG A 109 32.38 2.29 25.37
C ARG A 109 31.27 3.23 24.89
N ILE A 110 31.34 3.58 23.61
CA ILE A 110 30.25 4.27 22.92
C ILE A 110 29.11 3.25 22.85
N PRO A 111 27.89 3.66 23.23
CA PRO A 111 26.79 2.71 23.26
C PRO A 111 26.30 2.23 21.90
N ASN A 112 25.67 1.07 21.90
CA ASN A 112 24.97 0.56 20.74
C ASN A 112 23.88 1.56 20.33
N ASN A 113 23.46 1.48 19.07
CA ASN A 113 22.44 2.39 18.54
C ASN A 113 22.83 3.88 18.63
N THR A 114 24.11 4.16 18.41
CA THR A 114 24.59 5.53 18.34
C THR A 114 24.17 6.14 17.01
N GLN A 115 23.62 7.34 17.12
CA GLN A 115 23.00 8.01 15.99
C GLN A 115 24.01 8.83 15.19
N TRP A 116 24.98 9.42 15.88
CA TRP A 116 26.07 10.16 15.22
C TRP A 116 27.34 10.19 16.08
N VAL A 117 28.50 10.10 15.43
CA VAL A 117 29.79 10.28 16.12
C VAL A 117 30.73 11.15 15.29
N THR A 118 31.46 12.02 15.98
CA THR A 118 32.45 12.89 15.34
C THR A 118 33.64 13.14 16.28
N TRP A 119 34.86 13.02 15.74
CA TRP A 119 36.06 13.47 16.45
C TRP A 119 36.10 14.99 16.37
N SER A 120 36.67 15.62 17.39
CA SER A 120 37.04 17.04 17.30
C SER A 120 38.00 17.22 16.12
N PRO A 121 38.11 18.46 15.57
CA PRO A 121 38.94 18.69 14.37
C PRO A 121 40.43 18.60 14.68
N VAL A 122 40.78 18.78 15.96
CA VAL A 122 42.14 18.66 16.46
C VAL A 122 42.11 17.65 17.61
N GLY A 123 43.17 16.86 17.76
CA GLY A 123 43.27 15.93 18.87
C GLY A 123 42.46 14.66 18.74
N HIS A 124 41.74 14.31 19.82
CA HIS A 124 40.96 13.06 19.87
C HIS A 124 39.75 13.10 20.81
N LYS A 125 39.18 14.28 21.04
CA LYS A 125 37.88 14.37 21.70
C LYS A 125 36.81 13.75 20.78
N LEU A 126 35.83 13.09 21.40
CA LEU A 126 34.68 12.54 20.69
C LEU A 126 33.44 13.26 21.15
N ALA A 127 32.53 13.52 20.22
CA ALA A 127 31.15 13.89 20.55
C ALA A 127 30.25 12.89 19.88
N TYR A 128 29.26 12.39 20.61
CA TYR A 128 28.28 11.46 20.05
C TYR A 128 26.85 11.76 20.50
N VAL A 129 25.90 11.30 19.68
CA VAL A 129 24.47 11.44 19.97
C VAL A 129 23.85 10.04 20.14
N TRP A 130 23.16 9.84 21.26
CA TRP A 130 22.52 8.56 21.58
C TRP A 130 21.15 8.86 22.18
N ASN A 131 20.12 8.13 21.74
CA ASN A 131 18.72 8.43 22.14
C ASN A 131 18.39 9.94 22.10
N ASN A 132 18.83 10.62 21.04
CA ASN A 132 18.60 12.06 20.83
C ASN A 132 19.29 13.01 21.84
N ASP A 133 20.27 12.47 22.58
CA ASP A 133 21.07 13.30 23.49
C ASP A 133 22.56 13.35 23.13
N ILE A 134 23.19 14.50 23.38
CA ILE A 134 24.62 14.67 23.14
C ILE A 134 25.48 14.34 24.36
N TYR A 135 26.56 13.60 24.10
CA TYR A 135 27.58 13.22 25.06
C TYR A 135 28.93 13.66 24.51
N VAL A 136 29.90 13.88 25.40
CA VAL A 136 31.28 14.19 25.00
C VAL A 136 32.25 13.34 25.81
N LYS A 137 33.22 12.74 25.13
CA LYS A 137 34.39 12.15 25.77
C LYS A 137 35.60 13.02 25.50
N ILE A 138 36.34 13.35 26.55
CA ILE A 138 37.59 14.08 26.41
C ILE A 138 38.71 13.10 26.04
N GLU A 139 38.62 11.89 26.57
CA GLU A 139 39.55 10.80 26.28
C GLU A 139 38.76 9.55 25.99
N PRO A 140 39.18 8.78 24.96
CA PRO A 140 38.48 7.54 24.59
C PRO A 140 38.24 6.54 25.74
N ASN A 141 39.17 6.43 26.69
CA ASN A 141 39.01 5.48 27.79
C ASN A 141 38.18 5.99 28.98
N LEU A 142 37.87 7.28 28.97
CA LEU A 142 37.21 7.96 30.11
C LEU A 142 35.68 8.07 29.97
N PRO A 143 34.96 8.25 31.10
CA PRO A 143 33.49 8.39 31.07
C PRO A 143 33.02 9.66 30.36
N SER A 144 31.96 9.52 29.57
CA SER A 144 31.42 10.60 28.78
C SER A 144 30.60 11.58 29.62
N TYR A 145 30.58 12.84 29.20
CA TYR A 145 29.74 13.84 29.85
C TYR A 145 28.43 13.95 29.10
N ARG A 146 27.31 13.88 29.80
CA ARG A 146 26.02 14.16 29.19
C ARG A 146 25.82 15.67 29.09
N ILE A 147 25.58 16.14 27.87
CA ILE A 147 25.38 17.56 27.56
C ILE A 147 23.89 17.92 27.62
N THR A 148 23.07 17.11 26.95
CA THR A 148 21.63 17.36 26.90
C THR A 148 20.85 16.26 27.62
N TRP A 149 19.74 16.67 28.24
CA TRP A 149 18.89 15.79 29.03
C TRP A 149 17.45 15.80 28.50
N THR A 150 17.21 16.47 27.38
CA THR A 150 15.86 16.68 26.85
C THR A 150 15.48 15.81 25.64
N GLY A 151 16.43 15.05 25.10
CA GLY A 151 16.17 14.19 23.95
C GLY A 151 14.98 13.27 24.10
N LYS A 152 14.15 13.20 23.06
CA LYS A 152 12.95 12.35 23.07
C LYS A 152 12.58 11.92 21.65
N GLU A 153 12.50 10.62 21.46
CA GLU A 153 12.23 10.03 20.15
C GLU A 153 11.03 10.66 19.45
N ASP A 154 11.28 11.16 18.23
CA ASP A 154 10.29 11.82 17.37
C ASP A 154 9.76 13.15 17.91
N ILE A 155 10.43 13.72 18.91
CA ILE A 155 9.93 14.95 19.53
C ILE A 155 11.02 16.01 19.71
N ILE A 156 12.07 15.68 20.47
CA ILE A 156 13.21 16.58 20.66
C ILE A 156 14.48 15.95 20.08
N TYR A 157 15.16 16.71 19.23
CA TYR A 157 16.41 16.27 18.60
C TYR A 157 17.54 17.21 19.00
N ASN A 158 18.52 16.67 19.71
CA ASN A 158 19.70 17.43 20.12
C ASN A 158 20.90 16.96 19.33
N GLY A 159 21.42 17.82 18.47
CA GLY A 159 22.62 17.48 17.72
C GLY A 159 22.40 16.54 16.56
N ILE A 160 21.15 16.20 16.27
CA ILE A 160 20.78 15.47 15.05
C ILE A 160 19.57 16.14 14.38
N THR A 161 19.42 15.92 13.09
CA THR A 161 18.32 16.54 12.35
C THR A 161 17.10 15.64 12.32
N ASP A 162 15.92 16.26 12.24
CA ASP A 162 14.68 15.53 12.06
C ASP A 162 14.53 15.24 10.57
N TRP A 163 13.44 14.60 10.16
CA TRP A 163 13.29 14.25 8.76
C TRP A 163 13.52 15.42 7.75
N VAL A 164 12.78 16.53 7.85
CA VAL A 164 12.95 17.64 6.88
C VAL A 164 14.29 18.37 6.90
N TYR A 165 14.88 18.57 8.06
CA TYR A 165 16.17 19.24 8.11
C TYR A 165 17.25 18.36 7.49
N GLU A 166 17.14 17.04 7.74
CA GLU A 166 18.06 16.06 7.15
C GLU A 166 17.96 16.07 5.63
N GLU A 167 16.74 15.99 5.12
CA GLU A 167 16.52 15.91 3.69
C GLU A 167 16.67 17.25 2.99
N GLU A 168 16.01 18.28 3.51
CA GLU A 168 15.87 19.53 2.76
C GLU A 168 16.88 20.62 3.06
N VAL A 169 17.51 20.59 4.24
CA VAL A 169 18.32 21.72 4.68
C VAL A 169 19.79 21.36 4.77
N PHE A 170 20.12 20.47 5.70
CA PHE A 170 21.51 20.17 5.98
C PHE A 170 22.13 19.07 5.11
N SER A 171 21.28 18.28 4.44
CA SER A 171 21.74 17.05 3.78
C SER A 171 22.66 16.23 4.70
N ALA A 172 22.25 16.09 5.95
CA ALA A 172 23.05 15.44 6.97
C ALA A 172 22.19 15.04 8.17
N TYR A 173 22.54 13.94 8.82
CA TYR A 173 21.93 13.59 10.10
C TYR A 173 22.49 14.46 11.22
N SER A 174 23.78 14.78 11.12
CA SER A 174 24.49 15.58 12.09
C SER A 174 23.93 17.01 12.26
N ALA A 175 23.80 17.42 13.52
CA ALA A 175 23.62 18.83 13.85
C ALA A 175 24.60 19.25 14.95
N LEU A 176 25.88 18.92 14.73
CA LEU A 176 26.99 19.25 15.65
C LEU A 176 28.08 19.95 14.89
N TRP A 177 28.62 21.01 15.48
CA TRP A 177 29.74 21.73 14.87
C TRP A 177 30.80 22.09 15.90
N TRP A 178 31.85 21.29 15.98
CA TRP A 178 33.07 21.62 16.74
C TRP A 178 33.70 22.92 16.20
N SER A 179 34.20 23.76 17.10
CA SER A 179 35.04 24.89 16.71
C SER A 179 36.42 24.38 16.23
N PRO A 180 37.19 25.20 15.49
CA PRO A 180 38.44 24.67 14.92
C PRO A 180 39.48 24.27 15.99
N ASN A 181 39.29 24.78 17.21
CA ASN A 181 40.10 24.47 18.40
C ASN A 181 39.71 23.12 19.00
N GLY A 182 38.41 22.81 18.89
CA GLY A 182 37.81 21.71 19.64
C GLY A 182 37.35 22.17 21.02
N THR A 183 37.52 23.47 21.31
CA THR A 183 37.08 24.05 22.58
C THR A 183 35.56 24.04 22.72
N PHE A 184 34.88 24.61 21.72
CA PHE A 184 33.42 24.70 21.74
C PHE A 184 32.79 23.63 20.87
N LEU A 185 31.65 23.14 21.32
CA LEU A 185 30.77 22.28 20.53
C LEU A 185 29.47 23.04 20.36
N ALA A 186 29.20 23.49 19.14
CA ALA A 186 27.92 24.08 18.78
C ALA A 186 26.92 22.99 18.39
N TYR A 187 25.64 23.24 18.62
CA TYR A 187 24.62 22.29 18.18
C TYR A 187 23.22 22.88 18.07
N ALA A 188 22.44 22.31 17.15
CA ALA A 188 21.06 22.70 16.99
C ALA A 188 20.16 21.74 17.75
N GLN A 189 18.99 22.24 18.12
CA GLN A 189 17.96 21.43 18.75
C GLN A 189 16.63 21.61 18.02
N PHE A 190 16.00 20.49 17.65
CA PHE A 190 14.77 20.53 16.88
C PHE A 190 13.64 19.99 17.70
N ASN A 191 12.48 20.61 17.50
CA ASN A 191 11.31 20.30 18.25
C ASN A 191 10.14 20.01 17.31
N ASP A 192 9.77 18.74 17.23
CA ASP A 192 8.72 18.29 16.33
C ASP A 192 7.37 18.04 17.02
N THR A 193 7.22 18.53 18.25
CA THR A 193 6.03 18.27 19.07
C THR A 193 4.70 18.31 18.30
N GLU A 194 4.49 19.38 17.53
CA GLU A 194 3.23 19.57 16.82
C GLU A 194 3.26 19.17 15.34
N VAL A 195 4.38 18.63 14.86
CA VAL A 195 4.47 18.25 13.46
C VAL A 195 3.62 17.00 13.22
N PRO A 196 2.75 17.01 12.20
CA PRO A 196 1.97 15.80 11.94
C PRO A 196 2.84 14.62 11.43
N LEU A 197 2.32 13.41 11.59
CA LEU A 197 3.02 12.19 11.22
C LEU A 197 2.54 11.64 9.89
N ILE A 198 3.47 11.30 9.01
CA ILE A 198 3.14 10.38 7.92
C ILE A 198 3.19 8.95 8.47
N GLU A 199 2.15 8.18 8.14
CA GLU A 199 2.02 6.80 8.60
C GLU A 199 1.83 5.88 7.41
N TYR A 200 2.64 4.83 7.35
CA TYR A 200 2.52 3.83 6.29
C TYR A 200 2.90 2.45 6.80
N SER A 201 2.45 1.42 6.08
CA SER A 201 2.74 0.04 6.43
C SER A 201 4.16 -0.36 6.04
N PHE A 202 4.75 -1.21 6.86
CA PHE A 202 5.98 -1.92 6.52
C PHE A 202 5.70 -3.40 6.80
N TYR A 203 5.91 -4.25 5.79
CA TYR A 203 5.48 -5.65 5.89
C TYR A 203 6.56 -6.58 6.42
N SER A 204 7.83 -6.18 6.23
CA SER A 204 8.97 -6.93 6.76
C SER A 204 9.06 -8.34 6.18
N ASP A 205 9.87 -9.20 6.81
CA ASP A 205 9.98 -10.59 6.41
C ASP A 205 8.63 -11.29 6.48
N GLU A 206 8.55 -12.39 5.76
CA GLU A 206 7.35 -13.20 5.64
C GLU A 206 6.85 -13.67 7.00
N SER A 207 7.79 -13.86 7.92
CA SER A 207 7.48 -14.35 9.26
C SER A 207 6.60 -13.41 10.09
N LEU A 208 6.62 -12.11 9.75
CA LEU A 208 5.86 -11.11 10.52
C LEU A 208 4.37 -11.31 10.27
N GLN A 209 3.63 -11.59 11.33
CA GLN A 209 2.18 -11.85 11.23
C GLN A 209 1.38 -10.60 10.92
N TYR A 210 1.64 -9.51 11.65
CA TYR A 210 0.97 -8.23 11.47
C TYR A 210 1.95 -7.19 10.95
N PRO A 211 1.59 -6.48 9.84
CA PRO A 211 2.46 -5.40 9.34
C PRO A 211 2.70 -4.32 10.42
N LYS A 212 3.85 -3.67 10.34
CA LYS A 212 4.17 -2.56 11.20
C LYS A 212 3.59 -1.29 10.62
N THR A 213 3.20 -0.35 11.47
CA THR A 213 2.92 0.99 11.01
C THR A 213 4.11 1.86 11.35
N VAL A 214 4.74 2.40 10.33
CA VAL A 214 5.84 3.33 10.49
C VAL A 214 5.23 4.72 10.58
N ARG A 215 5.77 5.56 11.45
CA ARG A 215 5.16 6.85 11.79
C ARG A 215 6.27 7.88 11.87
N VAL A 216 6.25 8.87 10.98
CA VAL A 216 7.37 9.82 10.90
C VAL A 216 6.89 11.28 10.96
N PRO A 217 7.46 12.07 11.90
CA PRO A 217 7.10 13.48 11.89
C PRO A 217 7.61 14.10 10.59
N TYR A 218 6.67 14.64 9.81
CA TYR A 218 6.90 15.07 8.43
C TYR A 218 5.89 16.16 8.12
N PRO A 219 6.36 17.42 8.02
CA PRO A 219 5.46 18.52 7.66
C PRO A 219 5.23 18.61 6.16
N LYS A 220 3.98 18.44 5.74
CA LYS A 220 3.62 18.63 4.35
C LYS A 220 3.43 20.13 4.12
N ALA A 221 3.22 20.53 2.87
CA ALA A 221 3.15 21.94 2.54
C ALA A 221 2.04 22.64 3.33
N GLY A 222 2.41 23.70 4.04
CA GLY A 222 1.47 24.51 4.81
C GLY A 222 1.20 24.02 6.22
N ALA A 223 1.81 22.90 6.61
CA ALA A 223 1.60 22.31 7.93
C ALA A 223 2.56 22.89 8.97
N VAL A 224 2.35 22.53 10.23
CA VAL A 224 3.19 22.97 11.33
C VAL A 224 4.61 22.41 11.18
N ASN A 225 5.59 23.32 11.17
CA ASN A 225 7.00 22.97 11.00
C ASN A 225 7.63 22.67 12.34
N PRO A 226 8.83 22.04 12.35
CA PRO A 226 9.58 21.94 13.60
C PRO A 226 10.15 23.31 13.98
N THR A 227 10.47 23.48 15.26
CA THR A 227 11.16 24.68 15.71
C THR A 227 12.62 24.35 16.02
N VAL A 228 13.47 25.36 15.99
CA VAL A 228 14.90 25.17 16.15
C VAL A 228 15.45 26.16 17.17
N LYS A 229 16.38 25.66 17.97
CA LYS A 229 17.17 26.45 18.91
C LYS A 229 18.65 26.12 18.70
N PHE A 230 19.51 27.10 18.95
CA PHE A 230 20.94 26.91 18.77
C PHE A 230 21.70 27.11 20.09
N PHE A 231 22.73 26.29 20.33
CA PHE A 231 23.49 26.30 21.58
C PHE A 231 24.97 26.08 21.35
N VAL A 232 25.81 26.80 22.09
CA VAL A 232 27.25 26.52 22.11
C VAL A 232 27.68 26.14 23.51
N VAL A 233 28.39 25.02 23.62
CA VAL A 233 28.96 24.54 24.89
C VAL A 233 30.49 24.60 24.85
N ASN A 234 31.09 25.00 25.97
CA ASN A 234 32.54 24.94 26.15
C ASN A 234 32.94 23.58 26.68
N THR A 235 33.78 22.90 25.90
CA THR A 235 34.21 21.52 26.15
C THR A 235 35.40 21.42 27.12
N ASP A 236 36.12 22.53 27.29
CA ASP A 236 37.24 22.59 28.20
C ASP A 236 36.82 22.80 29.66
N SER A 237 35.59 23.25 29.89
CA SER A 237 35.12 23.55 31.25
C SER A 237 34.08 22.55 31.80
N LEU A 238 34.21 21.29 31.38
CA LEU A 238 33.26 20.24 31.77
C LEU A 238 33.61 19.54 33.08
N SER A 239 32.57 19.29 33.88
CA SER A 239 32.72 18.67 35.20
C SER A 239 31.90 17.38 35.30
N SER A 240 32.46 16.38 35.98
CA SER A 240 31.74 15.13 36.23
C SER A 240 30.98 15.21 37.55
N VAL A 241 30.79 16.45 38.03
CA VAL A 241 30.08 16.72 39.28
C VAL A 241 28.86 17.59 38.99
N THR A 242 29.03 18.61 38.16
CA THR A 242 27.95 19.52 37.79
C THR A 242 27.48 19.26 36.34
N ASN A 243 26.20 19.52 36.08
CA ASN A 243 25.65 19.51 34.72
C ASN A 243 26.33 20.54 33.81
N ALA A 244 26.43 20.21 32.53
CA ALA A 244 27.02 21.10 31.52
C ALA A 244 26.16 22.33 31.29
N THR A 245 26.80 23.42 30.88
CA THR A 245 26.11 24.67 30.59
C THR A 245 26.12 25.00 29.10
N SER A 246 24.93 24.98 28.49
CA SER A 246 24.78 25.33 27.09
C SER A 246 24.35 26.79 26.95
N ILE A 247 25.05 27.54 26.11
CA ILE A 247 24.74 28.95 25.88
C ILE A 247 23.92 29.13 24.58
N GLN A 248 22.72 29.68 24.73
CA GLN A 248 21.83 29.83 23.60
C GLN A 248 22.15 31.07 22.77
N ILE A 249 22.32 30.86 21.47
CA ILE A 249 22.33 31.96 20.51
C ILE A 249 20.95 32.01 19.86
N THR A 250 20.24 33.12 20.08
CA THR A 250 18.88 33.25 19.55
C THR A 250 18.90 33.81 18.13
N ALA A 251 17.83 33.54 17.38
CA ALA A 251 17.72 34.01 16.00
C ALA A 251 17.48 35.52 16.01
N PRO A 252 17.81 36.21 14.90
CA PRO A 252 17.64 37.66 14.85
C PRO A 252 16.16 38.04 14.96
N ALA A 253 15.91 39.23 15.51
CA ALA A 253 14.55 39.78 15.62
C ALA A 253 13.71 39.67 14.34
N SER A 254 14.38 39.80 13.19
CA SER A 254 13.68 39.75 11.91
C SER A 254 13.29 38.32 11.48
N MET A 255 13.75 37.33 12.23
CA MET A 255 13.38 35.93 12.00
C MET A 255 12.34 35.48 13.03
N LEU A 256 12.52 35.95 14.25
CA LEU A 256 11.64 35.62 15.37
C LEU A 256 10.16 35.99 15.17
N ILE A 257 9.91 36.86 14.20
CA ILE A 257 8.56 37.35 13.89
C ILE A 257 7.59 36.23 13.48
N GLY A 258 7.98 35.43 12.49
CA GLY A 258 7.17 34.29 12.05
C GLY A 258 7.96 32.99 12.06
N ASP A 259 7.43 31.97 11.39
CA ASP A 259 8.14 30.72 11.16
C ASP A 259 9.45 30.98 10.41
N HIS A 260 10.49 30.24 10.77
CA HIS A 260 11.81 30.37 10.13
C HIS A 260 12.62 29.08 10.25
N TYR A 261 13.81 29.07 9.65
CA TYR A 261 14.75 27.93 9.70
C TYR A 261 16.18 28.37 10.01
N LEU A 262 16.97 27.45 10.56
CA LEU A 262 18.42 27.57 10.60
C LEU A 262 18.99 27.00 9.32
N CYS A 263 19.75 27.81 8.60
CA CYS A 263 20.23 27.48 7.25
C CYS A 263 21.62 26.92 7.22
N ASP A 264 22.54 27.63 7.87
CA ASP A 264 23.96 27.38 7.70
C ASP A 264 24.65 27.65 9.00
N VAL A 265 25.67 26.85 9.29
CA VAL A 265 26.52 27.05 10.44
C VAL A 265 27.95 26.90 9.94
N THR A 266 28.73 27.96 10.13
CA THR A 266 30.13 27.98 9.72
C THR A 266 30.96 28.74 10.73
N TRP A 267 31.76 28.02 11.49
CA TRP A 267 32.76 28.66 12.36
C TRP A 267 33.71 29.54 11.55
N ALA A 268 33.93 30.78 12.02
CA ALA A 268 34.89 31.68 11.41
C ALA A 268 36.28 31.48 12.01
N THR A 269 36.36 31.57 13.34
CA THR A 269 37.62 31.43 14.08
C THR A 269 37.40 30.54 15.31
N GLN A 270 38.40 30.49 16.19
CA GLN A 270 38.31 29.80 17.48
C GLN A 270 37.23 30.41 18.39
N GLU A 271 36.84 31.66 18.11
CA GLU A 271 35.89 32.39 18.96
C GLU A 271 34.82 33.15 18.16
N ARG A 272 34.65 32.80 16.88
CA ARG A 272 33.60 33.42 16.08
C ARG A 272 32.80 32.41 15.23
N ILE A 273 31.48 32.44 15.36
CA ILE A 273 30.58 31.59 14.56
C ILE A 273 29.69 32.43 13.69
N SER A 274 29.41 31.90 12.52
CA SER A 274 28.52 32.49 11.56
C SER A 274 27.26 31.63 11.47
N LEU A 275 26.10 32.29 11.45
CA LEU A 275 24.83 31.59 11.37
C LEU A 275 23.96 32.21 10.29
N GLN A 276 23.35 31.38 9.45
CA GLN A 276 22.34 31.88 8.51
C GLN A 276 20.95 31.37 8.84
N TRP A 277 19.97 32.26 8.69
CA TRP A 277 18.57 31.94 8.98
C TRP A 277 17.74 32.34 7.80
N LEU A 278 16.59 31.70 7.67
CA LEU A 278 15.74 31.85 6.52
C LEU A 278 14.31 31.89 7.03
N ARG A 279 13.52 32.82 6.53
CA ARG A 279 12.10 32.86 6.82
C ARG A 279 11.41 31.69 6.13
N ARG A 280 10.30 31.21 6.69
CA ARG A 280 9.50 30.18 6.04
C ARG A 280 9.13 30.61 4.62
N ILE A 281 8.90 31.90 4.44
CA ILE A 281 8.84 32.47 3.08
C ILE A 281 10.29 32.76 2.66
N GLN A 282 10.83 31.87 1.82
CA GLN A 282 12.27 31.71 1.65
C GLN A 282 12.88 32.61 0.56
N ASN A 283 12.47 33.88 0.54
CA ASN A 283 13.08 34.90 -0.32
C ASN A 283 13.81 35.98 0.49
N TYR A 284 14.02 35.69 1.78
CA TYR A 284 14.67 36.60 2.73
C TYR A 284 15.49 35.79 3.75
N SER A 285 16.78 36.09 3.83
CA SER A 285 17.67 35.44 4.79
C SER A 285 18.65 36.39 5.47
N VAL A 286 19.10 36.01 6.66
CA VAL A 286 19.94 36.86 7.50
C VAL A 286 21.15 36.07 8.03
N MET A 287 22.33 36.64 7.82
CA MET A 287 23.56 36.11 8.38
C MET A 287 23.95 36.87 9.65
N ASP A 288 24.12 36.11 10.73
CA ASP A 288 24.53 36.65 12.02
C ASP A 288 25.98 36.28 12.28
N ILE A 289 26.75 37.23 12.79
CA ILE A 289 28.12 36.96 13.20
C ILE A 289 28.28 37.13 14.71
N CYS A 290 28.56 36.00 15.37
CA CYS A 290 28.52 35.89 16.82
C CYS A 290 29.91 35.68 17.39
N ASP A 291 30.26 36.48 18.40
CA ASP A 291 31.56 36.39 19.06
C ASP A 291 31.48 35.95 20.52
N TYR A 292 32.50 35.20 20.95
CA TYR A 292 32.61 34.76 22.34
C TYR A 292 33.12 35.87 23.26
N ASP A 293 32.45 36.04 24.40
CA ASP A 293 32.83 37.02 25.42
C ASP A 293 33.59 36.33 26.54
N GLU A 294 34.91 36.44 26.50
CA GLU A 294 35.79 35.80 27.47
C GLU A 294 35.42 36.12 28.92
N SER A 295 34.98 37.37 29.15
CA SER A 295 34.68 37.84 30.51
C SER A 295 33.37 37.27 31.09
N SER A 296 32.29 37.31 30.31
CA SER A 296 30.99 36.80 30.77
C SER A 296 30.72 35.32 30.45
N GLY A 297 31.44 34.75 29.49
CA GLY A 297 31.22 33.37 29.05
C GLY A 297 30.09 33.22 28.04
N ARG A 298 29.72 34.34 27.41
CA ARG A 298 28.55 34.39 26.55
C ARG A 298 28.94 34.55 25.07
N TRP A 299 27.93 34.66 24.20
CA TRP A 299 28.12 34.91 22.77
C TRP A 299 27.20 36.03 22.36
N ASN A 300 27.75 37.04 21.68
CA ASN A 300 26.96 38.17 21.22
C ASN A 300 27.03 38.33 19.71
N CYS A 301 25.88 38.57 19.09
CA CYS A 301 25.81 38.79 17.65
C CYS A 301 25.30 40.20 17.39
N LEU A 302 26.24 41.09 17.08
CA LEU A 302 25.92 42.49 16.79
C LEU A 302 25.25 42.68 15.43
N VAL A 303 24.20 43.49 15.42
CA VAL A 303 23.45 43.83 14.20
C VAL A 303 24.29 44.52 13.14
N ALA A 304 25.39 45.15 13.57
CA ALA A 304 26.31 45.82 12.66
C ALA A 304 26.92 44.86 11.65
N ARG A 305 27.12 43.60 12.06
CA ARG A 305 27.66 42.60 11.14
C ARG A 305 26.63 41.65 10.49
N GLN A 306 25.34 41.87 10.78
CA GLN A 306 24.26 41.17 10.09
C GLN A 306 24.21 41.52 8.61
N HIS A 307 24.08 40.50 7.77
CA HIS A 307 23.88 40.70 6.33
C HIS A 307 22.55 40.13 5.86
N ILE A 308 21.92 40.84 4.93
CA ILE A 308 20.68 40.38 4.34
C ILE A 308 20.93 39.87 2.92
N GLU A 309 20.41 38.67 2.65
CA GLU A 309 20.33 38.12 1.31
C GLU A 309 18.85 37.92 0.99
N MET A 310 18.36 38.68 0.01
CA MET A 310 16.97 38.55 -0.39
C MET A 310 16.85 38.36 -1.90
N SER A 311 15.68 37.95 -2.36
CA SER A 311 15.47 37.80 -3.80
C SER A 311 14.13 38.35 -4.21
N THR A 312 14.15 39.15 -5.28
CA THR A 312 12.95 39.75 -5.87
C THR A 312 12.26 38.78 -6.84
N THR A 313 13.07 38.01 -7.57
CA THR A 313 12.56 37.18 -8.66
C THR A 313 12.22 35.73 -8.25
N GLY A 314 12.70 35.29 -7.09
CA GLY A 314 12.53 33.90 -6.70
C GLY A 314 12.85 33.63 -5.25
N TRP A 315 13.58 32.55 -5.02
CA TRP A 315 13.99 32.17 -3.68
C TRP A 315 15.46 32.52 -3.49
N VAL A 316 16.00 32.27 -2.28
CA VAL A 316 17.41 32.58 -2.00
C VAL A 316 18.29 31.33 -2.07
N GLY A 317 19.38 31.42 -2.85
CA GLY A 317 20.30 30.29 -3.04
C GLY A 317 19.78 29.35 -4.11
N ARG A 318 20.53 28.29 -4.37
CA ARG A 318 20.12 27.27 -5.34
C ARG A 318 19.10 26.35 -4.69
N PHE A 319 19.48 25.77 -3.55
CA PHE A 319 18.57 24.99 -2.71
C PHE A 319 18.47 25.60 -1.32
N ARG A 320 19.44 26.45 -0.97
CA ARG A 320 19.53 27.14 0.32
C ARG A 320 20.56 28.24 0.14
N PRO A 321 20.54 29.25 1.03
CA PRO A 321 21.60 30.26 1.02
C PRO A 321 22.98 29.62 1.07
N SER A 322 23.90 30.14 0.26
CA SER A 322 25.26 29.61 0.17
C SER A 322 26.08 29.81 1.44
N GLU A 323 27.02 28.90 1.63
CA GLU A 323 27.96 28.91 2.75
C GLU A 323 29.09 29.94 2.56
N PRO A 324 29.48 30.61 3.66
CA PRO A 324 30.59 31.55 3.62
C PRO A 324 31.95 30.87 3.69
N HIS A 325 32.93 31.44 3.01
CA HIS A 325 34.30 31.00 3.17
C HIS A 325 35.11 32.15 3.74
N PHE A 326 35.51 32.00 5.00
CA PHE A 326 36.20 33.02 5.74
C PHE A 326 37.70 33.04 5.50
N THR A 327 38.27 34.25 5.53
CA THR A 327 39.72 34.36 5.58
C THR A 327 40.17 33.95 6.99
N LEU A 328 41.41 33.49 7.12
CA LEU A 328 41.93 32.91 8.36
C LEU A 328 41.66 33.79 9.59
N ASP A 329 41.81 35.10 9.42
CA ASP A 329 41.65 36.08 10.51
C ASP A 329 40.17 36.31 10.89
N GLY A 330 39.27 35.84 10.04
CA GLY A 330 37.85 35.83 10.39
C GLY A 330 37.14 37.15 10.23
N ASN A 331 37.84 38.15 9.71
CA ASN A 331 37.28 39.50 9.57
C ASN A 331 36.57 39.74 8.24
N SER A 332 36.68 38.76 7.33
CA SER A 332 36.06 38.86 6.01
C SER A 332 35.79 37.48 5.44
N PHE A 333 34.90 37.41 4.45
CA PHE A 333 34.52 36.15 3.84
C PHE A 333 34.10 36.28 2.38
N TYR A 334 34.02 35.15 1.70
CA TYR A 334 33.59 35.08 0.30
C TYR A 334 32.35 34.20 0.21
N LYS A 335 31.46 34.53 -0.71
CA LYS A 335 30.16 33.88 -0.77
C LYS A 335 29.57 33.96 -2.18
N ILE A 336 28.99 32.87 -2.66
CA ILE A 336 28.33 32.90 -3.97
C ILE A 336 26.95 33.55 -3.81
N ILE A 337 26.70 34.57 -4.64
CA ILE A 337 25.51 35.41 -4.58
C ILE A 337 25.09 35.67 -6.02
N SER A 338 23.78 35.78 -6.24
CA SER A 338 23.25 36.15 -7.54
C SER A 338 23.50 37.65 -7.75
N ASN A 339 24.14 38.00 -8.87
CA ASN A 339 24.43 39.41 -9.13
C ASN A 339 23.26 40.20 -9.71
N GLU A 340 23.52 41.43 -10.14
CA GLU A 340 22.49 42.33 -10.66
C GLU A 340 21.82 41.75 -11.90
N GLU A 341 22.56 40.99 -12.70
CA GLU A 341 22.01 40.37 -13.91
C GLU A 341 21.49 38.95 -13.69
N GLY A 342 21.52 38.49 -12.44
CA GLY A 342 20.95 37.19 -12.10
C GLY A 342 21.87 36.00 -12.29
N TYR A 343 23.16 36.25 -12.45
CA TYR A 343 24.17 35.20 -12.48
C TYR A 343 24.89 35.11 -11.14
N ARG A 344 25.18 33.88 -10.73
CA ARG A 344 25.78 33.59 -9.44
C ARG A 344 27.29 33.66 -9.46
N HIS A 345 27.81 34.62 -8.70
CA HIS A 345 29.24 34.91 -8.66
C HIS A 345 29.69 35.16 -7.23
N ILE A 346 31.00 35.10 -7.05
CA ILE A 346 31.64 35.28 -5.74
C ILE A 346 31.65 36.76 -5.33
N CYS A 347 31.06 37.03 -4.16
CA CYS A 347 31.11 38.35 -3.55
C CYS A 347 32.11 38.31 -2.40
N TYR A 348 32.78 39.45 -2.17
CA TYR A 348 33.72 39.59 -1.07
C TYR A 348 33.08 40.49 -0.04
N PHE A 349 33.02 40.00 1.19
CA PHE A 349 32.34 40.68 2.30
C PHE A 349 33.36 41.01 3.37
N GLN A 350 33.37 42.26 3.81
CA GLN A 350 34.12 42.65 5.02
C GLN A 350 33.13 42.83 6.16
N ILE A 351 33.50 42.38 7.34
CA ILE A 351 32.50 42.09 8.37
C ILE A 351 31.67 43.25 8.98
N ASP A 352 32.29 44.39 9.23
CA ASP A 352 31.52 45.53 9.74
C ASP A 352 31.14 46.53 8.63
N LYS A 353 31.38 46.15 7.38
CA LYS A 353 31.18 47.06 6.25
C LYS A 353 29.94 46.70 5.42
N LYS A 354 29.26 47.74 4.91
CA LYS A 354 28.11 47.57 4.02
C LYS A 354 28.53 46.99 2.67
N ASP A 355 27.57 46.45 1.94
CA ASP A 355 27.74 45.90 0.58
C ASP A 355 28.72 44.72 0.53
N CYS A 356 29.11 44.35 -0.70
CA CYS A 356 30.18 43.40 -0.94
C CYS A 356 30.72 43.65 -2.33
N THR A 357 31.86 43.05 -2.62
CA THR A 357 32.49 43.28 -3.91
C THR A 357 32.47 41.99 -4.73
N PHE A 358 31.80 42.04 -5.87
CA PHE A 358 31.85 40.93 -6.82
C PHE A 358 33.27 40.79 -7.37
N ILE A 359 33.89 39.64 -7.16
CA ILE A 359 35.23 39.39 -7.70
C ILE A 359 35.22 38.64 -9.03
N THR A 360 34.07 38.04 -9.35
CA THR A 360 33.85 37.39 -10.64
C THR A 360 32.58 37.95 -11.26
N LYS A 361 32.51 37.92 -12.58
CA LYS A 361 31.30 38.33 -13.33
C LYS A 361 31.25 37.63 -14.69
N GLY A 362 30.14 37.77 -15.38
CA GLY A 362 29.98 37.17 -16.71
C GLY A 362 28.70 36.38 -16.80
N THR A 363 28.38 35.95 -18.02
CA THR A 363 27.16 35.21 -18.33
C THR A 363 27.40 33.72 -18.15
N TRP A 364 27.74 33.36 -16.92
CA TRP A 364 28.03 32.00 -16.50
C TRP A 364 28.02 32.01 -14.97
N GLU A 365 28.23 30.85 -14.34
CA GLU A 365 28.06 30.76 -12.88
C GLU A 365 29.21 30.04 -12.19
N VAL A 366 29.60 30.57 -11.03
CA VAL A 366 30.48 29.86 -10.12
C VAL A 366 29.66 28.77 -9.46
N ILE A 367 30.15 27.52 -9.52
CA ILE A 367 29.49 26.38 -8.89
C ILE A 367 29.82 26.31 -7.41
N GLY A 368 31.08 26.51 -7.08
CA GLY A 368 31.52 26.43 -5.69
C GLY A 368 32.86 27.11 -5.48
N ILE A 369 33.08 27.56 -4.25
CA ILE A 369 34.40 27.97 -3.80
C ILE A 369 35.01 26.72 -3.15
N GLU A 370 36.25 26.41 -3.53
CA GLU A 370 36.86 25.14 -3.11
C GLU A 370 38.03 25.29 -2.15
N ALA A 371 38.68 26.45 -2.16
CA ALA A 371 39.83 26.72 -1.28
C ALA A 371 40.24 28.19 -1.29
N LEU A 372 40.70 28.66 -0.14
CA LEU A 372 41.07 30.04 0.09
C LEU A 372 42.44 30.07 0.74
N THR A 373 43.37 30.81 0.14
CA THR A 373 44.68 31.05 0.74
C THR A 373 44.84 32.56 0.88
N SER A 374 45.98 32.98 1.43
CA SER A 374 46.29 34.40 1.56
C SER A 374 46.46 35.08 0.20
N ASP A 375 46.94 34.34 -0.80
CA ASP A 375 47.20 34.87 -2.15
C ASP A 375 46.13 34.53 -3.18
N TYR A 376 45.40 33.44 -2.98
CA TYR A 376 44.48 32.93 -4.01
C TYR A 376 43.15 32.37 -3.49
N LEU A 377 42.12 32.60 -4.29
CA LEU A 377 40.83 31.91 -4.13
C LEU A 377 40.63 30.88 -5.27
N TYR A 378 40.24 29.67 -4.88
CA TYR A 378 39.97 28.59 -5.85
C TYR A 378 38.48 28.29 -5.93
N TYR A 379 37.98 28.29 -7.15
CA TYR A 379 36.56 27.99 -7.37
C TYR A 379 36.33 27.15 -8.63
N ILE A 380 35.14 26.58 -8.71
CA ILE A 380 34.71 25.84 -9.89
C ILE A 380 33.59 26.58 -10.61
N SER A 381 33.73 26.75 -11.92
CA SER A 381 32.70 27.37 -12.74
C SER A 381 32.43 26.62 -14.05
N ASN A 382 31.35 27.00 -14.73
CA ASN A 382 31.04 26.52 -16.08
C ASN A 382 31.35 27.57 -17.15
N GLU A 383 32.34 28.43 -16.86
CA GLU A 383 32.70 29.51 -17.80
C GLU A 383 33.23 28.97 -19.14
N TYR A 384 34.04 27.92 -19.06
CA TYR A 384 34.81 27.47 -20.20
C TYR A 384 33.95 27.08 -21.41
N LYS A 385 34.28 27.68 -22.55
CA LYS A 385 33.60 27.44 -23.83
C LYS A 385 32.10 27.71 -23.76
N GLY A 386 31.70 28.56 -22.81
CA GLY A 386 30.28 28.88 -22.60
C GLY A 386 29.36 27.67 -22.48
N MET A 387 29.89 26.55 -21.94
CA MET A 387 29.14 25.29 -21.73
C MET A 387 28.67 25.11 -20.26
N PRO A 388 27.37 25.30 -20.00
CA PRO A 388 26.79 25.14 -18.65
C PRO A 388 26.94 23.74 -18.04
N GLY A 389 27.16 22.74 -18.89
CA GLY A 389 27.33 21.35 -18.45
C GLY A 389 28.78 20.92 -18.34
N GLY A 390 29.69 21.88 -18.42
CA GLY A 390 31.12 21.64 -18.18
C GLY A 390 31.52 22.26 -16.87
N ARG A 391 32.60 21.76 -16.27
CA ARG A 391 33.07 22.20 -14.96
C ARG A 391 34.60 22.25 -14.87
N ASN A 392 35.15 23.41 -14.53
CA ASN A 392 36.61 23.59 -14.45
C ASN A 392 37.07 24.34 -13.20
N LEU A 393 38.24 23.98 -12.70
CA LEU A 393 38.90 24.68 -11.61
C LEU A 393 39.54 25.97 -12.10
N TYR A 394 39.35 27.04 -11.33
CA TYR A 394 39.96 28.36 -11.59
C TYR A 394 40.69 28.87 -10.36
N LYS A 395 41.49 29.91 -10.57
CA LYS A 395 42.37 30.47 -9.57
C LYS A 395 42.35 31.99 -9.75
N ILE A 396 42.12 32.72 -8.66
CA ILE A 396 42.13 34.21 -8.67
C ILE A 396 43.24 34.74 -7.78
N GLN A 397 44.05 35.64 -8.33
CA GLN A 397 45.07 36.34 -7.56
C GLN A 397 44.32 37.44 -6.80
N LEU A 398 44.31 37.36 -5.47
CA LEU A 398 43.48 38.27 -4.66
C LEU A 398 43.92 39.74 -4.70
N SER A 399 45.19 39.98 -5.06
CA SER A 399 45.66 41.37 -5.23
C SER A 399 45.14 42.03 -6.52
N ASP A 400 44.62 41.22 -7.44
CA ASP A 400 44.10 41.70 -8.73
C ASP A 400 43.09 40.70 -9.29
N TYR A 401 41.82 40.96 -9.00
CA TYR A 401 40.73 40.05 -9.39
C TYR A 401 40.68 39.66 -10.87
N THR A 402 41.12 40.56 -11.75
CA THR A 402 41.05 40.31 -13.18
C THR A 402 42.05 39.25 -13.66
N LYS A 403 42.89 38.77 -12.75
CA LYS A 403 43.92 37.78 -13.08
C LYS A 403 43.51 36.38 -12.69
N VAL A 404 42.79 35.73 -13.60
CA VAL A 404 42.24 34.39 -13.39
C VAL A 404 42.94 33.35 -14.27
N THR A 405 43.46 32.30 -13.65
CA THR A 405 44.02 31.17 -14.37
C THR A 405 43.03 30.01 -14.38
N CYS A 406 42.78 29.41 -15.53
CA CYS A 406 42.10 28.11 -15.53
C CYS A 406 43.14 27.02 -15.30
N LEU A 407 42.92 26.21 -14.27
CA LEU A 407 43.91 25.21 -13.84
C LEU A 407 43.71 23.82 -14.48
N SER A 408 42.52 23.58 -15.03
CA SER A 408 42.16 22.25 -15.49
C SER A 408 41.73 22.22 -16.96
N CYS A 409 41.29 23.37 -17.47
CA CYS A 409 40.79 23.52 -18.85
C CYS A 409 41.60 22.74 -19.88
N GLU A 410 42.86 23.08 -20.01
CA GLU A 410 43.70 22.57 -21.08
C GLU A 410 44.47 21.28 -20.74
N LEU A 411 44.24 20.74 -19.54
CA LEU A 411 44.94 19.53 -19.06
C LEU A 411 44.74 18.28 -19.94
N ASN A 412 43.51 18.08 -20.42
CA ASN A 412 43.18 17.01 -21.35
C ASN A 412 41.79 17.28 -21.94
N PRO A 413 41.68 18.28 -22.81
CA PRO A 413 40.40 18.90 -23.18
C PRO A 413 39.40 18.01 -23.92
N GLU A 414 39.87 17.02 -24.67
CA GLU A 414 38.95 16.15 -25.40
C GLU A 414 38.32 15.10 -24.48
N ARG A 415 39.10 14.62 -23.50
CA ARG A 415 38.65 13.63 -22.52
C ARG A 415 38.01 14.23 -21.25
N CYS A 416 38.41 15.45 -20.88
CA CYS A 416 38.10 16.01 -19.57
C CYS A 416 37.48 17.40 -19.58
N GLN A 417 36.20 17.47 -19.27
CA GLN A 417 35.48 18.74 -19.32
C GLN A 417 34.68 19.00 -18.06
N TYR A 418 34.68 18.04 -17.14
CA TYR A 418 33.88 18.14 -15.93
C TYR A 418 34.74 17.76 -14.75
N TYR A 419 35.10 18.74 -13.92
CA TYR A 419 36.02 18.50 -12.81
C TYR A 419 35.41 18.74 -11.42
N SER A 420 35.94 17.99 -10.45
CA SER A 420 35.84 18.34 -9.05
C SER A 420 37.22 18.25 -8.42
N VAL A 421 37.34 18.78 -7.20
CA VAL A 421 38.64 18.92 -6.59
C VAL A 421 38.57 18.65 -5.11
N SER A 422 39.67 18.15 -4.57
CA SER A 422 39.86 17.99 -3.15
C SER A 422 41.25 18.54 -2.76
N PHE A 423 41.25 19.65 -2.03
CA PHE A 423 42.49 20.27 -1.56
C PHE A 423 42.90 19.71 -0.20
N SER A 424 44.21 19.59 0.04
CA SER A 424 44.75 19.31 1.37
C SER A 424 44.52 20.51 2.31
N LYS A 425 44.67 20.29 3.62
CA LYS A 425 44.64 21.39 4.60
C LYS A 425 45.65 22.45 4.16
N GLU A 426 45.33 23.72 4.33
CA GLU A 426 46.19 24.81 3.85
C GLU A 426 46.42 24.79 2.33
N ALA A 427 45.84 23.79 1.66
CA ALA A 427 45.79 23.74 0.19
C ALA A 427 47.14 23.71 -0.54
N LYS A 428 48.18 23.14 0.08
CA LYS A 428 49.48 22.95 -0.62
C LYS A 428 49.32 22.05 -1.85
N TYR A 429 48.37 21.10 -1.79
CA TYR A 429 48.15 20.14 -2.90
C TYR A 429 46.67 20.00 -3.24
N TYR A 430 46.38 19.58 -4.47
CA TYR A 430 45.01 19.22 -4.84
C TYR A 430 44.89 17.96 -5.70
N GLN A 431 43.85 17.18 -5.42
CA GLN A 431 43.44 16.07 -6.27
C GLN A 431 42.42 16.59 -7.26
N LEU A 432 42.73 16.50 -8.56
CA LEU A 432 41.70 16.77 -9.57
C LEU A 432 41.05 15.45 -9.97
N ARG A 433 39.72 15.47 -10.06
CA ARG A 433 39.01 14.36 -10.68
C ARG A 433 38.07 14.80 -11.78
N CYS A 434 38.31 14.27 -12.97
CA CYS A 434 37.47 14.56 -14.12
C CYS A 434 36.53 13.37 -14.31
N SER A 435 35.31 13.66 -14.74
CA SER A 435 34.22 12.68 -14.84
C SER A 435 33.75 12.44 -16.28
N GLY A 436 34.31 13.18 -17.23
CA GLY A 436 33.85 13.11 -18.61
C GLY A 436 34.32 14.26 -19.47
N PRO A 437 34.03 14.22 -20.79
CA PRO A 437 33.19 13.23 -21.50
C PRO A 437 33.79 11.82 -21.54
N GLY A 438 35.12 11.72 -21.46
CA GLY A 438 35.83 10.44 -21.47
C GLY A 438 35.81 9.74 -20.13
N LEU A 439 36.58 8.66 -20.02
CA LEU A 439 36.69 7.91 -18.77
C LEU A 439 37.28 8.76 -17.63
N PRO A 440 36.76 8.58 -16.40
CA PRO A 440 37.24 9.34 -15.23
C PRO A 440 38.74 9.24 -15.05
N LEU A 441 39.34 10.35 -14.64
CA LEU A 441 40.77 10.47 -14.49
C LEU A 441 41.11 11.23 -13.21
N TYR A 442 41.93 10.62 -12.37
CA TYR A 442 42.30 11.13 -11.07
C TYR A 442 43.77 11.54 -11.05
N THR A 443 44.06 12.79 -10.71
CA THR A 443 45.44 13.32 -10.76
C THR A 443 45.77 14.14 -9.51
N LEU A 444 47.06 14.19 -9.15
CA LEU A 444 47.55 15.02 -8.02
C LEU A 444 48.41 16.17 -8.54
N HIS A 445 48.21 17.35 -7.96
CA HIS A 445 48.92 18.59 -8.34
C HIS A 445 49.43 19.32 -7.10
N SER A 446 50.46 20.15 -7.27
CA SER A 446 50.91 21.03 -6.18
C SER A 446 50.58 22.49 -6.48
N SER A 447 50.14 23.21 -5.45
CA SER A 447 49.61 24.53 -5.64
C SER A 447 50.65 25.61 -5.92
N VAL A 448 51.89 25.37 -5.51
CA VAL A 448 52.99 26.31 -5.76
C VAL A 448 53.03 26.79 -7.23
N ASN A 449 53.28 25.87 -8.16
CA ASN A 449 53.40 26.26 -9.56
C ASN A 449 52.32 25.60 -10.42
N ASP A 450 51.34 24.99 -9.74
CA ASP A 450 50.26 24.24 -10.37
C ASP A 450 50.80 23.10 -11.25
N LYS A 451 51.85 22.45 -10.75
CA LYS A 451 52.51 21.37 -11.48
C LYS A 451 51.78 20.06 -11.23
N GLY A 452 51.54 19.31 -12.32
CA GLY A 452 51.03 17.94 -12.22
C GLY A 452 52.11 17.09 -11.61
N LEU A 453 51.76 16.27 -10.62
CA LEU A 453 52.75 15.47 -9.93
C LEU A 453 52.75 14.05 -10.43
N ARG A 454 51.55 13.51 -10.64
CA ARG A 454 51.29 12.08 -10.53
C ARG A 454 49.89 11.83 -11.05
N VAL A 455 49.73 10.76 -11.84
CA VAL A 455 48.41 10.23 -12.18
C VAL A 455 48.02 9.22 -11.10
N LEU A 456 46.78 9.27 -10.64
CA LEU A 456 46.34 8.40 -9.54
C LEU A 456 45.55 7.17 -10.01
N GLU A 457 44.59 7.41 -10.90
CA GLU A 457 43.78 6.36 -11.49
C GLU A 457 43.38 6.86 -12.87
N ASP A 458 43.71 6.10 -13.91
CA ASP A 458 43.37 6.53 -15.26
C ASP A 458 42.36 5.65 -15.98
N ASN A 459 41.76 4.71 -15.24
CA ASN A 459 40.77 3.75 -15.79
C ASN A 459 41.19 3.07 -17.11
N SER A 460 42.47 2.71 -17.22
CA SER A 460 42.97 2.07 -18.44
C SER A 460 42.45 0.64 -18.54
N ALA A 461 42.26 -0.01 -17.40
CA ALA A 461 41.61 -1.31 -17.33
C ALA A 461 40.21 -1.31 -17.96
N LEU A 462 39.43 -0.28 -17.66
CA LEU A 462 38.07 -0.15 -18.19
C LEU A 462 38.09 0.22 -19.67
N ASP A 463 39.07 1.03 -20.06
CA ASP A 463 39.20 1.49 -21.44
C ASP A 463 39.36 0.31 -22.41
N LYS A 464 40.25 -0.63 -22.06
CA LYS A 464 40.49 -1.81 -22.90
C LYS A 464 39.21 -2.66 -23.05
N MET A 465 38.53 -2.94 -21.95
CA MET A 465 37.26 -3.69 -21.97
C MET A 465 36.23 -3.06 -22.91
N LEU A 466 36.00 -1.76 -22.76
CA LEU A 466 35.01 -1.02 -23.54
C LEU A 466 35.38 -0.90 -25.01
N GLN A 467 36.67 -1.01 -25.31
CA GLN A 467 37.14 -1.11 -26.68
C GLN A 467 36.53 -2.31 -27.42
N ASN A 468 36.17 -3.34 -26.65
CA ASN A 468 35.63 -4.60 -27.18
C ASN A 468 34.09 -4.67 -27.05
N VAL A 469 33.46 -3.49 -26.90
CA VAL A 469 32.01 -3.39 -26.78
C VAL A 469 31.49 -2.31 -27.73
N GLN A 470 30.34 -2.57 -28.35
CA GLN A 470 29.70 -1.59 -29.21
C GLN A 470 29.06 -0.47 -28.36
N MET A 471 29.90 0.51 -28.02
CA MET A 471 29.48 1.58 -27.12
C MET A 471 28.73 2.69 -27.86
N PRO A 472 27.69 3.25 -27.20
CA PRO A 472 27.01 4.37 -27.83
C PRO A 472 27.85 5.64 -27.69
N SER A 473 27.49 6.69 -28.40
CA SER A 473 28.15 7.98 -28.28
C SER A 473 27.19 9.00 -27.64
N LYS A 474 27.75 10.11 -27.18
CA LYS A 474 26.97 11.17 -26.56
C LYS A 474 27.09 12.49 -27.33
N LYS A 475 25.97 13.03 -27.76
CA LYS A 475 25.92 14.37 -28.34
C LYS A 475 25.42 15.40 -27.31
N LEU A 476 26.20 16.46 -27.11
CA LEU A 476 25.85 17.59 -26.24
C LEU A 476 25.80 18.85 -27.10
N ASP A 477 24.60 19.42 -27.26
CA ASP A 477 24.39 20.60 -28.08
C ASP A 477 23.30 21.42 -27.44
N PHE A 478 22.86 22.46 -28.13
CA PHE A 478 21.76 23.30 -27.68
C PHE A 478 20.77 23.55 -28.82
N ILE A 479 19.59 24.03 -28.46
CA ILE A 479 18.64 24.58 -29.41
C ILE A 479 18.19 25.97 -28.96
N ILE A 480 17.71 26.79 -29.90
CA ILE A 480 17.19 28.12 -29.60
C ILE A 480 15.67 28.07 -29.52
N LEU A 481 15.10 28.78 -28.56
CA LEU A 481 13.64 28.82 -28.45
C LEU A 481 13.04 30.20 -28.69
N ASN A 482 13.17 31.11 -27.72
CA ASN A 482 12.72 32.47 -27.99
C ASN A 482 13.86 33.30 -28.52
N GLU A 483 14.87 33.51 -27.68
CA GLU A 483 16.15 34.06 -28.14
C GLU A 483 17.22 33.51 -27.20
N THR A 484 16.88 32.39 -26.58
CA THR A 484 17.66 31.78 -25.51
C THR A 484 18.17 30.39 -25.92
N LYS A 485 19.39 30.08 -25.49
CA LYS A 485 19.96 28.75 -25.67
C LYS A 485 19.45 27.82 -24.59
N PHE A 486 18.90 26.68 -25.02
CA PHE A 486 18.57 25.59 -24.12
C PHE A 486 19.30 24.31 -24.52
N TRP A 487 20.03 23.75 -23.59
CA TRP A 487 20.91 22.64 -23.86
C TRP A 487 20.20 21.29 -23.76
N TYR A 488 20.67 20.35 -24.58
CA TYR A 488 20.16 18.99 -24.55
C TYR A 488 21.31 18.01 -24.74
N GLN A 489 21.04 16.74 -24.51
CA GLN A 489 22.01 15.71 -24.81
C GLN A 489 21.30 14.51 -25.41
N MET A 490 22.00 13.76 -26.26
CA MET A 490 21.48 12.53 -26.81
C MET A 490 22.49 11.41 -26.64
N ILE A 491 22.07 10.30 -26.07
CA ILE A 491 22.89 9.10 -26.15
C ILE A 491 22.44 8.41 -27.45
N LEU A 492 23.40 8.19 -28.35
CA LEU A 492 23.11 7.71 -29.69
C LEU A 492 23.67 6.30 -29.86
N PRO A 493 22.89 5.41 -30.49
CA PRO A 493 23.30 4.02 -30.73
C PRO A 493 24.64 3.88 -31.48
N PRO A 494 25.33 2.74 -31.29
CA PRO A 494 26.59 2.53 -32.00
C PRO A 494 26.30 2.36 -33.49
N HIS A 495 27.19 2.90 -34.33
CA HIS A 495 26.99 2.93 -35.80
C HIS A 495 25.82 3.77 -36.24
N PHE A 496 25.56 4.84 -35.49
CA PHE A 496 24.50 5.80 -35.77
C PHE A 496 24.51 6.27 -37.22
N ASP A 497 23.32 6.42 -37.80
CA ASP A 497 23.15 6.73 -39.22
C ASP A 497 21.97 7.70 -39.39
N LYS A 498 22.29 8.98 -39.59
CA LYS A 498 21.27 10.03 -39.65
C LYS A 498 20.20 9.91 -40.75
N SER A 499 20.41 8.99 -41.70
CA SER A 499 19.41 8.74 -42.75
C SER A 499 18.34 7.73 -42.28
N LYS A 500 18.68 6.96 -41.24
CA LYS A 500 17.73 6.06 -40.59
C LYS A 500 16.91 6.78 -39.53
N LYS A 501 15.74 6.24 -39.18
CA LYS A 501 14.91 6.83 -38.13
C LYS A 501 14.81 5.97 -36.88
N TYR A 502 15.09 6.59 -35.74
CA TYR A 502 15.21 5.88 -34.47
C TYR A 502 14.07 6.20 -33.52
N PRO A 503 13.63 5.20 -32.74
CA PRO A 503 12.80 5.49 -31.58
C PRO A 503 13.54 6.38 -30.59
N LEU A 504 12.82 7.25 -29.91
CA LEU A 504 13.45 8.18 -28.99
C LEU A 504 12.77 8.14 -27.61
N LEU A 505 13.59 7.95 -26.59
CA LEU A 505 13.18 8.00 -25.20
C LEU A 505 13.70 9.31 -24.60
N LEU A 506 12.77 10.16 -24.16
CA LEU A 506 13.11 11.33 -23.38
C LEU A 506 13.29 10.95 -21.89
N ASP A 507 14.49 11.20 -21.37
CA ASP A 507 14.88 10.96 -19.99
C ASP A 507 14.74 12.29 -19.22
N VAL A 508 13.79 12.35 -18.28
CA VAL A 508 13.35 13.62 -17.67
C VAL A 508 13.59 13.71 -16.18
N TYR A 509 14.08 14.87 -15.75
CA TYR A 509 14.01 15.23 -14.33
C TYR A 509 13.33 16.57 -14.21
N ALA A 510 14.09 17.63 -14.51
CA ALA A 510 13.55 18.98 -14.72
C ALA A 510 13.08 19.71 -13.45
N GLY A 511 13.43 19.19 -12.27
CA GLY A 511 13.22 19.92 -11.05
C GLY A 511 13.95 21.25 -11.11
N PRO A 512 13.61 22.18 -10.20
CA PRO A 512 14.27 23.50 -10.14
C PRO A 512 15.77 23.41 -9.81
N CYS A 513 16.61 24.05 -10.63
CA CYS A 513 18.09 24.00 -10.54
C CYS A 513 18.70 22.63 -10.94
N SER A 514 17.98 21.89 -11.76
CA SER A 514 18.50 20.64 -12.28
C SER A 514 19.34 20.86 -13.55
N GLN A 515 20.19 19.88 -13.85
CA GLN A 515 20.92 19.83 -15.11
C GLN A 515 20.96 18.38 -15.58
N LYS A 516 20.31 18.11 -16.72
CA LYS A 516 20.28 16.78 -17.30
C LYS A 516 21.13 16.67 -18.57
N ALA A 517 21.65 17.81 -19.01
CA ALA A 517 22.58 17.85 -20.13
C ALA A 517 23.94 18.32 -19.62
N ASP A 518 24.87 17.38 -19.47
CA ASP A 518 26.22 17.68 -19.00
C ASP A 518 27.30 16.87 -19.73
N THR A 519 28.54 17.02 -19.32
CA THR A 519 29.67 16.40 -19.98
C THR A 519 30.15 15.17 -19.22
N VAL A 520 29.30 14.66 -18.33
CA VAL A 520 29.65 13.53 -17.48
C VAL A 520 29.56 12.19 -18.23
N PHE A 521 30.52 11.31 -17.98
CA PHE A 521 30.50 9.96 -18.56
C PHE A 521 29.77 9.00 -17.63
N ARG A 522 28.73 8.35 -18.15
CA ARG A 522 27.90 7.41 -17.37
C ARG A 522 27.69 6.07 -18.05
N LEU A 523 27.70 5.01 -17.25
CA LEU A 523 27.25 3.68 -17.67
C LEU A 523 25.96 3.37 -16.94
N ASN A 524 24.84 3.47 -17.64
CA ASN A 524 23.55 3.28 -16.99
C ASN A 524 22.53 2.59 -17.89
N TRP A 525 21.24 2.71 -17.55
CA TRP A 525 20.16 2.10 -18.31
C TRP A 525 20.10 2.62 -19.74
N ALA A 526 20.24 3.93 -19.90
CA ALA A 526 20.34 4.60 -21.18
C ALA A 526 21.48 4.03 -22.06
N THR A 527 22.58 3.58 -21.44
CA THR A 527 23.68 2.96 -22.18
C THR A 527 23.16 1.70 -22.83
N TYR A 528 22.51 0.85 -22.03
CA TYR A 528 21.92 -0.40 -22.51
C TYR A 528 20.93 -0.17 -23.64
N LEU A 529 20.07 0.84 -23.49
CA LEU A 529 18.98 1.09 -24.45
C LEU A 529 19.49 1.54 -25.79
N ALA A 530 20.58 2.30 -25.79
CA ALA A 530 21.17 2.80 -27.03
C ALA A 530 22.04 1.74 -27.70
N SER A 531 22.82 1.02 -26.91
CA SER A 531 23.75 0.01 -27.40
C SER A 531 23.04 -1.26 -27.87
N THR A 532 22.16 -1.80 -27.04
CA THR A 532 21.49 -3.06 -27.32
C THR A 532 20.22 -2.87 -28.13
N GLU A 533 19.38 -1.91 -27.73
CA GLU A 533 18.06 -1.76 -28.34
C GLU A 533 17.97 -0.69 -29.40
N ASN A 534 19.06 0.06 -29.61
CA ASN A 534 19.14 1.11 -30.63
C ASN A 534 18.06 2.19 -30.47
N ILE A 535 17.83 2.57 -29.22
CA ILE A 535 16.97 3.69 -28.87
C ILE A 535 17.85 4.92 -28.62
N ILE A 536 17.46 6.06 -29.15
CA ILE A 536 18.11 7.33 -28.76
C ILE A 536 17.50 7.80 -27.44
N VAL A 537 18.37 8.12 -26.48
CA VAL A 537 17.91 8.64 -25.17
C VAL A 537 18.29 10.10 -25.03
N ALA A 538 17.27 10.95 -25.08
CA ALA A 538 17.47 12.40 -25.00
C ALA A 538 17.09 12.97 -23.61
N SER A 539 17.88 13.95 -23.16
CA SER A 539 17.56 14.75 -21.98
C SER A 539 17.66 16.22 -22.37
N PHE A 540 16.92 17.08 -21.69
CA PHE A 540 16.81 18.48 -22.10
C PHE A 540 16.65 19.40 -20.89
N ASP A 541 17.45 20.46 -20.85
CA ASP A 541 17.40 21.43 -19.77
C ASP A 541 16.68 22.69 -20.22
N GLY A 542 15.40 22.79 -19.87
CA GLY A 542 14.56 23.93 -20.22
C GLY A 542 14.45 24.89 -19.05
N ARG A 543 13.34 25.62 -18.98
CA ARG A 543 13.12 26.59 -17.91
C ARG A 543 13.00 25.94 -16.52
N GLY A 544 13.56 26.63 -15.53
CA GLY A 544 13.69 26.08 -14.19
C GLY A 544 15.02 25.40 -13.94
N SER A 545 15.76 25.10 -15.01
CA SER A 545 17.05 24.42 -14.86
C SER A 545 18.11 25.36 -14.29
N GLY A 546 19.24 24.80 -13.86
CA GLY A 546 20.23 25.57 -13.12
C GLY A 546 21.49 25.94 -13.86
N TYR A 547 22.31 26.78 -13.24
CA TYR A 547 23.68 27.08 -13.67
C TYR A 547 23.74 27.94 -14.96
N GLN A 548 22.61 28.57 -15.28
CA GLN A 548 22.49 29.45 -16.44
C GLN A 548 21.91 30.81 -16.08
N GLY A 549 21.77 31.08 -14.78
CA GLY A 549 21.22 32.37 -14.33
C GLY A 549 19.78 32.32 -13.88
N ASP A 550 19.37 33.33 -13.13
CA ASP A 550 18.06 33.37 -12.49
C ASP A 550 16.90 33.54 -13.47
N LYS A 551 17.15 34.21 -14.58
CA LYS A 551 16.15 34.38 -15.64
C LYS A 551 15.61 33.02 -16.13
N ILE A 552 16.49 32.03 -16.21
CA ILE A 552 16.07 30.68 -16.55
C ILE A 552 15.58 29.92 -15.30
N MET A 553 16.37 29.99 -14.21
CA MET A 553 16.08 29.19 -13.03
C MET A 553 14.79 29.62 -12.34
N HIS A 554 14.61 30.93 -12.19
CA HIS A 554 13.45 31.51 -11.51
C HIS A 554 12.19 31.62 -12.37
N ALA A 555 12.27 31.20 -13.64
CA ALA A 555 11.11 31.26 -14.55
C ALA A 555 9.91 30.50 -13.95
N ILE A 556 10.22 29.57 -13.08
CA ILE A 556 9.27 28.60 -12.59
C ILE A 556 8.75 28.97 -11.20
N ASN A 557 9.20 30.11 -10.71
CA ASN A 557 8.81 30.62 -9.40
C ASN A 557 7.31 30.60 -9.19
N ARG A 558 6.86 30.07 -8.06
CA ARG A 558 5.42 30.00 -7.72
C ARG A 558 4.59 29.25 -8.76
N ARG A 559 5.26 28.48 -9.63
CA ARG A 559 4.66 27.97 -10.86
C ARG A 559 5.16 26.60 -11.33
N LEU A 560 5.31 25.67 -10.40
CA LEU A 560 5.74 24.32 -10.74
C LEU A 560 4.70 23.60 -11.59
N GLY A 561 5.17 22.74 -12.49
CA GLY A 561 4.29 22.01 -13.39
C GLY A 561 3.79 22.84 -14.55
N THR A 562 4.52 23.90 -14.90
CA THR A 562 4.18 24.73 -16.06
C THR A 562 5.28 24.70 -17.14
N PHE A 563 6.15 25.70 -17.12
CA PHE A 563 7.15 25.89 -18.16
C PHE A 563 8.10 24.71 -18.32
N GLU A 564 8.43 24.04 -17.22
CA GLU A 564 9.35 22.91 -17.27
C GLU A 564 8.71 21.72 -17.98
N VAL A 565 7.39 21.63 -17.91
CA VAL A 565 6.60 20.60 -18.58
C VAL A 565 6.45 20.99 -20.05
N GLU A 566 6.04 22.23 -20.30
CA GLU A 566 5.90 22.79 -21.66
C GLU A 566 7.17 22.59 -22.47
N ASP A 567 8.31 22.99 -21.89
CA ASP A 567 9.60 22.95 -22.57
C ASP A 567 10.03 21.55 -23.01
N GLN A 568 9.79 20.54 -22.16
CA GLN A 568 10.07 19.14 -22.49
C GLN A 568 9.24 18.66 -23.67
N ILE A 569 7.99 19.12 -23.74
CA ILE A 569 7.13 18.86 -24.90
C ILE A 569 7.73 19.49 -26.17
N GLU A 570 8.13 20.75 -26.10
CA GLU A 570 8.79 21.41 -27.23
C GLU A 570 10.09 20.73 -27.63
N ALA A 571 10.93 20.41 -26.65
CA ALA A 571 12.16 19.66 -26.90
C ALA A 571 11.87 18.44 -27.75
N ALA A 572 10.91 17.63 -27.32
CA ALA A 572 10.55 16.42 -28.05
C ALA A 572 10.09 16.76 -29.48
N ARG A 573 9.24 17.79 -29.61
CA ARG A 573 8.79 18.27 -30.91
C ARG A 573 9.94 18.63 -31.83
N GLN A 574 10.89 19.41 -31.31
CA GLN A 574 12.12 19.74 -32.04
C GLN A 574 12.91 18.49 -32.44
N PHE A 575 12.97 17.50 -31.56
CA PHE A 575 13.67 16.26 -31.87
C PHE A 575 12.96 15.45 -32.96
N SER A 576 11.63 15.54 -33.01
CA SER A 576 10.82 14.96 -34.10
C SER A 576 11.24 15.53 -35.45
N LYS A 577 11.22 16.87 -35.55
CA LYS A 577 11.61 17.59 -36.76
C LYS A 577 13.08 17.40 -37.15
N MET A 578 13.86 16.72 -36.30
CA MET A 578 15.22 16.27 -36.65
C MET A 578 15.07 14.99 -37.47
N GLY A 579 15.82 14.89 -38.56
CA GLY A 579 15.60 13.84 -39.54
C GLY A 579 15.84 12.40 -39.13
N PHE A 580 16.46 12.18 -37.98
CA PHE A 580 16.89 10.84 -37.57
C PHE A 580 16.01 10.15 -36.49
N VAL A 581 14.85 10.77 -36.20
CA VAL A 581 13.96 10.32 -35.14
C VAL A 581 12.62 9.88 -35.72
N ASP A 582 12.10 8.75 -35.23
CA ASP A 582 10.78 8.23 -35.62
C ASP A 582 9.69 8.78 -34.71
N ASN A 583 8.86 9.67 -35.24
CA ASN A 583 7.90 10.40 -34.41
C ASN A 583 6.67 9.61 -33.98
N LYS A 584 6.58 8.37 -34.43
CA LYS A 584 5.50 7.49 -34.01
C LYS A 584 5.93 6.71 -32.77
N ARG A 585 7.24 6.74 -32.49
CA ARG A 585 7.83 6.04 -31.36
C ARG A 585 8.67 6.99 -30.50
N ILE A 586 7.99 7.92 -29.85
CA ILE A 586 8.63 8.75 -28.83
C ILE A 586 8.01 8.46 -27.46
N ALA A 587 8.88 8.09 -26.52
CA ALA A 587 8.50 7.81 -25.15
C ALA A 587 9.10 8.86 -24.21
N ILE A 588 8.65 8.82 -22.95
CA ILE A 588 9.16 9.70 -21.89
C ILE A 588 9.20 8.93 -20.55
N TRP A 589 10.22 9.21 -19.75
CA TRP A 589 10.29 8.57 -18.44
C TRP A 589 11.08 9.42 -17.44
N GLY A 590 10.73 9.29 -16.16
CA GLY A 590 11.40 10.01 -15.10
C GLY A 590 11.15 9.42 -13.74
N TRP A 591 12.05 9.73 -12.80
CA TRP A 591 11.98 9.34 -11.39
C TRP A 591 11.80 10.62 -10.51
N SER A 592 11.18 10.46 -9.33
CA SER A 592 10.71 11.55 -8.45
C SER A 592 10.11 12.77 -9.11
N TYR A 593 10.84 13.89 -9.13
CA TYR A 593 10.38 15.06 -9.88
C TYR A 593 10.16 14.70 -11.37
N GLY A 594 11.02 13.83 -11.89
CA GLY A 594 10.94 13.41 -13.29
C GLY A 594 9.69 12.60 -13.58
N GLY A 595 9.25 11.81 -12.61
CA GLY A 595 7.99 11.07 -12.69
C GLY A 595 6.79 12.01 -12.68
N TYR A 596 6.90 13.10 -11.93
CA TYR A 596 5.87 14.13 -11.91
C TYR A 596 5.79 14.81 -13.28
N VAL A 597 6.94 15.17 -13.86
CA VAL A 597 6.94 15.84 -15.17
C VAL A 597 6.46 14.89 -16.29
N THR A 598 6.97 13.66 -16.30
CA THR A 598 6.49 12.60 -17.22
C THR A 598 4.96 12.52 -17.23
N SER A 599 4.38 12.45 -16.03
CA SER A 599 2.93 12.34 -15.87
C SER A 599 2.17 13.57 -16.37
N MET A 600 2.68 14.76 -16.05
CA MET A 600 2.09 16.01 -16.51
C MET A 600 2.18 16.15 -18.02
N VAL A 601 3.31 15.71 -18.58
CA VAL A 601 3.47 15.64 -20.04
C VAL A 601 2.50 14.61 -20.68
N LEU A 602 2.45 13.40 -20.15
CA LEU A 602 1.49 12.40 -20.63
C LEU A 602 0.04 12.85 -20.51
N GLY A 603 -0.23 13.73 -19.54
CA GLY A 603 -1.56 14.24 -19.29
C GLY A 603 -1.85 15.54 -20.02
N SER A 604 -0.91 15.98 -20.86
CA SER A 604 -1.03 17.28 -21.51
C SER A 604 -1.91 17.26 -22.76
N GLY A 605 -2.06 16.09 -23.38
CA GLY A 605 -2.84 15.95 -24.61
C GLY A 605 -2.09 16.45 -25.83
N SER A 606 -0.75 16.46 -25.73
CA SER A 606 0.13 16.97 -26.79
C SER A 606 0.16 16.07 -28.03
N GLY A 607 -0.06 14.77 -27.84
CA GLY A 607 -0.03 13.82 -28.93
C GLY A 607 1.36 13.39 -29.34
N VAL A 608 2.38 13.97 -28.71
CA VAL A 608 3.77 13.74 -29.12
C VAL A 608 4.27 12.37 -28.66
N PHE A 609 3.78 11.91 -27.50
CA PHE A 609 4.32 10.71 -26.87
C PHE A 609 3.39 9.50 -26.94
N LYS A 610 3.94 8.37 -27.34
CA LYS A 610 3.17 7.15 -27.43
C LYS A 610 2.96 6.56 -26.02
N CYS A 611 4.01 6.55 -25.23
CA CYS A 611 4.01 5.94 -23.91
C CYS A 611 4.97 6.66 -22.97
N GLY A 612 4.92 6.30 -21.68
CA GLY A 612 5.77 6.89 -20.66
C GLY A 612 5.72 6.14 -19.35
N ILE A 613 6.78 6.29 -18.55
CA ILE A 613 6.92 5.66 -17.26
C ILE A 613 7.17 6.72 -16.18
N ALA A 614 6.42 6.65 -15.07
CA ALA A 614 6.65 7.49 -13.89
C ALA A 614 7.03 6.63 -12.71
N VAL A 615 8.22 6.85 -12.17
CA VAL A 615 8.66 6.16 -10.95
C VAL A 615 8.67 7.14 -9.78
N ALA A 616 7.94 6.76 -8.72
CA ALA A 616 7.79 7.52 -7.49
C ALA A 616 7.50 9.00 -7.73
N PRO A 617 6.49 9.32 -8.57
CA PRO A 617 6.22 10.72 -8.89
C PRO A 617 5.53 11.47 -7.77
N VAL A 618 5.74 12.80 -7.72
CA VAL A 618 4.86 13.70 -6.98
C VAL A 618 3.63 13.83 -7.86
N SER A 619 2.45 13.92 -7.25
CA SER A 619 1.19 14.07 -7.97
C SER A 619 0.45 15.38 -7.62
N ARG A 620 0.71 15.90 -6.42
CA ARG A 620 0.04 17.07 -5.86
C ARG A 620 1.01 17.64 -4.83
N TRP A 621 1.28 18.94 -4.94
CA TRP A 621 2.28 19.59 -4.10
C TRP A 621 1.96 19.67 -2.62
N GLU A 622 0.67 19.63 -2.27
CA GLU A 622 0.26 19.59 -0.88
C GLU A 622 0.70 18.31 -0.16
N TYR A 623 1.06 17.28 -0.92
CA TYR A 623 1.55 16.02 -0.34
C TYR A 623 3.05 15.99 -0.04
N TYR A 624 3.84 16.87 -0.68
CA TYR A 624 5.29 16.88 -0.47
C TYR A 624 5.66 17.78 0.72
N ASP A 625 6.92 17.76 1.17
CA ASP A 625 7.26 18.41 2.45
C ASP A 625 7.30 19.94 2.37
N SER A 626 7.08 20.60 3.51
CA SER A 626 6.99 22.06 3.56
C SER A 626 8.22 22.80 3.02
N VAL A 627 9.42 22.36 3.38
CA VAL A 627 10.65 23.11 3.10
C VAL A 627 11.01 23.19 1.62
N TYR A 628 10.89 22.08 0.91
CA TYR A 628 11.16 22.06 -0.51
C TYR A 628 10.01 22.75 -1.26
N THR A 629 8.77 22.33 -0.97
CA THR A 629 7.61 22.75 -1.75
C THR A 629 7.36 24.25 -1.68
N GLU A 630 7.43 24.80 -0.46
CA GLU A 630 7.10 26.21 -0.23
C GLU A 630 8.16 27.14 -0.77
N ARG A 631 9.40 26.62 -0.87
CA ARG A 631 10.49 27.33 -1.55
C ARG A 631 10.10 27.77 -2.97
N TYR A 632 9.37 26.91 -3.68
CA TYR A 632 9.03 27.16 -5.08
C TYR A 632 7.57 27.54 -5.24
N MET A 633 6.73 27.16 -4.29
CA MET A 633 5.28 27.29 -4.42
C MET A 633 4.61 28.30 -3.49
N GLY A 634 5.34 28.81 -2.50
CA GLY A 634 4.73 29.59 -1.42
C GLY A 634 3.77 28.71 -0.63
N LEU A 635 2.80 29.33 0.03
CA LEU A 635 1.82 28.60 0.85
C LEU A 635 0.54 28.24 0.08
N PRO A 636 -0.08 27.09 0.41
CA PRO A 636 -1.33 26.72 -0.25
C PRO A 636 -2.55 27.34 0.46
N THR A 637 -2.56 28.67 0.54
CA THR A 637 -3.71 29.43 1.04
C THR A 637 -4.29 30.31 -0.08
N PRO A 638 -5.59 30.68 0.05
CA PRO A 638 -6.23 31.55 -0.94
C PRO A 638 -5.59 32.94 -1.06
N GLU A 639 -4.95 33.41 0.01
CA GLU A 639 -4.27 34.69 -0.06
C GLU A 639 -2.82 34.55 -0.56
N ASP A 640 -2.31 33.32 -0.61
CA ASP A 640 -1.01 33.07 -1.21
C ASP A 640 -1.17 32.40 -2.58
N ASN A 641 -1.04 31.09 -2.64
CA ASN A 641 -0.87 30.39 -3.91
C ASN A 641 -1.69 29.11 -4.09
N LEU A 642 -2.79 28.99 -3.34
CA LEU A 642 -3.67 27.82 -3.45
C LEU A 642 -4.11 27.45 -4.87
N ASP A 643 -4.40 28.47 -5.68
CA ASP A 643 -4.94 28.23 -7.02
C ASP A 643 -4.02 27.44 -7.95
N HIS A 644 -2.74 27.82 -8.02
CA HIS A 644 -1.80 27.05 -8.81
C HIS A 644 -1.40 25.71 -8.17
N TYR A 645 -1.49 25.60 -6.84
CA TYR A 645 -1.36 24.31 -6.15
C TYR A 645 -2.40 23.33 -6.68
N ARG A 646 -3.65 23.82 -6.76
CA ARG A 646 -4.80 23.06 -7.24
C ARG A 646 -4.79 22.80 -8.73
N ASN A 647 -4.08 23.64 -9.47
CA ASN A 647 -4.11 23.62 -10.93
C ASN A 647 -2.93 22.81 -11.50
N SER A 648 -2.05 22.35 -10.62
CA SER A 648 -0.83 21.66 -11.04
C SER A 648 -0.73 20.21 -10.56
N THR A 649 -1.89 19.58 -10.34
CA THR A 649 -1.95 18.18 -9.94
C THR A 649 -1.95 17.27 -11.16
N VAL A 650 -1.52 16.03 -10.97
CA VAL A 650 -1.56 15.04 -12.03
C VAL A 650 -3.02 14.57 -12.24
N MET A 651 -3.71 14.35 -11.13
CA MET A 651 -5.11 13.87 -11.11
C MET A 651 -6.08 14.62 -12.03
N SER A 652 -5.95 15.95 -12.09
CA SER A 652 -6.87 16.78 -12.86
C SER A 652 -6.75 16.54 -14.38
N ARG A 653 -5.64 15.92 -14.79
CA ARG A 653 -5.37 15.63 -16.19
C ARG A 653 -5.75 14.20 -16.58
N ALA A 654 -6.41 13.48 -15.68
CA ALA A 654 -6.69 12.05 -15.88
C ALA A 654 -7.32 11.69 -17.24
N GLU A 655 -8.34 12.45 -17.69
CA GLU A 655 -9.01 12.15 -18.97
C GLU A 655 -8.03 12.04 -20.17
N ASN A 656 -7.00 12.87 -20.15
CA ASN A 656 -5.98 12.89 -21.19
C ASN A 656 -5.12 11.64 -21.34
N PHE A 657 -5.09 10.80 -20.31
CA PHE A 657 -4.30 9.58 -20.36
C PHE A 657 -4.90 8.47 -21.25
N LYS A 658 -6.12 8.63 -21.75
CA LYS A 658 -6.66 7.63 -22.71
C LYS A 658 -5.89 7.63 -24.03
N GLN A 659 -5.15 8.72 -24.28
CA GLN A 659 -4.36 8.90 -25.49
C GLN A 659 -2.95 8.30 -25.42
N VAL A 660 -2.59 7.64 -24.32
CA VAL A 660 -1.23 7.11 -24.14
C VAL A 660 -1.16 5.80 -23.33
N GLU A 661 -0.02 5.11 -23.42
CA GLU A 661 0.25 3.97 -22.55
C GLU A 661 1.13 4.41 -21.39
N TYR A 662 0.71 4.07 -20.18
CA TYR A 662 1.31 4.63 -18.96
C TYR A 662 1.67 3.52 -18.02
N LEU A 663 2.91 3.55 -17.53
CA LEU A 663 3.33 2.66 -16.46
C LEU A 663 3.73 3.48 -15.23
N LEU A 664 3.06 3.16 -14.12
CA LEU A 664 3.21 3.87 -12.84
C LEU A 664 3.78 2.93 -11.78
N ILE A 665 4.90 3.35 -11.18
CA ILE A 665 5.65 2.52 -10.23
C ILE A 665 5.95 3.34 -8.96
N HIS A 666 5.76 2.73 -7.79
CA HIS A 666 6.08 3.36 -6.51
C HIS A 666 6.46 2.29 -5.47
N GLY A 667 7.44 2.60 -4.63
CA GLY A 667 7.76 1.76 -3.48
C GLY A 667 6.83 2.07 -2.32
N THR A 668 6.37 1.04 -1.65
CA THR A 668 5.39 1.23 -0.56
C THR A 668 5.97 1.85 0.71
N ALA A 669 7.26 1.64 0.96
CA ALA A 669 7.90 2.25 2.13
C ALA A 669 8.65 3.56 1.80
N ASP A 670 8.16 4.29 0.81
CA ASP A 670 8.71 5.60 0.46
C ASP A 670 8.31 6.65 1.53
N ASP A 671 9.30 7.07 2.30
CA ASP A 671 9.16 8.06 3.37
C ASP A 671 9.33 9.48 2.83
N ASN A 672 9.84 9.58 1.61
CA ASN A 672 10.14 10.85 0.93
C ASN A 672 8.95 11.31 0.10
N VAL A 673 8.79 10.74 -1.11
CA VAL A 673 7.59 10.94 -1.89
C VAL A 673 6.68 9.80 -1.52
N HIS A 674 5.63 10.09 -0.75
CA HIS A 674 4.83 9.01 -0.19
C HIS A 674 4.00 8.20 -1.19
N PHE A 675 3.84 6.91 -0.92
CA PHE A 675 3.05 6.02 -1.79
C PHE A 675 1.68 6.66 -2.08
N GLN A 676 1.18 7.42 -1.11
CA GLN A 676 -0.02 8.24 -1.24
C GLN A 676 -0.11 8.96 -2.57
N GLN A 677 1.03 9.52 -3.02
CA GLN A 677 1.05 10.31 -4.27
C GLN A 677 0.59 9.49 -5.48
N SER A 678 1.11 8.27 -5.64
CA SER A 678 0.71 7.39 -6.74
C SER A 678 -0.63 6.72 -6.50
N ALA A 679 -0.95 6.44 -5.23
CA ALA A 679 -2.25 5.92 -4.84
C ALA A 679 -3.37 6.83 -5.37
N GLN A 680 -3.18 8.14 -5.20
CA GLN A 680 -4.15 9.09 -5.72
C GLN A 680 -4.17 9.19 -7.25
N ILE A 681 -3.01 9.06 -7.90
CA ILE A 681 -2.97 9.05 -9.36
C ILE A 681 -3.82 7.88 -9.91
N SER A 682 -3.59 6.68 -9.38
CA SER A 682 -4.29 5.48 -9.84
C SER A 682 -5.81 5.60 -9.64
N LYS A 683 -6.23 6.12 -8.49
CA LYS A 683 -7.65 6.32 -8.20
C LYS A 683 -8.29 7.26 -9.22
N ALA A 684 -7.58 8.34 -9.55
CA ALA A 684 -8.07 9.28 -10.56
C ALA A 684 -8.25 8.66 -11.96
N LEU A 685 -7.31 7.81 -12.34
CA LEU A 685 -7.38 7.15 -13.66
C LEU A 685 -8.54 6.15 -13.72
N VAL A 686 -8.76 5.44 -12.61
CA VAL A 686 -9.87 4.52 -12.42
C VAL A 686 -11.22 5.26 -12.47
N ASP A 687 -11.34 6.38 -11.75
CA ASP A 687 -12.58 7.17 -11.71
C ASP A 687 -13.02 7.61 -13.11
N VAL A 688 -12.05 7.68 -14.01
CA VAL A 688 -12.26 8.22 -15.34
C VAL A 688 -12.21 7.13 -16.43
N GLY A 689 -11.92 5.89 -16.04
CA GLY A 689 -11.93 4.77 -16.97
C GLY A 689 -10.75 4.71 -17.93
N VAL A 690 -9.55 5.00 -17.45
CA VAL A 690 -8.36 4.94 -18.28
C VAL A 690 -7.56 3.72 -17.86
N ASP A 691 -7.28 2.82 -18.80
CA ASP A 691 -6.42 1.68 -18.50
C ASP A 691 -4.96 2.13 -18.54
N PHE A 692 -4.15 1.51 -17.68
CA PHE A 692 -2.74 1.86 -17.54
C PHE A 692 -2.09 0.67 -16.85
N GLN A 693 -0.76 0.66 -16.79
CA GLN A 693 -0.06 -0.36 -16.04
C GLN A 693 0.57 0.15 -14.74
N ALA A 694 0.71 -0.75 -13.76
CA ALA A 694 1.13 -0.40 -12.41
C ALA A 694 2.17 -1.39 -11.93
N MET A 695 2.93 -0.98 -10.91
CA MET A 695 3.78 -1.93 -10.17
C MET A 695 4.18 -1.30 -8.84
N TRP A 696 3.85 -1.96 -7.74
CA TRP A 696 4.32 -1.51 -6.44
C TRP A 696 5.57 -2.30 -6.11
N TYR A 697 6.43 -1.73 -5.27
CA TYR A 697 7.55 -2.47 -4.68
C TYR A 697 7.43 -2.45 -3.17
N THR A 698 7.04 -3.60 -2.62
CA THR A 698 6.80 -3.69 -1.19
C THR A 698 8.08 -3.49 -0.38
N ASP A 699 8.02 -2.53 0.53
CA ASP A 699 9.13 -2.19 1.46
C ASP A 699 10.29 -1.41 0.84
N GLU A 700 10.18 -1.03 -0.43
CA GLU A 700 11.19 -0.22 -1.08
C GLU A 700 10.89 1.25 -0.86
N ASP A 701 11.94 2.08 -0.76
CA ASP A 701 11.78 3.51 -0.49
C ASP A 701 11.92 4.30 -1.78
N HIS A 702 12.40 5.54 -1.70
CA HIS A 702 12.46 6.42 -2.88
C HIS A 702 13.49 5.96 -3.92
N GLY A 703 14.56 5.34 -3.44
CA GLY A 703 15.64 4.85 -4.29
C GLY A 703 15.30 3.55 -5.01
N ILE A 704 14.38 2.77 -4.44
CA ILE A 704 14.13 1.40 -4.93
C ILE A 704 15.47 0.73 -5.27
N ALA A 705 16.31 0.60 -4.25
CA ALA A 705 17.75 0.43 -4.45
C ALA A 705 18.30 -0.91 -4.07
N SER A 706 17.56 -1.66 -3.25
CA SER A 706 17.96 -3.03 -2.93
C SER A 706 18.26 -3.76 -4.25
N SER A 707 19.30 -4.60 -4.26
CA SER A 707 19.78 -5.16 -5.52
C SER A 707 18.70 -5.92 -6.30
N THR A 708 17.88 -6.74 -5.63
CA THR A 708 16.79 -7.45 -6.31
C THR A 708 15.73 -6.51 -6.90
N ALA A 709 15.33 -5.50 -6.13
CA ALA A 709 14.32 -4.54 -6.60
C ALA A 709 14.83 -3.70 -7.76
N HIS A 710 16.06 -3.21 -7.63
CA HIS A 710 16.71 -2.44 -8.69
C HIS A 710 16.75 -3.25 -9.99
N GLN A 711 17.20 -4.50 -9.89
CA GLN A 711 17.23 -5.38 -11.07
C GLN A 711 15.82 -5.61 -11.61
N HIS A 712 14.84 -5.78 -10.71
CA HIS A 712 13.46 -6.06 -11.11
C HIS A 712 12.77 -4.89 -11.80
N ILE A 713 12.97 -3.67 -11.31
CA ILE A 713 12.34 -2.48 -11.91
C ILE A 713 12.84 -2.19 -13.34
N TYR A 714 14.16 -2.24 -13.52
CA TYR A 714 14.74 -1.98 -14.83
C TYR A 714 14.43 -3.09 -15.83
N THR A 715 14.34 -4.32 -15.37
CA THR A 715 13.86 -5.41 -16.24
C THR A 715 12.42 -5.13 -16.71
N HIS A 716 11.58 -4.72 -15.77
CA HIS A 716 10.17 -4.45 -16.03
C HIS A 716 9.94 -3.26 -16.99
N MET A 717 10.71 -2.19 -16.79
CA MET A 717 10.65 -1.00 -17.64
C MET A 717 11.23 -1.27 -19.02
N SER A 718 12.24 -2.15 -19.09
CA SER A 718 12.82 -2.56 -20.37
C SER A 718 11.77 -3.25 -21.26
N HIS A 719 11.04 -4.21 -20.69
CA HIS A 719 9.89 -4.85 -21.36
C HIS A 719 8.82 -3.87 -21.86
N PHE A 720 8.50 -2.89 -21.03
CA PHE A 720 7.43 -1.94 -21.35
C PHE A 720 7.83 -1.09 -22.54
N ILE A 721 9.05 -0.55 -22.49
CA ILE A 721 9.59 0.29 -23.57
C ILE A 721 9.77 -0.51 -24.89
N LYS A 722 10.29 -1.74 -24.79
CA LYS A 722 10.45 -2.59 -25.96
C LYS A 722 9.14 -2.88 -26.69
N GLN A 723 8.07 -3.21 -25.96
CA GLN A 723 6.78 -3.45 -26.60
C GLN A 723 6.10 -2.17 -27.09
N CYS A 724 6.34 -1.06 -26.38
CA CYS A 724 5.88 0.25 -26.84
C CYS A 724 6.52 0.62 -28.18
N PHE A 725 7.78 0.22 -28.37
CA PHE A 725 8.55 0.54 -29.57
C PHE A 725 8.56 -0.59 -30.60
N SER A 726 7.84 -1.69 -30.32
CA SER A 726 7.78 -2.86 -31.21
C SER A 726 9.16 -3.51 -31.41
N LEU A 727 9.96 -3.54 -30.34
CA LEU A 727 11.29 -4.14 -30.40
C LEU A 727 11.30 -5.58 -29.83
N PRO A 728 11.66 -6.57 -30.67
CA PRO A 728 11.64 -8.00 -30.30
C PRO A 728 12.54 -8.33 -29.10
N SER B 1 -24.59 -13.30 -37.62
CA SER B 1 -25.28 -12.00 -37.89
C SER B 1 -25.69 -11.23 -36.64
N ARG B 2 -26.27 -11.93 -35.66
CA ARG B 2 -26.68 -11.32 -34.40
C ARG B 2 -25.50 -10.65 -33.69
N LYS B 3 -25.79 -9.62 -32.88
CA LYS B 3 -24.77 -9.04 -32.00
C LYS B 3 -24.33 -10.07 -30.95
N THR B 4 -23.09 -9.91 -30.49
CA THR B 4 -22.50 -10.81 -29.50
C THR B 4 -22.68 -10.21 -28.08
N TYR B 5 -22.34 -10.96 -27.03
CA TYR B 5 -22.39 -10.43 -25.65
C TYR B 5 -21.08 -9.74 -25.30
N THR B 6 -21.06 -8.42 -25.38
CA THR B 6 -19.83 -7.64 -25.23
C THR B 6 -19.45 -7.33 -23.78
N LEU B 7 -18.20 -6.90 -23.58
CA LEU B 7 -17.72 -6.44 -22.28
C LEU B 7 -18.54 -5.28 -21.73
N THR B 8 -18.97 -4.37 -22.61
CA THR B 8 -19.83 -3.24 -22.24
C THR B 8 -21.23 -3.65 -21.80
N ASP B 9 -21.73 -4.76 -22.35
CA ASP B 9 -23.03 -5.28 -21.95
C ASP B 9 -22.98 -5.71 -20.48
N TYR B 10 -21.91 -6.42 -20.14
CA TYR B 10 -21.68 -6.89 -18.78
C TYR B 10 -21.40 -5.73 -17.83
N LEU B 11 -20.39 -4.93 -18.17
CA LEU B 11 -20.00 -3.79 -17.35
C LEU B 11 -21.12 -2.77 -17.12
N LYS B 12 -21.95 -2.55 -18.13
CA LYS B 12 -23.02 -1.54 -18.04
C LYS B 12 -24.44 -2.11 -17.81
N ASN B 13 -24.51 -3.41 -17.50
CA ASN B 13 -25.73 -4.08 -17.07
C ASN B 13 -26.88 -3.87 -18.06
N THR B 14 -26.57 -4.09 -19.34
CA THR B 14 -27.50 -3.94 -20.46
C THR B 14 -28.69 -4.93 -20.37
N TYR B 15 -28.38 -6.19 -20.11
CA TYR B 15 -29.40 -7.22 -19.97
C TYR B 15 -29.60 -7.55 -18.49
N ARG B 16 -30.61 -6.93 -17.89
CA ARG B 16 -30.82 -7.10 -16.46
C ARG B 16 -31.86 -8.17 -16.09
N LEU B 17 -31.47 -9.01 -15.16
CA LEU B 17 -32.34 -10.01 -14.56
C LEU B 17 -33.36 -9.31 -13.68
N LYS B 18 -34.61 -9.72 -13.84
CA LYS B 18 -35.72 -9.24 -13.01
C LYS B 18 -35.89 -10.14 -11.80
N LEU B 19 -36.24 -9.49 -10.69
CA LEU B 19 -36.39 -10.12 -9.38
C LEU B 19 -37.84 -10.07 -8.94
N TYR B 20 -38.15 -10.81 -7.88
CA TYR B 20 -39.40 -10.65 -7.17
C TYR B 20 -39.16 -10.88 -5.68
N SER B 21 -38.56 -9.88 -5.04
CA SER B 21 -38.29 -9.88 -3.62
C SER B 21 -39.52 -9.45 -2.87
N LEU B 22 -40.12 -10.40 -2.15
CA LEU B 22 -41.24 -10.11 -1.26
C LEU B 22 -40.88 -10.35 0.21
N ARG B 23 -41.65 -9.76 1.11
CA ARG B 23 -41.49 -9.99 2.54
C ARG B 23 -42.84 -10.41 3.11
N TRP B 24 -42.93 -11.67 3.55
CA TRP B 24 -44.14 -12.20 4.16
C TRP B 24 -44.46 -11.51 5.49
N ILE B 25 -45.72 -11.14 5.66
CA ILE B 25 -46.13 -10.29 6.77
C ILE B 25 -47.11 -10.99 7.70
N SER B 26 -47.55 -12.18 7.29
CA SER B 26 -48.51 -12.98 8.02
C SER B 26 -48.56 -14.38 7.39
N ASP B 27 -49.62 -15.12 7.70
CA ASP B 27 -49.83 -16.41 7.06
C ASP B 27 -50.34 -16.31 5.61
N HIS B 28 -50.83 -15.12 5.20
CA HIS B 28 -51.55 -14.97 3.94
C HIS B 28 -51.28 -13.69 3.13
N GLU B 29 -50.51 -12.76 3.69
CA GLU B 29 -50.15 -11.53 2.98
C GLU B 29 -48.64 -11.31 2.90
N TYR B 30 -48.21 -10.54 1.90
CA TYR B 30 -46.83 -10.11 1.80
C TYR B 30 -46.69 -8.69 1.29
N LEU B 31 -45.55 -8.08 1.56
CA LEU B 31 -45.25 -6.77 1.03
C LEU B 31 -44.37 -6.86 -0.21
N TYR B 32 -44.51 -5.87 -1.10
CA TYR B 32 -43.76 -5.82 -2.33
C TYR B 32 -43.69 -4.39 -2.84
N LYS B 33 -42.52 -3.96 -3.30
CA LYS B 33 -42.36 -2.60 -3.84
C LYS B 33 -42.61 -2.56 -5.37
N GLN B 34 -43.54 -1.69 -5.78
CA GLN B 34 -43.87 -1.51 -7.20
C GLN B 34 -44.02 -0.02 -7.49
N GLU B 35 -43.23 0.49 -8.45
CA GLU B 35 -43.13 1.93 -8.74
C GLU B 35 -42.98 2.77 -7.47
N ASN B 36 -41.97 2.40 -6.67
CA ASN B 36 -41.76 2.91 -5.32
C ASN B 36 -42.94 3.01 -4.34
N ASN B 37 -44.07 2.41 -4.70
CA ASN B 37 -45.10 2.14 -3.71
C ASN B 37 -44.72 0.87 -2.94
N ILE B 38 -45.00 0.82 -1.65
CA ILE B 38 -45.01 -0.45 -0.95
C ILE B 38 -46.43 -0.97 -1.05
N LEU B 39 -46.59 -2.13 -1.66
CA LEU B 39 -47.90 -2.77 -1.80
C LEU B 39 -48.03 -3.97 -0.86
N VAL B 40 -49.26 -4.24 -0.40
CA VAL B 40 -49.60 -5.49 0.31
C VAL B 40 -50.34 -6.39 -0.67
N PHE B 41 -49.87 -7.64 -0.83
CA PHE B 41 -50.56 -8.62 -1.65
C PHE B 41 -51.26 -9.68 -0.81
N ASN B 42 -52.45 -10.07 -1.28
CA ASN B 42 -53.17 -11.25 -0.80
C ASN B 42 -52.70 -12.47 -1.61
N ALA B 43 -52.18 -13.48 -0.92
CA ALA B 43 -51.59 -14.65 -1.59
C ALA B 43 -52.62 -15.54 -2.30
N GLU B 44 -53.74 -15.82 -1.64
CA GLU B 44 -54.78 -16.71 -2.17
C GLU B 44 -55.41 -16.20 -3.47
N TYR B 45 -55.59 -14.88 -3.56
CA TYR B 45 -56.34 -14.29 -4.65
C TYR B 45 -55.49 -13.47 -5.61
N GLY B 46 -54.45 -12.83 -5.09
CA GLY B 46 -53.55 -12.05 -5.92
C GLY B 46 -53.82 -10.57 -5.90
N ASN B 47 -54.96 -10.17 -5.34
CA ASN B 47 -55.30 -8.75 -5.24
C ASN B 47 -54.37 -7.97 -4.30
N SER B 48 -54.09 -6.73 -4.66
CA SER B 48 -53.18 -5.87 -3.90
C SER B 48 -53.72 -4.47 -3.65
N SER B 49 -53.24 -3.88 -2.56
CA SER B 49 -53.51 -2.49 -2.21
C SER B 49 -52.18 -1.79 -1.95
N VAL B 50 -52.22 -0.48 -1.76
CA VAL B 50 -51.01 0.27 -1.47
C VAL B 50 -50.84 0.40 0.04
N PHE B 51 -49.73 -0.15 0.55
CA PHE B 51 -49.45 -0.07 1.97
C PHE B 51 -48.98 1.33 2.36
N LEU B 52 -48.13 1.88 1.52
CA LEU B 52 -47.47 3.15 1.76
C LEU B 52 -47.20 3.77 0.40
N GLU B 53 -47.84 4.92 0.14
CA GLU B 53 -47.76 5.57 -1.18
C GLU B 53 -46.35 6.08 -1.46
N ASN B 54 -45.98 6.10 -2.73
CA ASN B 54 -44.68 6.64 -3.15
C ASN B 54 -44.56 8.14 -2.90
N SER B 55 -45.69 8.84 -2.93
CA SER B 55 -45.73 10.29 -2.67
C SER B 55 -45.47 10.66 -1.19
N THR B 56 -45.70 9.71 -0.28
CA THR B 56 -45.26 9.86 1.10
C THR B 56 -43.73 9.84 1.12
N PHE B 57 -43.15 10.64 2.00
CA PHE B 57 -41.69 10.84 2.06
C PHE B 57 -41.11 11.31 0.72
N ASP B 58 -41.74 12.33 0.15
CA ASP B 58 -41.17 13.09 -0.95
C ASP B 58 -40.54 14.35 -0.35
N GLU B 59 -41.11 14.76 0.78
CA GLU B 59 -40.74 15.98 1.52
C GLU B 59 -39.83 15.67 2.72
N PHE B 60 -39.39 14.41 2.80
CA PHE B 60 -38.53 13.94 3.90
C PHE B 60 -37.19 14.67 4.01
N GLY B 61 -36.53 14.95 2.88
CA GLY B 61 -35.26 15.68 2.88
C GLY B 61 -34.01 14.82 2.90
N HIS B 62 -34.22 13.50 2.79
CA HIS B 62 -33.14 12.51 2.74
C HIS B 62 -33.62 11.36 1.89
N SER B 63 -32.68 10.65 1.27
CA SER B 63 -32.97 9.41 0.57
C SER B 63 -33.15 8.27 1.58
N ILE B 64 -34.34 7.70 1.62
CA ILE B 64 -34.63 6.56 2.50
C ILE B 64 -34.00 5.27 1.95
N ASN B 65 -32.99 4.76 2.66
CA ASN B 65 -32.24 3.59 2.23
C ASN B 65 -33.01 2.28 2.32
N ASP B 66 -33.82 2.13 3.35
CA ASP B 66 -34.60 0.91 3.59
C ASP B 66 -35.71 1.21 4.59
N TYR B 67 -36.67 0.31 4.69
CA TYR B 67 -37.76 0.42 5.65
C TYR B 67 -37.85 -0.88 6.43
N SER B 68 -38.47 -0.81 7.60
CA SER B 68 -38.79 -1.99 8.37
C SER B 68 -40.08 -1.69 9.10
N ILE B 69 -41.10 -2.49 8.83
CA ILE B 69 -42.44 -2.27 9.36
C ILE B 69 -42.69 -3.19 10.55
N SER B 70 -43.20 -2.61 11.65
CA SER B 70 -43.51 -3.36 12.86
C SER B 70 -44.37 -4.58 12.58
N PRO B 71 -44.18 -5.67 13.34
CA PRO B 71 -44.96 -6.91 13.21
C PRO B 71 -46.47 -6.67 13.23
N ASP B 72 -46.98 -6.25 14.40
CA ASP B 72 -48.36 -5.78 14.51
C ASP B 72 -48.32 -4.36 13.97
N GLY B 73 -48.67 -4.25 12.69
CA GLY B 73 -48.16 -3.21 11.78
C GLY B 73 -48.64 -1.78 11.90
N GLN B 74 -48.28 -1.14 13.01
CA GLN B 74 -48.69 0.24 13.29
C GLN B 74 -47.62 1.30 13.01
N PHE B 75 -46.37 0.86 12.85
CA PHE B 75 -45.25 1.77 12.65
C PHE B 75 -44.32 1.31 11.54
N ILE B 76 -43.45 2.22 11.08
CA ILE B 76 -42.41 1.89 10.12
C ILE B 76 -41.11 2.63 10.43
N LEU B 77 -39.99 1.90 10.37
CA LEU B 77 -38.64 2.45 10.52
C LEU B 77 -38.07 2.95 9.21
N LEU B 78 -37.66 4.21 9.17
CA LEU B 78 -37.03 4.76 7.96
C LEU B 78 -35.52 4.84 8.11
N GLU B 79 -34.83 3.90 7.48
CA GLU B 79 -33.37 3.86 7.50
C GLU B 79 -32.80 4.86 6.49
N TYR B 80 -31.99 5.80 6.96
CA TYR B 80 -31.36 6.76 6.06
C TYR B 80 -29.96 7.08 6.57
N ASN B 81 -29.17 7.81 5.78
CA ASN B 81 -27.76 8.10 6.08
C ASN B 81 -26.92 6.82 6.31
N TYR B 82 -27.24 5.77 5.57
CA TYR B 82 -26.50 4.51 5.57
C TYR B 82 -25.01 4.72 5.28
N VAL B 83 -24.17 4.15 6.12
CA VAL B 83 -22.72 4.12 5.90
C VAL B 83 -22.22 2.69 6.13
N LYS B 84 -21.73 2.08 5.06
CA LYS B 84 -21.28 0.68 5.08
C LYS B 84 -20.04 0.50 5.96
N GLN B 85 -19.97 -0.60 6.70
CA GLN B 85 -18.73 -0.98 7.37
C GLN B 85 -18.10 -2.21 6.70
N TRP B 86 -18.30 -3.42 7.25
CA TRP B 86 -17.72 -4.64 6.64
C TRP B 86 -18.77 -5.34 5.78
N ARG B 87 -18.68 -6.67 5.62
CA ARG B 87 -19.63 -7.38 4.78
C ARG B 87 -21.08 -7.15 5.20
N HIS B 88 -21.35 -7.19 6.49
CA HIS B 88 -22.73 -7.05 7.00
C HIS B 88 -22.95 -5.78 7.79
N SER B 89 -21.93 -5.33 8.50
CA SER B 89 -22.05 -4.17 9.39
C SER B 89 -22.23 -2.87 8.64
N TYR B 90 -22.95 -1.96 9.30
CA TYR B 90 -23.12 -0.59 8.83
C TYR B 90 -23.75 0.24 9.91
N THR B 91 -23.84 1.53 9.65
CA THR B 91 -24.32 2.51 10.57
C THR B 91 -25.35 3.37 9.82
N ALA B 92 -26.41 3.79 10.51
CA ALA B 92 -27.42 4.65 9.87
C ALA B 92 -28.17 5.53 10.90
N SER B 93 -29.08 6.36 10.38
CA SER B 93 -29.99 7.15 11.18
C SER B 93 -31.39 6.62 10.96
N TYR B 94 -32.28 6.87 11.91
CA TYR B 94 -33.62 6.26 11.89
C TYR B 94 -34.70 7.22 12.33
N ASP B 95 -35.75 7.30 11.51
CA ASP B 95 -36.97 7.94 11.92
C ASP B 95 -38.05 6.89 12.00
N ILE B 96 -39.00 7.10 12.91
CA ILE B 96 -40.16 6.23 13.06
C ILE B 96 -41.38 7.01 12.59
N TYR B 97 -42.26 6.32 11.88
CA TYR B 97 -43.45 6.93 11.32
C TYR B 97 -44.70 6.20 11.83
N ASP B 98 -45.57 6.96 12.51
CA ASP B 98 -46.85 6.46 13.00
C ASP B 98 -47.84 6.31 11.84
N LEU B 99 -48.13 5.07 11.47
CA LEU B 99 -48.96 4.76 10.31
C LEU B 99 -50.44 5.10 10.47
N ASN B 100 -50.97 4.92 11.69
CA ASN B 100 -52.37 5.23 11.98
C ASN B 100 -52.64 6.72 11.96
N LYS B 101 -51.65 7.48 12.39
CA LYS B 101 -51.69 8.93 12.25
C LYS B 101 -51.08 9.31 10.89
N ARG B 102 -50.69 10.57 10.73
CA ARG B 102 -50.02 11.00 9.50
C ARG B 102 -48.55 11.22 9.75
N GLN B 103 -48.12 10.98 11.00
CA GLN B 103 -46.98 11.70 11.54
C GLN B 103 -45.68 10.90 11.72
N LEU B 104 -44.56 11.62 11.62
CA LEU B 104 -43.28 11.18 12.11
C LEU B 104 -43.21 11.47 13.61
N ILE B 105 -42.66 10.52 14.38
CA ILE B 105 -42.40 10.77 15.80
C ILE B 105 -41.17 11.68 15.91
N THR B 106 -41.34 12.80 16.58
CA THR B 106 -40.33 13.85 16.66
C THR B 106 -39.55 13.79 17.97
N GLU B 107 -40.08 13.04 18.93
CA GLU B 107 -39.56 12.97 20.31
C GLU B 107 -38.88 11.65 20.58
N GLU B 108 -37.82 11.70 21.38
CA GLU B 108 -37.08 10.50 21.81
C GLU B 108 -36.67 9.65 20.60
N ARG B 109 -36.04 10.29 19.63
CA ARG B 109 -35.64 9.62 18.39
C ARG B 109 -34.52 8.62 18.65
N ILE B 110 -34.47 7.59 17.82
CA ILE B 110 -33.30 6.73 17.72
C ILE B 110 -32.11 7.62 17.30
N PRO B 111 -30.98 7.52 18.01
CA PRO B 111 -29.83 8.34 17.63
C PRO B 111 -29.26 8.07 16.23
N ASN B 112 -28.57 9.07 15.70
CA ASN B 112 -27.75 8.93 14.52
C ASN B 112 -26.58 8.03 14.85
N ASN B 113 -26.01 7.39 13.83
CA ASN B 113 -24.88 6.46 14.00
C ASN B 113 -25.25 5.20 14.77
N THR B 114 -26.52 4.84 14.74
CA THR B 114 -27.00 3.58 15.28
C THR B 114 -26.38 2.41 14.51
N GLN B 115 -25.97 1.38 15.25
CA GLN B 115 -25.26 0.24 14.69
C GLN B 115 -26.16 -0.93 14.30
N TRP B 116 -27.31 -1.05 14.96
CA TRP B 116 -28.27 -2.10 14.69
C TRP B 116 -29.62 -1.82 15.38
N VAL B 117 -30.73 -2.02 14.67
CA VAL B 117 -32.10 -1.84 15.21
C VAL B 117 -32.98 -3.03 14.85
N THR B 118 -33.83 -3.47 15.78
CA THR B 118 -34.79 -4.55 15.54
C THR B 118 -36.10 -4.29 16.23
N TRP B 119 -37.19 -4.50 15.50
CA TRP B 119 -38.50 -4.67 16.11
C TRP B 119 -38.49 -6.00 16.86
N SER B 120 -39.18 -6.07 17.99
CA SER B 120 -39.53 -7.36 18.60
C SER B 120 -40.34 -8.18 17.57
N PRO B 121 -40.45 -9.52 17.75
CA PRO B 121 -41.15 -10.32 16.72
C PRO B 121 -42.66 -10.12 16.69
N VAL B 122 -43.23 -9.67 17.81
CA VAL B 122 -44.65 -9.33 17.93
C VAL B 122 -44.76 -7.93 18.53
N GLY B 123 -45.84 -7.21 18.21
CA GLY B 123 -46.05 -5.87 18.73
C GLY B 123 -45.18 -4.83 18.07
N HIS B 124 -44.66 -3.88 18.85
CA HIS B 124 -43.81 -2.81 18.32
C HIS B 124 -42.67 -2.37 19.27
N LYS B 125 -42.10 -3.30 20.02
CA LYS B 125 -40.94 -2.96 20.83
C LYS B 125 -39.70 -2.79 19.94
N LEU B 126 -38.75 -1.98 20.39
CA LEU B 126 -37.53 -1.72 19.64
C LEU B 126 -36.29 -1.94 20.48
N ALA B 127 -35.33 -2.67 19.91
CA ALA B 127 -34.02 -2.83 20.52
C ALA B 127 -33.00 -2.29 19.54
N TYR B 128 -32.12 -1.42 20.00
CA TYR B 128 -31.07 -0.90 19.15
C TYR B 128 -29.71 -0.80 19.87
N VAL B 129 -28.67 -0.61 19.07
CA VAL B 129 -27.30 -0.52 19.56
C VAL B 129 -26.71 0.77 19.04
N TRP B 130 -26.18 1.55 19.98
CA TRP B 130 -25.57 2.83 19.68
C TRP B 130 -24.35 2.96 20.60
N ASN B 131 -23.20 3.34 20.02
CA ASN B 131 -21.89 3.31 20.72
C ASN B 131 -21.60 2.02 21.48
N ASN B 132 -21.90 0.88 20.86
CA ASN B 132 -21.62 -0.43 21.45
C ASN B 132 -22.44 -0.81 22.68
N ASP B 133 -23.53 -0.07 22.94
CA ASP B 133 -24.46 -0.39 24.04
C ASP B 133 -25.91 -0.60 23.58
N ILE B 134 -26.61 -1.51 24.26
CA ILE B 134 -28.01 -1.85 23.95
C ILE B 134 -29.03 -0.92 24.64
N TYR B 135 -30.08 -0.58 23.91
CA TYR B 135 -31.19 0.26 24.35
C TYR B 135 -32.51 -0.37 23.97
N VAL B 136 -33.57 -0.09 24.74
CA VAL B 136 -34.91 -0.62 24.47
C VAL B 136 -35.99 0.47 24.54
N LYS B 137 -36.77 0.57 23.47
CA LYS B 137 -38.02 1.36 23.45
C LYS B 137 -39.21 0.41 23.54
N ILE B 138 -40.05 0.62 24.55
CA ILE B 138 -41.31 -0.11 24.69
C ILE B 138 -42.34 0.50 23.75
N GLU B 139 -42.34 1.84 23.68
CA GLU B 139 -43.17 2.58 22.72
C GLU B 139 -42.29 3.54 21.94
N PRO B 140 -42.52 3.64 20.61
CA PRO B 140 -41.73 4.48 19.68
C PRO B 140 -41.51 5.95 20.07
N ASN B 141 -42.46 6.57 20.76
CA ASN B 141 -42.29 7.97 21.18
C ASN B 141 -41.84 8.16 22.64
N LEU B 142 -41.59 7.05 23.32
CA LEU B 142 -41.13 7.07 24.71
C LEU B 142 -39.61 6.94 24.82
N PRO B 143 -39.01 7.46 25.92
CA PRO B 143 -37.57 7.32 26.19
C PRO B 143 -37.07 5.86 26.25
N SER B 144 -35.90 5.63 25.67
CA SER B 144 -35.31 4.31 25.69
C SER B 144 -34.75 3.94 27.06
N TYR B 145 -34.73 2.64 27.35
CA TYR B 145 -34.07 2.11 28.52
C TYR B 145 -32.68 1.64 28.13
N ARG B 146 -31.68 2.06 28.89
CA ARG B 146 -30.30 1.63 28.67
C ARG B 146 -30.04 0.30 29.36
N ILE B 147 -29.82 -0.74 28.56
CA ILE B 147 -29.59 -2.10 29.03
C ILE B 147 -28.14 -2.37 29.47
N THR B 148 -27.18 -1.79 28.77
CA THR B 148 -25.76 -2.05 29.04
C THR B 148 -25.02 -0.71 29.11
N TRP B 149 -23.92 -0.68 29.87
CA TRP B 149 -23.17 0.53 30.14
C TRP B 149 -21.69 0.35 29.82
N THR B 150 -21.32 -0.87 29.44
CA THR B 150 -19.92 -1.27 29.24
C THR B 150 -19.34 -1.01 27.83
N GLY B 151 -20.20 -0.73 26.86
CA GLY B 151 -19.80 -0.57 25.46
C GLY B 151 -18.64 0.39 25.23
N LYS B 152 -17.63 -0.10 24.53
CA LYS B 152 -16.42 0.68 24.23
C LYS B 152 -15.92 0.35 22.81
N GLU B 153 -15.70 1.39 22.02
CA GLU B 153 -15.29 1.22 20.62
C GLU B 153 -14.06 0.32 20.49
N ASP B 154 -14.17 -0.68 19.63
CA ASP B 154 -13.07 -1.62 19.32
C ASP B 154 -12.63 -2.51 20.49
N ILE B 155 -13.38 -2.46 21.60
CA ILE B 155 -13.00 -3.18 22.82
C ILE B 155 -14.11 -4.07 23.38
N ILE B 156 -15.23 -3.46 23.78
CA ILE B 156 -16.40 -4.20 24.27
C ILE B 156 -17.58 -4.01 23.31
N TYR B 157 -18.12 -5.13 22.82
CA TYR B 157 -19.26 -5.12 21.91
C TYR B 157 -20.51 -5.70 22.58
N ASN B 158 -21.54 -4.88 22.77
CA ASN B 158 -22.81 -5.34 23.36
C ASN B 158 -23.92 -5.36 22.30
N GLY B 159 -24.39 -6.56 21.97
CA GLY B 159 -25.53 -6.69 21.06
C GLY B 159 -25.14 -6.57 19.60
N ILE B 160 -23.85 -6.40 19.36
CA ILE B 160 -23.29 -6.50 18.02
C ILE B 160 -22.05 -7.38 18.02
N THR B 161 -21.69 -7.85 16.83
CA THR B 161 -20.49 -8.67 16.64
C THR B 161 -19.25 -7.81 16.34
N ASP B 162 -18.09 -8.37 16.60
CA ASP B 162 -16.82 -7.76 16.26
C ASP B 162 -16.49 -8.32 14.88
N TRP B 163 -15.32 -7.97 14.33
CA TRP B 163 -14.96 -8.37 12.97
C TRP B 163 -15.07 -9.88 12.61
N VAL B 164 -14.44 -10.76 13.40
CA VAL B 164 -14.47 -12.22 13.10
C VAL B 164 -15.82 -12.85 13.28
N TYR B 165 -16.57 -12.40 14.30
CA TYR B 165 -17.88 -13.00 14.57
C TYR B 165 -18.84 -12.66 13.45
N GLU B 166 -18.76 -11.41 13.00
CA GLU B 166 -19.55 -10.93 11.88
C GLU B 166 -19.26 -11.75 10.64
N GLU B 167 -17.98 -11.84 10.30
CA GLU B 167 -17.55 -12.47 9.05
C GLU B 167 -17.67 -13.99 9.08
N GLU B 168 -17.22 -14.61 10.18
CA GLU B 168 -16.94 -16.04 10.19
C GLU B 168 -17.94 -16.93 10.95
N VAL B 169 -18.78 -16.33 11.79
CA VAL B 169 -19.65 -17.07 12.67
C VAL B 169 -21.13 -16.81 12.36
N PHE B 170 -21.61 -15.61 12.69
CA PHE B 170 -23.03 -15.30 12.57
C PHE B 170 -23.44 -14.74 11.23
N SER B 171 -22.48 -14.43 10.36
CA SER B 171 -22.72 -13.73 9.09
C SER B 171 -23.68 -12.54 9.25
N ALA B 172 -23.58 -11.86 10.40
CA ALA B 172 -24.44 -10.71 10.69
C ALA B 172 -23.71 -9.77 11.61
N TYR B 173 -24.18 -8.53 11.69
CA TYR B 173 -23.61 -7.55 12.60
C TYR B 173 -24.33 -7.64 13.95
N SER B 174 -25.60 -8.04 13.89
CA SER B 174 -26.47 -8.22 15.04
C SER B 174 -26.01 -9.31 15.98
N ALA B 175 -26.16 -9.07 17.28
CA ALA B 175 -25.97 -10.12 18.28
C ALA B 175 -27.07 -9.96 19.34
N LEU B 176 -28.28 -9.74 18.85
CA LEU B 176 -29.52 -9.55 19.62
C LEU B 176 -30.50 -10.62 19.18
N TRP B 177 -31.15 -11.29 20.13
CA TRP B 177 -32.21 -12.25 19.82
C TRP B 177 -33.41 -12.11 20.74
N TRP B 178 -34.52 -11.57 20.23
CA TRP B 178 -35.78 -11.47 20.98
C TRP B 178 -36.40 -12.85 21.14
N SER B 179 -37.07 -13.08 22.27
CA SER B 179 -37.90 -14.27 22.48
C SER B 179 -39.18 -14.14 21.64
N PRO B 180 -39.86 -15.26 21.34
CA PRO B 180 -41.01 -15.13 20.43
C PRO B 180 -42.11 -14.20 20.96
N ASN B 181 -42.30 -14.16 22.27
CA ASN B 181 -43.15 -13.15 22.93
C ASN B 181 -42.66 -11.73 22.73
N GLY B 182 -41.34 -11.56 22.76
CA GLY B 182 -40.70 -10.25 22.89
C GLY B 182 -40.49 -9.87 24.35
N THR B 183 -40.72 -10.83 25.26
CA THR B 183 -40.55 -10.61 26.70
C THR B 183 -39.08 -10.48 27.05
N PHE B 184 -38.29 -11.45 26.58
CA PHE B 184 -36.87 -11.49 26.86
C PHE B 184 -36.07 -11.03 25.66
N LEU B 185 -34.98 -10.34 25.93
CA LEU B 185 -34.03 -9.96 24.90
C LEU B 185 -32.73 -10.66 25.22
N ALA B 186 -32.34 -11.62 24.38
CA ALA B 186 -31.04 -12.28 24.54
C ALA B 186 -30.00 -11.51 23.76
N TYR B 187 -28.76 -11.51 24.22
CA TYR B 187 -27.69 -10.82 23.53
C TYR B 187 -26.31 -11.31 23.92
N ALA B 188 -25.38 -11.20 22.97
CA ALA B 188 -23.99 -11.58 23.21
C ALA B 188 -23.13 -10.35 23.51
N GLN B 189 -22.13 -10.56 24.36
CA GLN B 189 -21.10 -9.56 24.61
C GLN B 189 -19.75 -10.08 24.15
N PHE B 190 -19.05 -9.29 23.33
CA PHE B 190 -17.74 -9.67 22.85
C PHE B 190 -16.70 -8.74 23.44
N ASN B 191 -15.57 -9.32 23.85
CA ASN B 191 -14.47 -8.60 24.42
C ASN B 191 -13.20 -8.81 23.59
N ASP B 192 -12.74 -7.72 22.98
CA ASP B 192 -11.60 -7.73 22.06
C ASP B 192 -10.34 -7.11 22.68
N THR B 193 -10.33 -6.95 24.01
CA THR B 193 -9.26 -6.19 24.70
C THR B 193 -7.84 -6.57 24.33
N GLU B 194 -7.59 -7.87 24.15
CA GLU B 194 -6.23 -8.33 23.83
C GLU B 194 -6.06 -8.85 22.38
N VAL B 195 -7.07 -8.64 21.55
CA VAL B 195 -7.04 -9.05 20.17
C VAL B 195 -6.15 -8.05 19.42
N PRO B 196 -5.09 -8.54 18.74
CA PRO B 196 -4.19 -7.66 17.99
C PRO B 196 -4.91 -6.93 16.85
N LEU B 197 -4.33 -5.82 16.43
CA LEU B 197 -4.96 -4.94 15.47
C LEU B 197 -4.29 -5.02 14.12
N ILE B 198 -5.10 -5.12 13.07
CA ILE B 198 -4.58 -4.93 11.72
C ILE B 198 -4.68 -3.46 11.32
N GLU B 199 -3.58 -2.95 10.77
CA GLU B 199 -3.46 -1.54 10.42
C GLU B 199 -3.19 -1.41 8.93
N TYR B 200 -3.84 -0.44 8.30
CA TYR B 200 -3.60 -0.11 6.90
C TYR B 200 -4.02 1.33 6.60
N SER B 201 -3.38 1.92 5.60
CA SER B 201 -3.70 3.27 5.13
C SER B 201 -5.00 3.33 4.32
N PHE B 202 -5.79 4.38 4.58
CA PHE B 202 -6.90 4.81 3.72
C PHE B 202 -6.60 6.21 3.16
N TYR B 203 -6.59 6.33 1.84
CA TYR B 203 -6.12 7.58 1.24
C TYR B 203 -7.22 8.63 1.11
N SER B 204 -8.47 8.18 0.94
CA SER B 204 -9.65 9.02 0.85
C SER B 204 -9.54 9.95 -0.35
N ASP B 205 -10.35 11.01 -0.38
CA ASP B 205 -10.28 11.98 -1.47
C ASP B 205 -8.93 12.63 -1.55
N GLU B 206 -8.60 13.09 -2.73
CA GLU B 206 -7.34 13.74 -3.05
C GLU B 206 -7.06 14.96 -2.14
N SER B 207 -8.11 15.49 -1.52
CA SER B 207 -8.02 16.65 -0.66
C SER B 207 -7.49 16.33 0.74
N LEU B 208 -7.55 15.05 1.12
CA LEU B 208 -7.00 14.61 2.41
C LEU B 208 -5.47 14.68 2.30
N GLN B 209 -4.85 15.59 3.07
CA GLN B 209 -3.41 15.77 2.99
C GLN B 209 -2.57 14.62 3.58
N TYR B 210 -3.03 14.07 4.70
CA TYR B 210 -2.35 12.94 5.35
C TYR B 210 -3.23 11.70 5.37
N PRO B 211 -2.72 10.57 4.82
CA PRO B 211 -3.50 9.31 4.81
C PRO B 211 -3.98 8.93 6.20
N LYS B 212 -5.14 8.30 6.28
CA LYS B 212 -5.69 7.81 7.53
C LYS B 212 -5.23 6.36 7.78
N THR B 213 -4.92 6.02 9.03
CA THR B 213 -4.64 4.65 9.40
C THR B 213 -5.87 3.99 10.05
N VAL B 214 -6.43 3.01 9.33
CA VAL B 214 -7.56 2.23 9.81
C VAL B 214 -7.00 1.12 10.70
N ARG B 215 -7.60 0.92 11.87
CA ARG B 215 -7.14 -0.07 12.85
C ARG B 215 -8.30 -0.95 13.26
N VAL B 216 -8.18 -2.25 13.07
CA VAL B 216 -9.29 -3.19 13.31
C VAL B 216 -8.84 -4.36 14.17
N PRO B 217 -9.53 -4.60 15.30
CA PRO B 217 -9.25 -5.84 16.02
C PRO B 217 -9.52 -7.04 15.13
N TYR B 218 -8.48 -7.82 14.85
CA TYR B 218 -8.54 -8.89 13.85
C TYR B 218 -7.56 -9.96 14.27
N PRO B 219 -8.06 -11.09 14.82
CA PRO B 219 -7.16 -12.18 15.21
C PRO B 219 -6.71 -13.01 14.01
N LYS B 220 -5.42 -13.00 13.72
CA LYS B 220 -4.85 -13.84 12.67
C LYS B 220 -4.67 -15.26 13.21
N ALA B 221 -4.31 -16.22 12.37
CA ALA B 221 -4.21 -17.62 12.80
C ALA B 221 -3.31 -17.77 14.03
N GLY B 222 -3.89 -18.32 15.10
CA GLY B 222 -3.13 -18.64 16.32
C GLY B 222 -2.98 -17.50 17.29
N ALA B 223 -3.59 -16.35 17.00
CA ALA B 223 -3.52 -15.19 17.87
C ALA B 223 -4.62 -15.24 18.90
N VAL B 224 -4.58 -14.29 19.84
CA VAL B 224 -5.59 -14.14 20.88
C VAL B 224 -6.94 -13.74 20.27
N ASN B 225 -7.95 -14.60 20.47
CA ASN B 225 -9.30 -14.39 20.02
C ASN B 225 -10.10 -13.48 20.96
N PRO B 226 -11.24 -12.93 20.48
CA PRO B 226 -12.15 -12.26 21.43
C PRO B 226 -12.76 -13.28 22.39
N THR B 227 -13.22 -12.82 23.56
CA THR B 227 -13.97 -13.69 24.45
C THR B 227 -15.45 -13.30 24.44
N VAL B 228 -16.31 -14.27 24.75
CA VAL B 228 -17.75 -14.06 24.68
C VAL B 228 -18.47 -14.41 25.98
N LYS B 229 -19.51 -13.62 26.24
CA LYS B 229 -20.46 -13.87 27.32
C LYS B 229 -21.86 -13.78 26.73
N PHE B 230 -22.83 -14.41 27.39
CA PHE B 230 -24.20 -14.39 26.92
C PHE B 230 -25.17 -14.00 28.02
N PHE B 231 -26.09 -13.08 27.70
CA PHE B 231 -27.03 -12.50 28.65
C PHE B 231 -28.47 -12.53 28.14
N VAL B 232 -29.43 -12.54 29.07
CA VAL B 232 -30.86 -12.42 28.75
C VAL B 232 -31.50 -11.44 29.73
N VAL B 233 -32.22 -10.46 29.19
CA VAL B 233 -32.92 -9.43 29.97
C VAL B 233 -34.43 -9.55 29.80
N ASN B 234 -35.17 -9.44 30.90
CA ASN B 234 -36.63 -9.37 30.87
C ASN B 234 -37.09 -7.95 30.59
N THR B 235 -37.62 -7.76 29.40
CA THR B 235 -38.01 -6.47 28.85
C THR B 235 -39.32 -5.93 29.48
N ASP B 236 -40.09 -6.83 30.10
CA ASP B 236 -41.38 -6.48 30.72
C ASP B 236 -41.21 -5.76 32.06
N SER B 237 -40.05 -5.95 32.71
CA SER B 237 -39.81 -5.43 34.05
C SER B 237 -38.73 -4.34 34.07
N LEU B 238 -38.93 -3.29 33.29
CA LEU B 238 -37.91 -2.23 33.18
C LEU B 238 -38.30 -0.97 33.96
N SER B 239 -37.30 -0.30 34.53
CA SER B 239 -37.53 0.91 35.32
C SER B 239 -36.75 2.10 34.79
N SER B 240 -37.42 3.26 34.77
CA SER B 240 -36.85 4.49 34.25
C SER B 240 -35.93 5.19 35.25
N VAL B 241 -35.88 4.68 36.48
CA VAL B 241 -35.00 5.24 37.53
C VAL B 241 -34.06 4.19 38.14
N THR B 242 -34.04 3.00 37.55
CA THR B 242 -33.23 1.87 38.02
C THR B 242 -32.70 1.07 36.84
N ASN B 243 -31.38 0.87 36.83
CA ASN B 243 -30.67 0.09 35.80
C ASN B 243 -31.21 -1.34 35.71
N ALA B 244 -31.43 -1.81 34.48
CA ALA B 244 -31.95 -3.14 34.20
C ALA B 244 -30.99 -4.27 34.57
N THR B 245 -31.57 -5.44 34.88
CA THR B 245 -30.80 -6.63 35.28
C THR B 245 -30.72 -7.62 34.14
N SER B 246 -29.49 -8.00 33.78
CA SER B 246 -29.26 -8.98 32.73
C SER B 246 -28.77 -10.27 33.37
N ILE B 247 -29.50 -11.36 33.16
CA ILE B 247 -29.08 -12.65 33.69
C ILE B 247 -28.13 -13.36 32.71
N GLN B 248 -26.91 -13.60 33.18
CA GLN B 248 -25.89 -14.30 32.40
C GLN B 248 -26.15 -15.81 32.29
N ILE B 249 -25.99 -16.33 31.08
CA ILE B 249 -25.95 -17.75 30.84
C ILE B 249 -24.51 -18.13 30.50
N THR B 250 -23.95 -18.99 31.33
CA THR B 250 -22.55 -19.39 31.24
C THR B 250 -22.40 -20.62 30.34
N ALA B 251 -21.30 -20.65 29.58
CA ALA B 251 -20.98 -21.77 28.70
C ALA B 251 -20.69 -23.02 29.53
N PRO B 252 -20.98 -24.22 28.99
CA PRO B 252 -20.73 -25.47 29.69
C PRO B 252 -19.27 -25.69 30.06
N ALA B 253 -19.04 -26.48 31.11
CA ALA B 253 -17.69 -26.80 31.64
C ALA B 253 -16.73 -27.26 30.57
N SER B 254 -17.23 -28.13 29.68
CA SER B 254 -16.45 -28.67 28.57
C SER B 254 -16.01 -27.63 27.51
N MET B 255 -16.48 -26.39 27.64
CA MET B 255 -16.06 -25.29 26.79
C MET B 255 -15.15 -24.35 27.54
N LEU B 256 -15.56 -24.00 28.77
CA LEU B 256 -14.82 -23.07 29.63
C LEU B 256 -13.41 -23.54 29.96
N ILE B 257 -13.15 -24.83 29.74
CA ILE B 257 -11.82 -25.44 29.84
C ILE B 257 -10.74 -24.66 29.05
N GLY B 258 -11.09 -24.16 27.88
CA GLY B 258 -10.18 -23.35 27.05
C GLY B 258 -10.88 -22.33 26.17
N ASP B 259 -10.20 -21.94 25.09
CA ASP B 259 -10.76 -21.03 24.08
C ASP B 259 -11.95 -21.69 23.36
N HIS B 260 -13.00 -20.91 23.14
CA HIS B 260 -14.24 -21.44 22.55
C HIS B 260 -15.03 -20.34 21.86
N TYR B 261 -15.99 -20.74 21.02
CA TYR B 261 -16.91 -19.80 20.39
C TYR B 261 -18.37 -20.12 20.74
N LEU B 262 -19.18 -19.06 20.82
CA LEU B 262 -20.64 -19.17 20.73
C LEU B 262 -20.96 -19.26 19.24
N CYS B 263 -21.75 -20.26 18.88
CA CYS B 263 -21.97 -20.58 17.48
C CYS B 263 -23.36 -20.39 16.91
N ASP B 264 -24.36 -20.42 17.77
CA ASP B 264 -25.76 -20.43 17.35
C ASP B 264 -26.64 -20.11 18.55
N VAL B 265 -27.63 -19.25 18.32
CA VAL B 265 -28.62 -18.88 19.32
C VAL B 265 -30.00 -19.03 18.68
N THR B 266 -30.82 -19.91 19.25
CA THR B 266 -32.15 -20.21 18.72
C THR B 266 -33.14 -20.35 19.87
N TRP B 267 -34.12 -19.45 19.92
CA TRP B 267 -35.24 -19.57 20.84
C TRP B 267 -36.08 -20.79 20.49
N ALA B 268 -36.48 -21.56 21.51
CA ALA B 268 -37.27 -22.76 21.30
C ALA B 268 -38.75 -22.55 21.63
N THR B 269 -39.01 -21.82 22.72
CA THR B 269 -40.36 -21.44 23.16
C THR B 269 -40.26 -20.07 23.84
N GLN B 270 -41.35 -19.65 24.49
CA GLN B 270 -41.36 -18.39 25.24
C GLN B 270 -40.40 -18.37 26.43
N GLU B 271 -40.00 -19.55 26.91
CA GLU B 271 -39.16 -19.65 28.11
C GLU B 271 -38.00 -20.63 27.97
N ARG B 272 -37.64 -20.97 26.72
CA ARG B 272 -36.55 -21.91 26.48
C ARG B 272 -35.65 -21.42 25.34
N ILE B 273 -34.35 -21.30 25.64
CA ILE B 273 -33.35 -20.91 24.64
C ILE B 273 -32.38 -22.05 24.37
N SER B 274 -32.08 -22.24 23.10
CA SER B 274 -31.01 -23.14 22.67
C SER B 274 -29.74 -22.34 22.34
N LEU B 275 -28.59 -22.88 22.75
CA LEU B 275 -27.31 -22.25 22.47
C LEU B 275 -26.32 -23.33 22.04
N GLN B 276 -25.62 -23.06 20.93
CA GLN B 276 -24.54 -23.93 20.53
C GLN B 276 -23.20 -23.27 20.79
N TRP B 277 -22.25 -24.06 21.25
CA TRP B 277 -20.93 -23.58 21.58
C TRP B 277 -19.95 -24.47 20.85
N LEU B 278 -18.77 -23.93 20.58
CA LEU B 278 -17.80 -24.62 19.77
C LEU B 278 -16.42 -24.33 20.33
N ARG B 279 -15.58 -25.36 20.40
CA ARG B 279 -14.23 -25.23 20.90
C ARG B 279 -13.33 -24.64 19.83
N ARG B 280 -12.28 -23.94 20.27
CA ARG B 280 -11.36 -23.32 19.32
C ARG B 280 -10.76 -24.36 18.36
N ILE B 281 -10.54 -25.58 18.84
CA ILE B 281 -10.34 -26.70 17.93
C ILE B 281 -11.74 -27.16 17.57
N GLN B 282 -12.13 -26.89 16.32
CA GLN B 282 -13.52 -26.89 15.88
C GLN B 282 -14.00 -28.29 15.52
N ASN B 283 -13.72 -29.21 16.44
CA ASN B 283 -13.91 -30.64 16.32
C ASN B 283 -15.12 -31.06 17.14
N TYR B 284 -15.59 -30.15 17.98
CA TYR B 284 -16.39 -30.51 19.12
C TYR B 284 -17.30 -29.36 19.46
N SER B 285 -18.61 -29.60 19.42
CA SER B 285 -19.59 -28.60 19.80
C SER B 285 -20.64 -29.16 20.74
N VAL B 286 -21.28 -28.24 21.48
CA VAL B 286 -22.24 -28.60 22.50
C VAL B 286 -23.49 -27.73 22.37
N MET B 287 -24.65 -28.37 22.30
CA MET B 287 -25.91 -27.66 22.40
C MET B 287 -26.43 -27.62 23.84
N ASP B 288 -26.54 -26.41 24.38
CA ASP B 288 -27.16 -26.16 25.68
C ASP B 288 -28.63 -25.79 25.52
N ILE B 289 -29.45 -26.34 26.41
CA ILE B 289 -30.88 -26.04 26.43
C ILE B 289 -31.19 -25.42 27.77
N CYS B 290 -31.64 -24.18 27.75
CA CYS B 290 -31.78 -23.40 28.98
C CYS B 290 -33.20 -22.94 29.17
N ASP B 291 -33.80 -23.33 30.30
CA ASP B 291 -35.15 -22.92 30.63
C ASP B 291 -35.17 -21.80 31.66
N TYR B 292 -36.18 -20.97 31.59
CA TYR B 292 -36.36 -19.90 32.55
C TYR B 292 -37.07 -20.40 33.80
N ASP B 293 -36.66 -19.90 34.96
CA ASP B 293 -37.31 -20.24 36.23
C ASP B 293 -38.20 -19.06 36.64
N GLU B 294 -39.50 -19.29 36.75
CA GLU B 294 -40.41 -18.23 37.21
C GLU B 294 -40.15 -17.87 38.67
N SER B 295 -39.68 -18.86 39.45
CA SER B 295 -39.32 -18.69 40.86
C SER B 295 -38.12 -17.76 41.06
N SER B 296 -36.93 -18.23 40.70
CA SER B 296 -35.70 -17.45 40.91
C SER B 296 -35.51 -16.32 39.91
N GLY B 297 -36.09 -16.46 38.73
CA GLY B 297 -35.86 -15.49 37.66
C GLY B 297 -34.51 -15.72 37.00
N ARG B 298 -34.06 -16.98 37.03
CA ARG B 298 -32.81 -17.38 36.39
C ARG B 298 -33.01 -18.38 35.23
N TRP B 299 -31.93 -18.60 34.50
CA TRP B 299 -31.91 -19.54 33.39
C TRP B 299 -31.01 -20.69 33.75
N ASN B 300 -31.49 -21.92 33.55
CA ASN B 300 -30.76 -23.13 33.92
C ASN B 300 -30.64 -24.10 32.77
N CYS B 301 -29.40 -24.49 32.49
CA CYS B 301 -29.11 -25.37 31.37
C CYS B 301 -28.67 -26.73 31.90
N LEU B 302 -29.64 -27.64 32.03
CA LEU B 302 -29.40 -28.97 32.58
C LEU B 302 -28.40 -29.80 31.77
N VAL B 303 -27.29 -30.11 32.43
CA VAL B 303 -26.17 -30.87 31.85
C VAL B 303 -26.61 -32.13 31.13
N ALA B 304 -27.63 -32.79 31.65
CA ALA B 304 -28.09 -34.06 31.10
C ALA B 304 -28.83 -33.91 29.77
N ARG B 305 -29.27 -32.69 29.46
CA ARG B 305 -30.01 -32.48 28.20
C ARG B 305 -29.14 -31.84 27.10
N GLN B 306 -27.83 -31.72 27.36
CA GLN B 306 -26.83 -31.26 26.40
C GLN B 306 -26.67 -32.24 25.25
N HIS B 307 -26.62 -31.73 24.03
CA HIS B 307 -26.37 -32.54 22.85
C HIS B 307 -25.00 -32.25 22.27
N ILE B 308 -24.24 -33.29 21.98
CA ILE B 308 -22.87 -33.16 21.52
C ILE B 308 -22.72 -33.58 20.05
N GLU B 309 -21.97 -32.76 19.32
CA GLU B 309 -21.67 -33.01 17.93
C GLU B 309 -20.17 -32.85 17.76
N MET B 310 -19.53 -33.92 17.31
CA MET B 310 -18.11 -33.92 17.05
C MET B 310 -17.81 -34.55 15.70
N SER B 311 -16.64 -34.29 15.16
CA SER B 311 -16.23 -34.88 13.90
C SER B 311 -14.97 -35.68 14.05
N THR B 312 -14.88 -36.79 13.33
CA THR B 312 -13.66 -37.62 13.32
C THR B 312 -12.78 -37.20 12.15
N THR B 313 -13.43 -36.90 11.03
CA THR B 313 -12.73 -36.67 9.76
C THR B 313 -12.36 -35.21 9.52
N GLY B 314 -13.19 -34.29 10.00
CA GLY B 314 -12.92 -32.88 9.79
C GLY B 314 -13.37 -31.98 10.92
N TRP B 315 -14.02 -30.89 10.53
CA TRP B 315 -14.57 -29.89 11.43
C TRP B 315 -16.07 -30.19 11.59
N VAL B 316 -16.76 -29.42 12.42
CA VAL B 316 -18.21 -29.59 12.60
C VAL B 316 -19.02 -28.61 11.72
N GLY B 317 -19.99 -29.15 10.97
CA GLY B 317 -20.86 -28.36 10.11
C GLY B 317 -20.24 -28.09 8.76
N ARG B 318 -20.93 -27.33 7.91
CA ARG B 318 -20.36 -26.91 6.63
C ARG B 318 -19.36 -25.78 6.83
N PHE B 319 -19.84 -24.69 7.46
CA PHE B 319 -18.97 -23.58 7.88
C PHE B 319 -19.12 -23.34 9.38
N ARG B 320 -20.10 -24.00 9.97
CA ARG B 320 -20.37 -23.98 11.41
C ARG B 320 -21.45 -25.04 11.71
N PRO B 321 -21.60 -25.43 13.00
CA PRO B 321 -22.70 -26.35 13.35
C PRO B 321 -24.07 -25.81 12.91
N SER B 322 -24.88 -26.68 12.33
CA SER B 322 -26.20 -26.33 11.77
C SER B 322 -27.19 -25.93 12.84
N GLU B 323 -28.21 -25.19 12.44
CA GLU B 323 -29.19 -24.66 13.39
C GLU B 323 -30.35 -25.63 13.59
N PRO B 324 -30.90 -25.66 14.82
CA PRO B 324 -32.06 -26.50 15.10
C PRO B 324 -33.38 -25.86 14.64
N HIS B 325 -34.28 -26.71 14.18
CA HIS B 325 -35.65 -26.29 13.92
C HIS B 325 -36.57 -27.01 14.92
N PHE B 326 -37.09 -26.26 15.88
CA PHE B 326 -37.91 -26.81 16.96
C PHE B 326 -39.36 -27.03 16.56
N THR B 327 -39.94 -28.09 17.12
CA THR B 327 -41.38 -28.31 17.03
C THR B 327 -42.06 -27.25 17.89
N LEU B 328 -43.34 -26.98 17.59
CA LEU B 328 -44.10 -25.93 18.29
C LEU B 328 -44.02 -25.95 19.83
N ASP B 329 -44.00 -27.16 20.42
CA ASP B 329 -43.97 -27.28 21.89
C ASP B 329 -42.57 -27.16 22.50
N GLY B 330 -41.54 -27.16 21.65
CA GLY B 330 -40.17 -26.94 22.09
C GLY B 330 -39.43 -28.11 22.71
N ASN B 331 -39.98 -29.31 22.58
CA ASN B 331 -39.43 -30.55 23.19
C ASN B 331 -38.57 -31.38 22.25
N SER B 332 -38.69 -31.12 20.96
CA SER B 332 -37.94 -31.86 19.98
C SER B 332 -37.56 -30.89 18.87
N PHE B 333 -36.61 -31.31 18.04
CA PHE B 333 -36.14 -30.48 16.94
C PHE B 333 -35.43 -31.29 15.83
N TYR B 334 -35.20 -30.62 14.71
CA TYR B 334 -34.52 -31.20 13.57
C TYR B 334 -33.27 -30.40 13.24
N LYS B 335 -32.25 -31.08 12.74
CA LYS B 335 -30.94 -30.49 12.59
C LYS B 335 -30.25 -31.33 11.52
N ILE B 336 -29.60 -30.65 10.57
CA ILE B 336 -28.80 -31.32 9.54
C ILE B 336 -27.48 -31.74 10.17
N ILE B 337 -27.19 -33.02 10.03
CA ILE B 337 -26.04 -33.64 10.67
C ILE B 337 -25.45 -34.62 9.66
N SER B 338 -24.13 -34.78 9.72
CA SER B 338 -23.49 -35.72 8.83
C SER B 338 -23.69 -37.14 9.36
N ASN B 339 -24.29 -38.02 8.54
CA ASN B 339 -24.57 -39.39 8.95
C ASN B 339 -23.32 -40.31 9.01
N GLU B 340 -23.53 -41.59 9.35
CA GLU B 340 -22.44 -42.59 9.41
C GLU B 340 -21.68 -42.78 8.09
N GLU B 341 -22.31 -42.46 6.97
CA GLU B 341 -21.68 -42.50 5.65
C GLU B 341 -20.97 -41.18 5.26
N GLY B 342 -21.16 -40.14 6.06
CA GLY B 342 -20.62 -38.81 5.78
C GLY B 342 -21.48 -37.89 4.92
N TYR B 343 -22.70 -38.31 4.61
CA TYR B 343 -23.66 -37.45 3.91
C TYR B 343 -24.57 -36.73 4.90
N ARG B 344 -24.88 -35.48 4.59
CA ARG B 344 -25.65 -34.61 5.51
C ARG B 344 -27.15 -34.75 5.33
N HIS B 345 -27.79 -35.20 6.41
CA HIS B 345 -29.22 -35.46 6.42
C HIS B 345 -29.90 -34.95 7.67
N ILE B 346 -31.23 -34.95 7.65
CA ILE B 346 -32.04 -34.42 8.76
C ILE B 346 -32.13 -35.45 9.88
N CYS B 347 -31.70 -35.05 11.07
CA CYS B 347 -31.83 -35.86 12.28
C CYS B 347 -32.89 -35.30 13.22
N TYR B 348 -33.68 -36.20 13.80
CA TYR B 348 -34.71 -35.84 14.78
C TYR B 348 -34.22 -36.07 16.21
N PHE B 349 -34.24 -35.01 17.01
CA PHE B 349 -33.82 -35.04 18.41
C PHE B 349 -35.03 -34.85 19.32
N GLN B 350 -35.08 -35.59 20.42
CA GLN B 350 -36.06 -35.34 21.49
C GLN B 350 -35.29 -34.96 22.74
N ILE B 351 -35.71 -33.89 23.40
CA ILE B 351 -34.85 -33.12 24.33
C ILE B 351 -34.21 -33.84 25.54
N ASP B 352 -34.96 -34.70 26.22
CA ASP B 352 -34.37 -35.47 27.33
C ASP B 352 -33.99 -36.90 26.95
N LYS B 353 -33.90 -37.17 25.65
CA LYS B 353 -33.40 -38.44 25.10
C LYS B 353 -32.02 -38.27 24.45
N LYS B 354 -31.22 -39.33 24.49
CA LYS B 354 -29.78 -39.26 24.18
C LYS B 354 -29.36 -39.12 22.70
N ASP B 355 -29.83 -39.98 21.82
CA ASP B 355 -29.33 -39.94 20.45
C ASP B 355 -30.18 -39.06 19.52
N CYS B 356 -30.15 -39.36 18.23
CA CYS B 356 -31.15 -38.82 17.30
C CYS B 356 -31.45 -39.84 16.23
N THR B 357 -32.53 -39.58 15.50
CA THR B 357 -33.04 -40.44 14.46
C THR B 357 -32.91 -39.73 13.12
N PHE B 358 -32.26 -40.39 12.16
CA PHE B 358 -32.20 -39.90 10.80
C PHE B 358 -33.51 -40.14 10.07
N ILE B 359 -33.90 -39.12 9.33
CA ILE B 359 -35.23 -38.96 8.77
C ILE B 359 -35.10 -38.99 7.24
N THR B 360 -33.89 -38.70 6.78
CA THR B 360 -33.52 -38.78 5.36
C THR B 360 -32.23 -39.59 5.25
N LYS B 361 -31.99 -40.16 4.07
CA LYS B 361 -30.74 -40.88 3.80
C LYS B 361 -30.45 -40.98 2.31
N GLY B 362 -29.19 -41.30 1.98
CA GLY B 362 -28.79 -41.55 0.59
C GLY B 362 -27.52 -40.85 0.17
N THR B 363 -27.08 -41.11 -1.06
CA THR B 363 -25.83 -40.57 -1.60
C THR B 363 -26.02 -39.15 -2.19
N TRP B 364 -26.72 -38.32 -1.42
CA TRP B 364 -26.96 -36.91 -1.76
C TRP B 364 -27.01 -36.14 -0.44
N GLU B 365 -27.28 -34.84 -0.48
CA GLU B 365 -27.32 -34.07 0.76
C GLU B 365 -28.48 -33.11 0.89
N VAL B 366 -28.92 -32.93 2.12
CA VAL B 366 -29.86 -31.88 2.45
C VAL B 366 -29.07 -30.58 2.56
N ILE B 367 -29.54 -29.58 1.82
CA ILE B 367 -28.94 -28.26 1.80
C ILE B 367 -29.48 -27.45 2.99
N GLY B 368 -30.79 -27.38 3.15
CA GLY B 368 -31.40 -26.67 4.26
C GLY B 368 -32.81 -27.15 4.60
N ILE B 369 -33.19 -27.00 5.88
CA ILE B 369 -34.58 -27.14 6.34
C ILE B 369 -35.27 -25.77 6.19
N GLU B 370 -36.43 -25.75 5.54
CA GLU B 370 -37.05 -24.47 5.17
C GLU B 370 -38.32 -24.13 5.94
N ALA B 371 -39.07 -25.15 6.31
CA ALA B 371 -40.31 -24.98 7.07
C ALA B 371 -40.69 -26.27 7.78
N LEU B 372 -41.35 -26.12 8.91
CA LEU B 372 -41.80 -27.24 9.73
C LEU B 372 -43.20 -26.92 10.19
N THR B 373 -44.14 -27.79 9.85
CA THR B 373 -45.50 -27.75 10.43
C THR B 373 -45.73 -29.03 11.26
N SER B 374 -46.92 -29.16 11.85
CA SER B 374 -47.25 -30.35 12.62
C SER B 374 -47.25 -31.62 11.75
N ASP B 375 -47.47 -31.44 10.45
CA ASP B 375 -47.65 -32.58 9.53
C ASP B 375 -46.51 -32.74 8.54
N TYR B 376 -45.80 -31.64 8.26
CA TYR B 376 -44.78 -31.65 7.23
C TYR B 376 -43.50 -30.98 7.63
N LEU B 377 -42.39 -31.51 7.14
CA LEU B 377 -41.12 -30.79 7.13
C LEU B 377 -40.70 -30.57 5.66
N TYR B 378 -40.37 -29.32 5.36
CA TYR B 378 -39.97 -28.90 4.03
C TYR B 378 -38.46 -28.63 3.99
N TYR B 379 -37.78 -29.24 3.03
CA TYR B 379 -36.33 -29.12 2.93
C TYR B 379 -35.85 -29.02 1.47
N ILE B 380 -34.68 -28.43 1.28
CA ILE B 380 -34.04 -28.45 -0.05
C ILE B 380 -32.89 -29.45 -0.11
N SER B 381 -32.86 -30.25 -1.17
CA SER B 381 -31.75 -31.17 -1.41
C SER B 381 -31.29 -31.15 -2.85
N ASN B 382 -30.12 -31.76 -3.08
CA ASN B 382 -29.63 -32.02 -4.43
C ASN B 382 -29.87 -33.48 -4.90
N GLU B 383 -30.91 -34.12 -4.36
CA GLU B 383 -31.23 -35.51 -4.69
C GLU B 383 -31.55 -35.74 -6.18
N TYR B 384 -32.41 -34.89 -6.73
CA TYR B 384 -32.90 -35.06 -8.09
C TYR B 384 -31.79 -35.38 -9.09
N LYS B 385 -31.94 -36.53 -9.74
CA LYS B 385 -31.06 -37.04 -10.79
C LYS B 385 -29.58 -37.09 -10.43
N GLY B 386 -29.28 -37.29 -9.15
CA GLY B 386 -27.89 -37.41 -8.67
C GLY B 386 -26.98 -36.23 -9.03
N MET B 387 -27.57 -35.08 -9.33
CA MET B 387 -26.82 -33.87 -9.65
C MET B 387 -26.61 -33.03 -8.38
N PRO B 388 -25.36 -32.98 -7.89
CA PRO B 388 -25.00 -32.19 -6.71
C PRO B 388 -25.19 -30.69 -6.90
N GLY B 389 -25.31 -30.24 -8.14
CA GLY B 389 -25.37 -28.83 -8.47
C GLY B 389 -26.78 -28.38 -8.75
N GLY B 390 -27.75 -29.28 -8.53
CA GLY B 390 -29.17 -28.93 -8.63
C GLY B 390 -29.75 -28.74 -7.24
N ARG B 391 -30.87 -28.04 -7.16
CA ARG B 391 -31.54 -27.74 -5.88
C ARG B 391 -33.06 -27.84 -6.04
N ASN B 392 -33.70 -28.61 -5.16
CA ASN B 392 -35.14 -28.83 -5.21
C ASN B 392 -35.81 -28.86 -3.85
N LEU B 393 -37.05 -28.36 -3.81
CA LEU B 393 -37.87 -28.43 -2.61
C LEU B 393 -38.53 -29.80 -2.50
N TYR B 394 -38.39 -30.39 -1.30
CA TYR B 394 -39.08 -31.62 -0.94
C TYR B 394 -39.93 -31.43 0.32
N LYS B 395 -40.78 -32.41 0.57
CA LYS B 395 -41.78 -32.39 1.62
C LYS B 395 -41.86 -33.81 2.21
N ILE B 396 -41.71 -33.92 3.54
CA ILE B 396 -41.87 -35.21 4.27
C ILE B 396 -43.14 -35.22 5.13
N GLN B 397 -43.92 -36.29 5.03
CA GLN B 397 -44.99 -36.54 6.02
C GLN B 397 -44.35 -37.05 7.32
N LEU B 398 -44.63 -36.38 8.43
CA LEU B 398 -44.03 -36.74 9.71
C LEU B 398 -44.61 -38.04 10.28
N SER B 399 -45.81 -38.42 9.82
CA SER B 399 -46.40 -39.71 10.22
C SER B 399 -45.70 -40.88 9.52
N ASP B 400 -44.99 -40.61 8.42
CA ASP B 400 -44.33 -41.64 7.62
C ASP B 400 -43.16 -41.08 6.78
N TYR B 401 -41.93 -41.25 7.30
CA TYR B 401 -40.71 -40.66 6.74
C TYR B 401 -40.35 -41.09 5.31
N THR B 402 -40.94 -42.18 4.83
CA THR B 402 -40.64 -42.69 3.50
C THR B 402 -41.56 -42.04 2.46
N LYS B 403 -42.58 -41.33 2.94
CA LYS B 403 -43.50 -40.58 2.07
C LYS B 403 -42.96 -39.18 1.79
N VAL B 404 -42.10 -39.10 0.78
CA VAL B 404 -41.45 -37.85 0.38
C VAL B 404 -41.90 -37.41 -1.01
N THR B 405 -42.32 -36.15 -1.11
CA THR B 405 -42.76 -35.57 -2.39
C THR B 405 -41.83 -34.44 -2.83
N CYS B 406 -41.34 -34.53 -4.07
CA CYS B 406 -40.62 -33.38 -4.64
C CYS B 406 -41.63 -32.33 -5.12
N LEU B 407 -41.47 -31.09 -4.66
CA LEU B 407 -42.47 -30.06 -4.91
C LEU B 407 -42.15 -29.17 -6.10
N SER B 408 -40.95 -29.32 -6.66
CA SER B 408 -40.41 -28.39 -7.65
C SER B 408 -39.77 -29.09 -8.84
N CYS B 409 -39.33 -30.33 -8.63
CA CYS B 409 -38.67 -31.17 -9.64
C CYS B 409 -39.30 -31.05 -11.02
N GLU B 410 -40.60 -31.34 -11.09
CA GLU B 410 -41.30 -31.50 -12.35
C GLU B 410 -42.15 -30.30 -12.79
N LEU B 411 -41.98 -29.16 -12.11
CA LEU B 411 -42.70 -27.94 -12.47
C LEU B 411 -42.34 -27.42 -13.88
N ASN B 412 -41.06 -27.49 -14.22
CA ASN B 412 -40.53 -27.11 -15.55
C ASN B 412 -39.09 -27.61 -15.63
N PRO B 413 -38.89 -28.91 -15.94
CA PRO B 413 -37.60 -29.56 -15.76
C PRO B 413 -36.47 -29.10 -16.69
N GLU B 414 -36.83 -28.54 -17.85
CA GLU B 414 -35.87 -28.07 -18.82
C GLU B 414 -35.29 -26.74 -18.38
N ARG B 415 -36.18 -25.84 -17.96
CA ARG B 415 -35.84 -24.49 -17.56
C ARG B 415 -35.32 -24.38 -16.12
N CYS B 416 -35.84 -25.23 -15.24
CA CYS B 416 -35.72 -25.03 -13.80
C CYS B 416 -35.20 -26.24 -13.05
N GLN B 417 -33.97 -26.13 -12.56
CA GLN B 417 -33.30 -27.18 -11.80
C GLN B 417 -32.62 -26.66 -10.52
N TYR B 418 -32.82 -25.39 -10.20
CA TYR B 418 -32.14 -24.78 -9.05
C TYR B 418 -33.06 -23.83 -8.26
N TYR B 419 -33.73 -24.38 -7.24
CA TYR B 419 -34.74 -23.65 -6.50
C TYR B 419 -34.29 -23.17 -5.13
N SER B 420 -34.88 -22.05 -4.72
CA SER B 420 -34.91 -21.63 -3.32
C SER B 420 -36.36 -21.28 -3.02
N VAL B 421 -36.70 -21.09 -1.75
CA VAL B 421 -38.09 -20.93 -1.36
C VAL B 421 -38.25 -19.93 -0.22
N SER B 422 -39.41 -19.27 -0.20
CA SER B 422 -39.76 -18.40 0.89
C SER B 422 -41.20 -18.73 1.31
N PHE B 423 -41.35 -19.37 2.47
CA PHE B 423 -42.66 -19.70 3.07
C PHE B 423 -43.26 -18.53 3.85
N SER B 424 -44.58 -18.48 3.94
CA SER B 424 -45.28 -17.51 4.82
C SER B 424 -45.21 -18.00 6.27
N LYS B 425 -45.64 -17.16 7.22
CA LYS B 425 -45.80 -17.57 8.62
C LYS B 425 -46.74 -18.77 8.62
N GLU B 426 -46.40 -19.81 9.37
CA GLU B 426 -47.22 -21.05 9.38
C GLU B 426 -47.19 -21.81 8.06
N ALA B 427 -46.48 -21.26 7.07
CA ALA B 427 -46.22 -21.96 5.80
C ALA B 427 -47.49 -22.37 5.06
N LYS B 428 -48.51 -21.51 5.10
CA LYS B 428 -49.72 -21.72 4.32
C LYS B 428 -49.45 -21.53 2.81
N TYR B 429 -48.48 -20.69 2.47
CA TYR B 429 -48.07 -20.47 1.08
C TYR B 429 -46.57 -20.49 0.95
N TYR B 430 -46.08 -20.71 -0.27
CA TYR B 430 -44.67 -20.51 -0.55
C TYR B 430 -44.39 -19.90 -1.92
N GLN B 431 -43.34 -19.08 -1.97
CA GLN B 431 -42.81 -18.56 -3.22
C GLN B 431 -41.66 -19.45 -3.68
N LEU B 432 -41.75 -19.98 -4.88
CA LEU B 432 -40.62 -20.73 -5.43
C LEU B 432 -39.75 -19.79 -6.27
N ARG B 433 -38.44 -19.94 -6.14
CA ARG B 433 -37.53 -19.15 -6.94
C ARG B 433 -36.58 -20.06 -7.68
N CYS B 434 -36.74 -20.09 -8.99
CA CYS B 434 -35.89 -20.87 -9.88
C CYS B 434 -34.76 -19.95 -10.38
N SER B 435 -33.59 -20.54 -10.57
CA SER B 435 -32.38 -19.78 -10.85
C SER B 435 -31.64 -20.23 -12.10
N GLY B 436 -32.06 -21.36 -12.65
CA GLY B 436 -31.42 -21.90 -13.82
C GLY B 436 -31.77 -23.35 -14.02
N PRO B 437 -31.31 -23.95 -15.13
CA PRO B 437 -30.38 -23.40 -16.13
C PRO B 437 -30.96 -22.30 -17.01
N GLY B 438 -32.28 -22.14 -17.04
CA GLY B 438 -32.92 -21.11 -17.84
C GLY B 438 -32.99 -19.79 -17.11
N LEU B 439 -33.83 -18.88 -17.63
CA LEU B 439 -34.04 -17.62 -16.97
C LEU B 439 -34.81 -17.81 -15.64
N PRO B 440 -34.39 -17.08 -14.58
CA PRO B 440 -35.07 -17.10 -13.29
C PRO B 440 -36.59 -17.00 -13.42
N LEU B 441 -37.28 -17.86 -12.67
CA LEU B 441 -38.74 -17.89 -12.63
C LEU B 441 -39.22 -17.85 -11.17
N TYR B 442 -40.13 -16.93 -10.88
CA TYR B 442 -40.69 -16.74 -9.57
C TYR B 442 -42.21 -17.03 -9.57
N THR B 443 -42.63 -17.90 -8.65
CA THR B 443 -44.00 -18.42 -8.63
C THR B 443 -44.56 -18.51 -7.21
N LEU B 444 -45.86 -18.36 -7.08
CA LEU B 444 -46.54 -18.48 -5.80
C LEU B 444 -47.32 -19.80 -5.74
N HIS B 445 -47.16 -20.54 -4.64
CA HIS B 445 -47.90 -21.81 -4.44
C HIS B 445 -48.65 -21.88 -3.11
N SER B 446 -49.67 -22.72 -3.07
CA SER B 446 -50.46 -22.94 -1.88
C SER B 446 -50.10 -24.31 -1.31
N SER B 447 -49.98 -24.41 0.01
CA SER B 447 -49.46 -25.61 0.66
C SER B 447 -50.43 -26.80 0.72
N VAL B 448 -51.72 -26.54 0.94
CA VAL B 448 -52.72 -27.58 1.17
C VAL B 448 -52.63 -28.74 0.16
N ASN B 449 -52.66 -28.41 -1.13
CA ASN B 449 -52.50 -29.44 -2.18
C ASN B 449 -51.38 -29.13 -3.19
N ASP B 450 -50.51 -28.20 -2.84
CA ASP B 450 -49.34 -27.84 -3.65
C ASP B 450 -49.72 -27.36 -5.05
N LYS B 451 -50.78 -26.56 -5.10
CA LYS B 451 -51.22 -25.92 -6.33
C LYS B 451 -50.37 -24.70 -6.67
N GLY B 452 -49.95 -24.63 -7.95
CA GLY B 452 -49.40 -23.39 -8.51
C GLY B 452 -50.49 -22.34 -8.56
N LEU B 453 -50.23 -21.17 -7.99
CA LEU B 453 -51.25 -20.12 -7.92
C LEU B 453 -51.19 -19.12 -9.07
N ARG B 454 -49.96 -18.72 -9.41
CA ARG B 454 -49.70 -17.45 -10.08
C ARG B 454 -48.22 -17.44 -10.42
N VAL B 455 -47.89 -16.96 -11.61
CA VAL B 455 -46.52 -16.64 -11.98
C VAL B 455 -46.30 -15.20 -11.55
N LEU B 456 -45.13 -14.92 -10.97
CA LEU B 456 -44.87 -13.60 -10.41
C LEU B 456 -43.90 -12.75 -11.26
N GLU B 457 -42.86 -13.41 -11.77
CA GLU B 457 -41.88 -12.80 -12.65
C GLU B 457 -41.27 -13.91 -13.48
N ASP B 458 -41.35 -13.80 -14.81
CA ASP B 458 -40.86 -14.86 -15.68
C ASP B 458 -39.70 -14.44 -16.59
N ASN B 459 -39.33 -13.15 -16.52
CA ASN B 459 -38.20 -12.61 -17.30
C ASN B 459 -38.37 -12.68 -18.83
N SER B 460 -39.62 -12.60 -19.29
CA SER B 460 -39.96 -12.59 -20.72
C SER B 460 -39.32 -11.40 -21.47
N ALA B 461 -39.34 -10.23 -20.85
CA ALA B 461 -38.64 -9.06 -21.39
C ALA B 461 -37.17 -9.40 -21.68
N LEU B 462 -36.48 -9.98 -20.71
CA LEU B 462 -35.08 -10.43 -20.88
C LEU B 462 -34.94 -11.47 -21.99
N ASP B 463 -35.88 -12.42 -22.05
CA ASP B 463 -35.87 -13.45 -23.09
C ASP B 463 -35.96 -12.89 -24.51
N LYS B 464 -36.83 -11.89 -24.69
CA LYS B 464 -36.95 -11.16 -25.95
C LYS B 464 -35.57 -10.69 -26.41
N MET B 465 -35.01 -9.75 -25.66
CA MET B 465 -33.70 -9.15 -25.94
C MET B 465 -32.60 -10.16 -26.26
N LEU B 466 -32.51 -11.22 -25.46
CA LEU B 466 -31.43 -12.21 -25.59
C LEU B 466 -31.53 -13.09 -26.84
N GLN B 467 -32.66 -13.03 -27.51
CA GLN B 467 -32.82 -13.75 -28.77
C GLN B 467 -32.12 -13.01 -29.91
N ASN B 468 -31.90 -11.71 -29.69
CA ASN B 468 -31.12 -10.86 -30.59
C ASN B 468 -29.61 -10.86 -30.32
N VAL B 469 -29.14 -11.79 -29.48
CA VAL B 469 -27.70 -11.88 -29.16
C VAL B 469 -27.17 -13.31 -29.22
N GLN B 470 -25.92 -13.46 -29.67
CA GLN B 470 -25.27 -14.77 -29.78
C GLN B 470 -24.83 -15.29 -28.41
N MET B 471 -25.78 -15.83 -27.68
CA MET B 471 -25.56 -16.32 -26.32
C MET B 471 -24.74 -17.61 -26.31
N PRO B 472 -23.78 -17.71 -25.37
CA PRO B 472 -23.06 -18.95 -25.14
C PRO B 472 -23.97 -19.99 -24.48
N SER B 473 -23.55 -21.23 -24.49
CA SER B 473 -24.28 -22.29 -23.83
C SER B 473 -23.45 -22.85 -22.68
N LYS B 474 -24.09 -23.64 -21.83
CA LYS B 474 -23.42 -24.23 -20.67
C LYS B 474 -23.56 -25.75 -20.61
N LYS B 475 -22.43 -26.43 -20.54
CA LYS B 475 -22.41 -27.85 -20.29
C LYS B 475 -22.07 -28.15 -18.83
N LEU B 476 -22.87 -29.01 -18.22
CA LEU B 476 -22.69 -29.45 -16.85
C LEU B 476 -22.62 -30.97 -16.85
N ASP B 477 -21.51 -31.52 -16.37
CA ASP B 477 -21.24 -32.96 -16.43
C ASP B 477 -20.17 -33.32 -15.41
N PHE B 478 -19.72 -34.56 -15.41
CA PHE B 478 -18.72 -35.04 -14.47
C PHE B 478 -17.61 -35.81 -15.18
N ILE B 479 -16.48 -35.99 -14.51
CA ILE B 479 -15.45 -36.94 -14.94
C ILE B 479 -15.08 -37.85 -13.79
N ILE B 480 -14.34 -38.91 -14.08
CA ILE B 480 -13.94 -39.87 -13.08
C ILE B 480 -12.45 -39.67 -12.76
N LEU B 481 -12.14 -39.67 -11.48
CA LEU B 481 -10.77 -39.53 -10.99
C LEU B 481 -10.66 -40.55 -9.88
N ASN B 482 -9.72 -41.48 -10.00
CA ASN B 482 -9.56 -42.57 -9.03
C ASN B 482 -10.90 -43.16 -8.58
N GLU B 483 -11.72 -43.54 -9.57
CA GLU B 483 -13.05 -44.17 -9.36
C GLU B 483 -14.09 -43.28 -8.69
N THR B 484 -13.97 -41.95 -8.86
CA THR B 484 -14.91 -41.00 -8.24
C THR B 484 -15.38 -39.94 -9.24
N LYS B 485 -16.66 -39.59 -9.16
CA LYS B 485 -17.28 -38.55 -9.97
C LYS B 485 -17.00 -37.15 -9.43
N PHE B 486 -16.32 -36.34 -10.22
CA PHE B 486 -16.14 -34.94 -9.93
C PHE B 486 -16.73 -34.09 -11.06
N TRP B 487 -17.61 -33.15 -10.72
CA TRP B 487 -18.33 -32.36 -11.69
C TRP B 487 -17.59 -31.11 -12.17
N TYR B 488 -17.94 -30.69 -13.38
CA TYR B 488 -17.39 -29.51 -14.01
C TYR B 488 -18.47 -28.83 -14.85
N GLN B 489 -18.28 -27.55 -15.13
CA GLN B 489 -19.10 -26.87 -16.12
C GLN B 489 -18.22 -26.18 -17.14
N MET B 490 -18.79 -25.94 -18.32
CA MET B 490 -18.10 -25.22 -19.37
C MET B 490 -19.05 -24.21 -19.97
N ILE B 491 -18.56 -22.98 -20.15
CA ILE B 491 -19.34 -21.99 -20.83
C ILE B 491 -18.79 -21.91 -22.25
N LEU B 492 -19.60 -22.42 -23.18
CA LEU B 492 -19.18 -22.71 -24.52
C LEU B 492 -19.60 -21.59 -25.45
N PRO B 493 -18.66 -21.12 -26.29
CA PRO B 493 -18.94 -20.04 -27.24
C PRO B 493 -20.11 -20.40 -28.19
N PRO B 494 -20.86 -19.39 -28.68
CA PRO B 494 -21.92 -19.70 -29.63
C PRO B 494 -21.40 -20.44 -30.87
N HIS B 495 -22.25 -21.26 -31.48
CA HIS B 495 -21.87 -22.07 -32.64
C HIS B 495 -20.65 -22.96 -32.34
N PHE B 496 -20.65 -23.55 -31.16
CA PHE B 496 -19.54 -24.37 -30.69
C PHE B 496 -19.31 -25.57 -31.61
N ASP B 497 -18.10 -25.64 -32.17
CA ASP B 497 -17.69 -26.68 -33.11
C ASP B 497 -16.62 -27.56 -32.46
N LYS B 498 -16.93 -28.84 -32.32
CA LYS B 498 -16.08 -29.79 -31.61
C LYS B 498 -14.79 -30.23 -32.35
N SER B 499 -14.62 -29.81 -33.60
CA SER B 499 -13.36 -30.05 -34.32
C SER B 499 -12.36 -28.88 -34.20
N LYS B 500 -12.87 -27.67 -34.03
CA LYS B 500 -12.05 -26.50 -33.74
C LYS B 500 -11.46 -26.58 -32.33
N LYS B 501 -10.19 -26.16 -32.21
CA LYS B 501 -9.54 -26.02 -30.92
C LYS B 501 -9.77 -24.61 -30.35
N TYR B 502 -10.30 -24.54 -29.13
CA TYR B 502 -10.61 -23.26 -28.48
C TYR B 502 -9.67 -23.02 -27.32
N PRO B 503 -9.34 -21.73 -27.05
CA PRO B 503 -8.61 -21.43 -25.82
C PRO B 503 -9.50 -21.66 -24.61
N LEU B 504 -8.92 -22.18 -23.53
CA LEU B 504 -9.66 -22.44 -22.31
C LEU B 504 -9.19 -21.58 -21.13
N LEU B 505 -10.13 -20.88 -20.48
CA LEU B 505 -9.89 -20.24 -19.18
C LEU B 505 -10.50 -21.09 -18.06
N LEU B 506 -9.66 -21.54 -17.14
CA LEU B 506 -10.13 -22.22 -15.95
C LEU B 506 -10.48 -21.25 -14.81
N ASP B 507 -11.78 -21.15 -14.54
CA ASP B 507 -12.31 -20.29 -13.48
C ASP B 507 -12.37 -21.06 -12.16
N VAL B 508 -11.51 -20.69 -11.20
CA VAL B 508 -11.37 -21.43 -9.94
C VAL B 508 -11.82 -20.64 -8.69
N TYR B 509 -12.47 -21.34 -7.75
CA TYR B 509 -12.58 -20.89 -6.37
C TYR B 509 -11.94 -21.94 -5.47
N ALA B 510 -12.62 -23.08 -5.36
CA ALA B 510 -12.08 -24.31 -4.73
C ALA B 510 -11.89 -24.27 -3.21
N GLY B 511 -12.40 -23.23 -2.55
CA GLY B 511 -12.50 -23.23 -1.10
C GLY B 511 -13.26 -24.44 -0.54
N PRO B 512 -13.06 -24.73 0.76
CA PRO B 512 -13.74 -25.85 1.43
C PRO B 512 -15.26 -25.71 1.43
N CYS B 513 -15.95 -26.76 0.95
CA CYS B 513 -17.41 -26.78 0.83
C CYS B 513 -17.96 -25.86 -0.26
N SER B 514 -17.11 -25.47 -1.20
CA SER B 514 -17.53 -24.68 -2.34
C SER B 514 -18.16 -25.56 -3.44
N GLN B 515 -18.89 -24.91 -4.34
CA GLN B 515 -19.42 -25.52 -5.52
C GLN B 515 -19.35 -24.48 -6.65
N LYS B 516 -18.61 -24.83 -7.71
CA LYS B 516 -18.54 -23.95 -8.90
C LYS B 516 -19.14 -24.60 -10.14
N ALA B 517 -19.51 -25.87 -10.04
CA ALA B 517 -20.24 -26.54 -11.11
C ALA B 517 -21.68 -26.69 -10.66
N ASP B 518 -22.58 -25.90 -11.24
CA ASP B 518 -23.99 -25.95 -10.88
C ASP B 518 -24.92 -25.62 -12.05
N THR B 519 -26.21 -25.49 -11.75
CA THR B 519 -27.21 -25.27 -12.78
C THR B 519 -27.76 -23.86 -12.81
N VAL B 520 -27.14 -22.90 -12.12
CA VAL B 520 -27.71 -21.55 -12.14
C VAL B 520 -27.33 -20.75 -13.40
N PHE B 521 -28.27 -19.91 -13.83
CA PHE B 521 -28.10 -18.99 -14.95
C PHE B 521 -27.40 -17.71 -14.50
N ARG B 522 -26.27 -17.41 -15.14
CA ARG B 522 -25.52 -16.19 -14.81
C ARG B 522 -25.19 -15.37 -16.05
N LEU B 523 -25.20 -14.04 -15.88
CA LEU B 523 -24.68 -13.10 -16.87
C LEU B 523 -23.47 -12.40 -16.27
N ASN B 524 -22.29 -12.75 -16.75
CA ASN B 524 -21.05 -12.31 -16.12
C ASN B 524 -19.85 -12.27 -17.08
N TRP B 525 -18.65 -12.18 -16.51
CA TRP B 525 -17.46 -12.03 -17.32
C TRP B 525 -17.31 -13.19 -18.29
N ALA B 526 -17.42 -14.42 -17.77
CA ALA B 526 -17.37 -15.65 -18.59
C ALA B 526 -18.34 -15.64 -19.77
N THR B 527 -19.54 -15.06 -19.58
CA THR B 527 -20.51 -14.90 -20.65
C THR B 527 -19.91 -14.09 -21.78
N TYR B 528 -19.24 -13.00 -21.42
CA TYR B 528 -18.57 -12.14 -22.40
C TYR B 528 -17.42 -12.87 -23.09
N LEU B 529 -16.60 -13.58 -22.31
CA LEU B 529 -15.41 -14.23 -22.85
C LEU B 529 -15.77 -15.32 -23.88
N ALA B 530 -16.85 -16.05 -23.62
CA ALA B 530 -17.29 -17.10 -24.53
C ALA B 530 -18.07 -16.52 -25.74
N SER B 531 -18.96 -15.56 -25.50
CA SER B 531 -19.78 -15.01 -26.58
C SER B 531 -18.97 -14.14 -27.59
N THR B 532 -18.13 -13.24 -27.10
CA THR B 532 -17.32 -12.36 -27.96
C THR B 532 -15.95 -12.95 -28.31
N GLU B 533 -15.24 -13.45 -27.30
CA GLU B 533 -13.83 -13.85 -27.48
C GLU B 533 -13.67 -15.33 -27.84
N ASN B 534 -14.79 -16.04 -27.90
CA ASN B 534 -14.80 -17.47 -28.22
C ASN B 534 -13.84 -18.28 -27.34
N ILE B 535 -13.79 -17.96 -26.05
CA ILE B 535 -13.00 -18.72 -25.06
C ILE B 535 -13.91 -19.68 -24.28
N ILE B 536 -13.45 -20.91 -24.04
CA ILE B 536 -14.17 -21.81 -23.14
C ILE B 536 -13.80 -21.48 -21.68
N VAL B 537 -14.80 -21.12 -20.88
CA VAL B 537 -14.57 -20.88 -19.44
C VAL B 537 -15.10 -22.06 -18.63
N ALA B 538 -14.17 -22.86 -18.10
CA ALA B 538 -14.53 -24.01 -17.28
C ALA B 538 -14.26 -23.77 -15.79
N SER B 539 -15.06 -24.45 -14.96
CA SER B 539 -14.87 -24.50 -13.52
C SER B 539 -15.06 -25.95 -13.12
N PHE B 540 -14.37 -26.38 -12.06
CA PHE B 540 -14.32 -27.78 -11.67
C PHE B 540 -14.37 -27.92 -10.16
N ASP B 541 -15.16 -28.87 -9.70
CA ASP B 541 -15.34 -29.13 -8.29
C ASP B 541 -14.59 -30.37 -7.82
N GLY B 542 -13.36 -30.17 -7.35
CA GLY B 542 -12.48 -31.27 -6.96
C GLY B 542 -12.65 -31.60 -5.50
N ARG B 543 -11.64 -32.24 -4.91
CA ARG B 543 -11.67 -32.56 -3.49
C ARG B 543 -11.72 -31.29 -2.66
N GLY B 544 -12.41 -31.37 -1.53
CA GLY B 544 -12.67 -30.20 -0.69
C GLY B 544 -13.95 -29.46 -1.04
N SER B 545 -14.54 -29.79 -2.20
CA SER B 545 -15.79 -29.15 -2.59
C SER B 545 -16.95 -29.70 -1.77
N GLY B 546 -18.08 -28.98 -1.74
CA GLY B 546 -19.19 -29.34 -0.88
C GLY B 546 -20.34 -30.07 -1.53
N TYR B 547 -21.25 -30.55 -0.68
CA TYR B 547 -22.57 -31.06 -1.10
C TYR B 547 -22.58 -32.47 -1.68
N GLN B 548 -21.44 -33.16 -1.56
CA GLN B 548 -21.26 -34.53 -2.07
C GLN B 548 -20.69 -35.46 -0.99
N GLY B 549 -21.03 -35.19 0.27
CA GLY B 549 -20.52 -36.01 1.39
C GLY B 549 -19.16 -35.56 1.89
N ASP B 550 -18.80 -36.05 3.07
CA ASP B 550 -17.60 -35.60 3.77
C ASP B 550 -16.29 -36.15 3.19
N LYS B 551 -16.34 -37.35 2.63
CA LYS B 551 -15.13 -37.96 2.06
C LYS B 551 -14.45 -37.01 1.05
N ILE B 552 -15.28 -36.34 0.25
CA ILE B 552 -14.80 -35.32 -0.68
C ILE B 552 -14.49 -34.00 0.04
N MET B 553 -15.41 -33.55 0.88
CA MET B 553 -15.23 -32.27 1.56
C MET B 553 -14.07 -32.25 2.56
N HIS B 554 -13.93 -33.32 3.34
CA HIS B 554 -12.91 -33.38 4.39
C HIS B 554 -11.54 -33.94 3.93
N ALA B 555 -11.42 -34.26 2.64
CA ALA B 555 -10.15 -34.73 2.09
C ALA B 555 -9.05 -33.67 2.29
N ILE B 556 -9.49 -32.44 2.47
CA ILE B 556 -8.63 -31.25 2.52
C ILE B 556 -8.24 -30.89 3.95
N ASN B 557 -8.69 -31.68 4.91
CA ASN B 557 -8.53 -31.41 6.34
C ASN B 557 -7.08 -31.28 6.76
N ARG B 558 -6.78 -30.20 7.47
CA ARG B 558 -5.41 -29.90 7.95
C ARG B 558 -4.43 -29.72 6.80
N ARG B 559 -4.96 -29.57 5.58
CA ARG B 559 -4.15 -29.63 4.37
C ARG B 559 -4.70 -28.75 3.27
N LEU B 560 -4.83 -27.47 3.53
CA LEU B 560 -5.19 -26.53 2.46
C LEU B 560 -4.02 -26.33 1.51
N GLY B 561 -4.31 -26.03 0.25
CA GLY B 561 -3.28 -25.80 -0.76
C GLY B 561 -2.67 -27.08 -1.28
N THR B 562 -3.47 -28.14 -1.30
CA THR B 562 -2.96 -29.51 -1.47
C THR B 562 -3.79 -30.21 -2.56
N PHE B 563 -4.74 -31.05 -2.16
CA PHE B 563 -5.54 -31.81 -3.12
C PHE B 563 -6.40 -30.95 -4.02
N GLU B 564 -6.89 -29.82 -3.50
CA GLU B 564 -7.77 -28.94 -4.26
C GLU B 564 -7.01 -28.24 -5.37
N VAL B 565 -5.69 -28.11 -5.18
CA VAL B 565 -4.79 -27.52 -6.17
C VAL B 565 -4.41 -28.54 -7.25
N GLU B 566 -4.17 -29.80 -6.83
CA GLU B 566 -3.87 -30.90 -7.77
C GLU B 566 -5.04 -31.20 -8.69
N ASP B 567 -6.23 -31.22 -8.09
CA ASP B 567 -7.44 -31.56 -8.82
C ASP B 567 -7.83 -30.53 -9.87
N GLN B 568 -7.46 -29.27 -9.67
CA GLN B 568 -7.68 -28.25 -10.71
C GLN B 568 -6.69 -28.47 -11.86
N ILE B 569 -5.45 -28.83 -11.52
CA ILE B 569 -4.42 -29.19 -12.49
C ILE B 569 -4.86 -30.39 -13.34
N GLU B 570 -5.33 -31.45 -12.66
CA GLU B 570 -5.73 -32.68 -13.32
C GLU B 570 -6.97 -32.49 -14.19
N ALA B 571 -7.90 -31.64 -13.76
CA ALA B 571 -9.08 -31.33 -14.56
C ALA B 571 -8.72 -30.66 -15.88
N ALA B 572 -7.73 -29.77 -15.82
CA ALA B 572 -7.27 -29.06 -17.02
C ALA B 572 -6.54 -29.99 -18.02
N ARG B 573 -5.77 -30.95 -17.51
CA ARG B 573 -5.17 -32.00 -18.35
C ARG B 573 -6.25 -32.83 -19.00
N GLN B 574 -7.29 -33.14 -18.21
CA GLN B 574 -8.46 -33.83 -18.70
C GLN B 574 -9.09 -33.05 -19.85
N PHE B 575 -9.44 -31.80 -19.59
CA PHE B 575 -10.03 -30.92 -20.60
C PHE B 575 -9.17 -30.83 -21.86
N SER B 576 -7.84 -30.85 -21.69
CA SER B 576 -6.86 -30.89 -22.78
C SER B 576 -7.09 -32.08 -23.73
N LYS B 577 -7.22 -33.26 -23.14
CA LYS B 577 -7.44 -34.52 -23.86
C LYS B 577 -8.85 -34.62 -24.50
N MET B 578 -9.69 -33.61 -24.28
CA MET B 578 -10.90 -33.45 -25.08
C MET B 578 -10.47 -32.70 -26.36
N GLY B 579 -11.14 -32.98 -27.47
CA GLY B 579 -10.61 -32.60 -28.77
C GLY B 579 -10.77 -31.15 -29.18
N PHE B 580 -11.40 -30.34 -28.33
CA PHE B 580 -11.79 -28.99 -28.71
C PHE B 580 -11.05 -27.89 -27.94
N VAL B 581 -10.07 -28.27 -27.12
CA VAL B 581 -9.25 -27.25 -26.44
C VAL B 581 -7.81 -27.17 -26.98
N ASP B 582 -7.39 -25.95 -27.29
CA ASP B 582 -6.02 -25.65 -27.70
C ASP B 582 -5.14 -25.70 -26.47
N ASN B 583 -4.38 -26.79 -26.34
CA ASN B 583 -3.61 -27.05 -25.12
C ASN B 583 -2.43 -26.11 -24.90
N LYS B 584 -2.20 -25.21 -25.86
CA LYS B 584 -1.20 -24.14 -25.74
C LYS B 584 -1.82 -22.83 -25.24
N ARG B 585 -3.14 -22.77 -25.18
CA ARG B 585 -3.82 -21.60 -24.64
C ARG B 585 -4.81 -22.01 -23.53
N ILE B 586 -4.23 -22.49 -22.44
CA ILE B 586 -4.94 -22.71 -21.19
C ILE B 586 -4.49 -21.66 -20.16
N ALA B 587 -5.44 -20.83 -19.72
CA ALA B 587 -5.23 -19.87 -18.64
C ALA B 587 -5.94 -20.32 -17.36
N ILE B 588 -5.64 -19.64 -16.26
CA ILE B 588 -6.30 -19.88 -14.98
C ILE B 588 -6.50 -18.57 -14.21
N TRP B 589 -7.73 -18.35 -13.69
CA TRP B 589 -7.98 -17.20 -12.83
C TRP B 589 -8.94 -17.52 -11.69
N GLY B 590 -8.80 -16.76 -10.60
CA GLY B 590 -9.69 -16.84 -9.46
C GLY B 590 -9.53 -15.64 -8.55
N TRP B 591 -10.56 -15.40 -7.74
CA TRP B 591 -10.62 -14.33 -6.76
C TRP B 591 -10.64 -14.92 -5.33
N SER B 592 -9.92 -14.27 -4.40
CA SER B 592 -10.03 -14.62 -2.97
C SER B 592 -9.33 -15.97 -2.70
N TYR B 593 -10.08 -16.96 -2.21
CA TYR B 593 -9.55 -18.34 -2.13
C TYR B 593 -9.16 -18.83 -3.55
N GLY B 594 -9.97 -18.48 -4.54
CA GLY B 594 -9.64 -18.69 -5.95
C GLY B 594 -8.30 -18.11 -6.38
N GLY B 595 -7.95 -16.94 -5.86
CA GLY B 595 -6.64 -16.34 -6.11
C GLY B 595 -5.48 -17.17 -5.56
N TYR B 596 -5.64 -17.66 -4.33
CA TYR B 596 -4.68 -18.54 -3.69
C TYR B 596 -4.44 -19.80 -4.52
N VAL B 597 -5.53 -20.46 -4.93
CA VAL B 597 -5.42 -21.67 -5.72
C VAL B 597 -4.79 -21.39 -7.09
N THR B 598 -5.22 -20.33 -7.75
CA THR B 598 -4.60 -19.89 -9.00
C THR B 598 -3.10 -19.73 -8.84
N SER B 599 -2.68 -19.04 -7.78
CA SER B 599 -1.28 -18.81 -7.52
C SER B 599 -0.52 -20.09 -7.23
N MET B 600 -1.13 -20.97 -6.43
CA MET B 600 -0.53 -22.28 -6.11
C MET B 600 -0.43 -23.17 -7.36
N VAL B 601 -1.43 -23.09 -8.22
CA VAL B 601 -1.41 -23.79 -9.50
C VAL B 601 -0.27 -23.23 -10.38
N LEU B 602 -0.17 -21.92 -10.43
CA LEU B 602 0.83 -21.29 -11.28
C LEU B 602 2.26 -21.54 -10.85
N GLY B 603 2.46 -21.71 -9.52
CA GLY B 603 3.79 -21.99 -8.96
C GLY B 603 4.06 -23.48 -8.77
N SER B 604 3.29 -24.33 -9.46
CA SER B 604 3.40 -25.78 -9.29
C SER B 604 4.41 -26.40 -10.25
N GLY B 605 4.59 -25.78 -11.42
CA GLY B 605 5.50 -26.32 -12.43
C GLY B 605 4.85 -27.39 -13.28
N SER B 606 3.52 -27.35 -13.37
CA SER B 606 2.76 -28.36 -14.11
C SER B 606 3.02 -28.28 -15.61
N GLY B 607 3.21 -27.07 -16.12
CA GLY B 607 3.42 -26.86 -17.54
C GLY B 607 2.11 -26.70 -18.31
N VAL B 608 0.99 -27.03 -17.66
CA VAL B 608 -0.33 -26.99 -18.29
C VAL B 608 -0.77 -25.55 -18.61
N PHE B 609 -0.44 -24.60 -17.73
CA PHE B 609 -0.98 -23.24 -17.85
C PHE B 609 0.03 -22.23 -18.40
N LYS B 610 -0.43 -21.46 -19.37
CA LYS B 610 0.35 -20.42 -20.02
C LYS B 610 0.43 -19.16 -19.18
N CYS B 611 -0.69 -18.81 -18.54
CA CYS B 611 -0.81 -17.61 -17.73
C CYS B 611 -1.95 -17.72 -16.71
N GLY B 612 -1.94 -16.80 -15.74
CA GLY B 612 -3.02 -16.70 -14.75
C GLY B 612 -3.22 -15.36 -14.08
N ILE B 613 -4.42 -15.13 -13.56
CA ILE B 613 -4.78 -13.91 -12.81
C ILE B 613 -5.24 -14.24 -11.38
N ALA B 614 -4.53 -13.72 -10.37
CA ALA B 614 -4.94 -13.86 -8.99
C ALA B 614 -5.42 -12.52 -8.41
N VAL B 615 -6.69 -12.50 -8.01
CA VAL B 615 -7.29 -11.31 -7.45
C VAL B 615 -7.52 -11.53 -5.95
N ALA B 616 -7.03 -10.56 -5.16
CA ALA B 616 -7.04 -10.54 -3.69
C ALA B 616 -6.82 -11.90 -3.05
N PRO B 617 -5.69 -12.57 -3.36
CA PRO B 617 -5.44 -13.93 -2.89
C PRO B 617 -4.92 -14.03 -1.44
N VAL B 618 -5.21 -15.16 -0.77
CA VAL B 618 -4.45 -15.58 0.40
C VAL B 618 -3.07 -16.07 -0.10
N SER B 619 -2.00 -15.73 0.63
CA SER B 619 -0.65 -16.14 0.25
C SER B 619 -0.04 -17.07 1.29
N ARG B 620 -0.44 -16.89 2.54
CA ARG B 620 0.10 -17.59 3.70
C ARG B 620 -1.04 -17.69 4.71
N TRP B 621 -1.37 -18.91 5.16
CA TRP B 621 -2.53 -19.07 6.03
C TRP B 621 -2.42 -18.37 7.39
N GLU B 622 -1.19 -18.14 7.85
CA GLU B 622 -0.92 -17.38 9.07
C GLU B 622 -1.33 -15.91 8.98
N TYR B 623 -1.60 -15.43 7.77
CA TYR B 623 -2.08 -14.07 7.53
C TYR B 623 -3.60 -13.91 7.62
N TYR B 624 -4.32 -15.02 7.44
CA TYR B 624 -5.79 -14.98 7.45
C TYR B 624 -6.39 -15.14 8.87
N ASP B 625 -7.68 -14.90 9.05
CA ASP B 625 -8.27 -14.86 10.40
C ASP B 625 -8.36 -16.25 11.04
N SER B 626 -8.35 -16.26 12.36
CA SER B 626 -8.30 -17.49 13.18
C SER B 626 -9.52 -18.40 13.05
N VAL B 627 -10.74 -17.87 13.19
CA VAL B 627 -11.94 -18.72 13.09
C VAL B 627 -11.97 -19.57 11.81
N TYR B 628 -11.77 -18.93 10.65
CA TYR B 628 -11.77 -19.62 9.36
C TYR B 628 -10.55 -20.54 9.17
N THR B 629 -9.35 -19.98 9.31
CA THR B 629 -8.12 -20.74 9.02
C THR B 629 -8.05 -21.98 9.90
N GLU B 630 -8.22 -21.79 11.20
CA GLU B 630 -8.01 -22.85 12.18
C GLU B 630 -9.04 -23.98 12.03
N ARG B 631 -10.22 -23.64 11.49
CA ARG B 631 -11.22 -24.66 11.17
C ARG B 631 -10.67 -25.78 10.28
N TYR B 632 -9.90 -25.41 9.26
CA TYR B 632 -9.37 -26.35 8.26
C TYR B 632 -7.93 -26.74 8.53
N MET B 633 -7.21 -25.89 9.26
CA MET B 633 -5.77 -26.04 9.42
C MET B 633 -5.27 -26.40 10.83
N GLY B 634 -6.12 -26.27 11.84
CA GLY B 634 -5.66 -26.36 13.22
C GLY B 634 -4.79 -25.15 13.59
N LEU B 635 -3.93 -25.29 14.58
CA LEU B 635 -3.12 -24.16 15.04
C LEU B 635 -1.71 -24.20 14.44
N PRO B 636 -1.10 -23.01 14.22
CA PRO B 636 0.23 -22.92 13.61
C PRO B 636 1.33 -23.01 14.68
N THR B 637 1.33 -24.12 15.40
CA THR B 637 2.31 -24.43 16.44
C THR B 637 3.01 -25.75 16.06
N PRO B 638 4.28 -25.92 16.46
CA PRO B 638 4.98 -27.19 16.24
C PRO B 638 4.25 -28.38 16.87
N GLU B 639 3.51 -28.15 17.96
CA GLU B 639 2.65 -29.18 18.54
C GLU B 639 1.52 -29.59 17.59
N ASP B 640 1.02 -28.66 16.78
CA ASP B 640 -0.15 -28.91 15.95
C ASP B 640 0.16 -29.01 14.44
N ASN B 641 -0.05 -27.94 13.68
CA ASN B 641 0.04 -28.04 12.22
C ASN B 641 0.95 -27.00 11.56
N LEU B 642 1.91 -26.45 12.31
CA LEU B 642 2.85 -25.46 11.77
C LEU B 642 3.50 -25.89 10.45
N ASP B 643 3.99 -27.13 10.40
CA ASP B 643 4.72 -27.62 9.24
C ASP B 643 3.97 -27.44 7.92
N HIS B 644 2.68 -27.72 7.92
CA HIS B 644 1.92 -27.51 6.70
C HIS B 644 1.48 -26.06 6.48
N TYR B 645 1.33 -25.30 7.57
CA TYR B 645 1.11 -23.85 7.47
C TYR B 645 2.27 -23.21 6.70
N ARG B 646 3.44 -23.83 6.81
CA ARG B 646 4.68 -23.25 6.29
C ARG B 646 5.02 -23.83 4.91
N ASN B 647 4.50 -25.02 4.62
CA ASN B 647 4.63 -25.63 3.30
C ASN B 647 3.52 -25.20 2.31
N SER B 648 2.46 -24.55 2.80
CA SER B 648 1.36 -24.21 1.90
C SER B 648 1.30 -22.73 1.50
N THR B 649 2.43 -22.03 1.58
CA THR B 649 2.49 -20.64 1.14
C THR B 649 2.70 -20.53 -0.37
N VAL B 650 2.20 -19.43 -0.93
CA VAL B 650 2.46 -19.08 -2.31
C VAL B 650 3.94 -18.71 -2.51
N MET B 651 4.48 -17.93 -1.56
CA MET B 651 5.88 -17.50 -1.55
C MET B 651 6.91 -18.61 -1.83
N SER B 652 6.69 -19.80 -1.26
CA SER B 652 7.65 -20.92 -1.39
C SER B 652 7.82 -21.41 -2.83
N ARG B 653 6.91 -21.01 -3.70
CA ARG B 653 6.85 -21.52 -5.06
C ARG B 653 7.25 -20.48 -6.09
N ALA B 654 7.87 -19.40 -5.61
CA ALA B 654 8.21 -18.24 -6.42
C ALA B 654 9.05 -18.54 -7.66
N GLU B 655 9.99 -19.50 -7.57
CA GLU B 655 10.84 -19.87 -8.71
C GLU B 655 10.03 -20.32 -9.92
N ASN B 656 8.99 -21.11 -9.66
CA ASN B 656 8.21 -21.73 -10.72
C ASN B 656 7.40 -20.76 -11.56
N PHE B 657 7.35 -19.50 -11.12
CA PHE B 657 6.57 -18.48 -11.78
C PHE B 657 7.24 -17.94 -13.04
N LYS B 658 8.50 -18.30 -13.26
CA LYS B 658 9.18 -17.86 -14.47
C LYS B 658 8.63 -18.56 -15.73
N GLN B 659 7.86 -19.63 -15.53
CA GLN B 659 7.31 -20.43 -16.63
C GLN B 659 5.93 -19.95 -17.08
N VAL B 660 5.39 -18.90 -16.47
CA VAL B 660 4.02 -18.45 -16.72
C VAL B 660 3.95 -16.93 -16.68
N GLU B 661 2.91 -16.38 -17.30
CA GLU B 661 2.60 -14.96 -17.21
C GLU B 661 1.63 -14.80 -16.05
N TYR B 662 1.88 -13.81 -15.19
CA TYR B 662 1.14 -13.69 -13.93
C TYR B 662 0.61 -12.26 -13.72
N LEU B 663 -0.68 -12.16 -13.42
CA LEU B 663 -1.32 -10.91 -13.04
C LEU B 663 -1.78 -10.98 -11.58
N LEU B 664 -1.22 -10.11 -10.76
CA LEU B 664 -1.54 -10.03 -9.33
C LEU B 664 -2.31 -8.76 -9.06
N ILE B 665 -3.49 -8.89 -8.46
CA ILE B 665 -4.36 -7.73 -8.21
C ILE B 665 -4.85 -7.73 -6.76
N HIS B 666 -4.86 -6.55 -6.15
CA HIS B 666 -5.33 -6.41 -4.75
C HIS B 666 -5.79 -4.99 -4.41
N GLY B 667 -6.91 -4.88 -3.71
CA GLY B 667 -7.37 -3.61 -3.17
C GLY B 667 -6.56 -3.20 -1.94
N THR B 668 -6.17 -1.94 -1.86
CA THR B 668 -5.34 -1.47 -0.74
C THR B 668 -6.04 -1.44 0.63
N ALA B 669 -7.37 -1.30 0.63
CA ALA B 669 -8.16 -1.22 1.88
C ALA B 669 -8.95 -2.50 2.13
N ASP B 670 -8.37 -3.63 1.74
CA ASP B 670 -8.92 -4.95 2.05
C ASP B 670 -8.76 -5.25 3.56
N ASP B 671 -9.90 -5.32 4.26
CA ASP B 671 -9.95 -5.56 5.70
C ASP B 671 -10.01 -7.06 5.99
N ASN B 672 -10.29 -7.83 4.93
CA ASN B 672 -10.56 -9.27 5.02
C ASN B 672 -9.33 -10.09 4.68
N VAL B 673 -8.93 -10.03 3.41
CA VAL B 673 -7.67 -10.61 2.99
C VAL B 673 -6.72 -9.43 2.77
N HIS B 674 -5.95 -9.12 3.80
CA HIS B 674 -5.13 -7.90 3.81
C HIS B 674 -4.19 -7.78 2.60
N PHE B 675 -4.01 -6.54 2.13
CA PHE B 675 -3.09 -6.24 1.04
C PHE B 675 -1.72 -6.90 1.29
N GLN B 676 -1.30 -6.89 2.56
CA GLN B 676 -0.11 -7.62 3.04
C GLN B 676 0.12 -8.96 2.33
N GLN B 677 -0.95 -9.72 2.09
CA GLN B 677 -0.83 -11.06 1.49
C GLN B 677 -0.21 -10.99 0.10
N SER B 678 -0.66 -10.05 -0.72
CA SER B 678 -0.11 -9.82 -2.07
C SER B 678 1.26 -9.11 -2.03
N ALA B 679 1.41 -8.20 -1.08
CA ALA B 679 2.69 -7.54 -0.81
C ALA B 679 3.80 -8.57 -0.54
N GLN B 680 3.47 -9.66 0.13
CA GLN B 680 4.44 -10.72 0.36
C GLN B 680 4.69 -11.58 -0.89
N ILE B 681 3.63 -11.90 -1.65
CA ILE B 681 3.82 -12.60 -2.92
C ILE B 681 4.77 -11.82 -3.84
N SER B 682 4.51 -10.53 -4.03
CA SER B 682 5.32 -9.73 -4.95
C SER B 682 6.76 -9.62 -4.48
N LYS B 683 6.96 -9.40 -3.17
CA LYS B 683 8.30 -9.33 -2.61
C LYS B 683 9.08 -10.61 -2.88
N ALA B 684 8.43 -11.76 -2.72
CA ALA B 684 9.04 -13.08 -2.99
C ALA B 684 9.41 -13.28 -4.48
N LEU B 685 8.57 -12.76 -5.38
CA LEU B 685 8.81 -12.83 -6.82
C LEU B 685 9.97 -11.94 -7.26
N VAL B 686 10.06 -10.75 -6.68
CA VAL B 686 11.20 -9.84 -6.88
C VAL B 686 12.52 -10.48 -6.42
N ASP B 687 12.54 -11.02 -5.19
CA ASP B 687 13.72 -11.64 -4.60
C ASP B 687 14.27 -12.79 -5.45
N VAL B 688 13.41 -13.37 -6.25
CA VAL B 688 13.75 -14.51 -7.07
C VAL B 688 14.02 -14.09 -8.54
N GLY B 689 13.71 -12.84 -8.88
CA GLY B 689 13.96 -12.31 -10.22
C GLY B 689 12.94 -12.77 -11.26
N VAL B 690 11.66 -12.70 -10.90
CA VAL B 690 10.58 -13.19 -11.76
C VAL B 690 9.72 -12.02 -12.18
N ASP B 691 9.63 -11.77 -13.47
CA ASP B 691 8.78 -10.72 -13.98
C ASP B 691 7.32 -11.15 -13.95
N PHE B 692 6.43 -10.19 -13.70
CA PHE B 692 5.02 -10.47 -13.56
C PHE B 692 4.32 -9.13 -13.64
N GLN B 693 2.99 -9.17 -13.68
CA GLN B 693 2.19 -7.96 -13.74
C GLN B 693 1.44 -7.78 -12.44
N ALA B 694 1.21 -6.51 -12.08
CA ALA B 694 0.55 -6.11 -10.82
C ALA B 694 -0.51 -5.04 -11.09
N MET B 695 -1.44 -4.91 -10.13
CA MET B 695 -2.38 -3.81 -10.11
C MET B 695 -2.91 -3.71 -8.70
N TRP B 696 -2.72 -2.54 -8.08
CA TRP B 696 -3.37 -2.23 -6.82
C TRP B 696 -4.60 -1.37 -7.10
N TYR B 697 -5.64 -1.55 -6.30
CA TYR B 697 -6.78 -0.63 -6.33
C TYR B 697 -6.93 0.17 -5.03
N THR B 698 -6.56 1.45 -5.12
CA THR B 698 -6.58 2.40 -3.99
C THR B 698 -7.95 2.43 -3.33
N ASP B 699 -7.96 2.17 -2.01
CA ASP B 699 -9.15 2.30 -1.15
C ASP B 699 -10.27 1.31 -1.47
N GLU B 700 -9.94 0.28 -2.24
CA GLU B 700 -10.88 -0.78 -2.55
C GLU B 700 -10.69 -1.89 -1.56
N ASP B 701 -11.78 -2.60 -1.26
CA ASP B 701 -11.71 -3.71 -0.34
C ASP B 701 -11.80 -5.03 -1.12
N HIS B 702 -12.30 -6.07 -0.45
CA HIS B 702 -12.24 -7.42 -0.97
C HIS B 702 -13.12 -7.64 -2.20
N GLY B 703 -14.23 -6.92 -2.28
CA GLY B 703 -15.10 -7.03 -3.42
C GLY B 703 -14.65 -6.27 -4.65
N ILE B 704 -13.76 -5.29 -4.48
CA ILE B 704 -13.37 -4.33 -5.55
C ILE B 704 -14.62 -4.02 -6.38
N ALA B 705 -15.59 -3.40 -5.71
CA ALA B 705 -16.98 -3.44 -6.14
C ALA B 705 -17.57 -2.08 -6.47
N SER B 706 -16.83 -1.01 -6.16
CA SER B 706 -17.26 0.32 -6.58
C SER B 706 -17.43 0.29 -8.09
N SER B 707 -18.31 1.13 -8.60
CA SER B 707 -18.70 1.06 -9.98
C SER B 707 -17.50 1.19 -10.92
N THR B 708 -16.64 2.17 -10.65
CA THR B 708 -15.51 2.44 -11.52
C THR B 708 -14.40 1.39 -11.42
N ALA B 709 -14.07 0.96 -10.21
CA ALA B 709 -13.05 -0.05 -9.97
C ALA B 709 -13.42 -1.39 -10.60
N HIS B 710 -14.67 -1.79 -10.38
CA HIS B 710 -15.25 -2.97 -11.02
C HIS B 710 -15.09 -2.94 -12.54
N GLN B 711 -15.51 -1.85 -13.18
CA GLN B 711 -15.31 -1.71 -14.64
C GLN B 711 -13.81 -1.77 -15.03
N HIS B 712 -12.97 -1.11 -14.23
CA HIS B 712 -11.53 -1.05 -14.49
C HIS B 712 -10.83 -2.40 -14.46
N ILE B 713 -11.04 -3.15 -13.36
CA ILE B 713 -10.39 -4.46 -13.17
C ILE B 713 -10.78 -5.48 -14.24
N TYR B 714 -12.05 -5.52 -14.59
CA TYR B 714 -12.51 -6.41 -15.65
C TYR B 714 -11.98 -5.99 -17.02
N THR B 715 -11.80 -4.69 -17.21
CA THR B 715 -11.17 -4.16 -18.42
C THR B 715 -9.69 -4.57 -18.43
N HIS B 716 -8.98 -4.34 -17.34
CA HIS B 716 -7.58 -4.69 -17.26
C HIS B 716 -7.36 -6.19 -17.50
N MET B 717 -8.17 -7.02 -16.84
CA MET B 717 -8.07 -8.47 -16.96
C MET B 717 -8.34 -9.00 -18.36
N SER B 718 -9.32 -8.40 -19.04
CA SER B 718 -9.63 -8.78 -20.42
C SER B 718 -8.45 -8.56 -21.36
N HIS B 719 -7.83 -7.38 -21.30
CA HIS B 719 -6.61 -7.11 -22.09
C HIS B 719 -5.58 -8.21 -21.87
N PHE B 720 -5.35 -8.56 -20.61
CA PHE B 720 -4.34 -9.54 -20.22
C PHE B 720 -4.62 -10.92 -20.79
N ILE B 721 -5.89 -11.31 -20.80
CA ILE B 721 -6.26 -12.64 -21.30
C ILE B 721 -6.17 -12.70 -22.82
N LYS B 722 -6.65 -11.65 -23.46
CA LYS B 722 -6.59 -11.54 -24.92
C LYS B 722 -5.14 -11.56 -25.40
N GLN B 723 -4.28 -10.75 -24.79
CA GLN B 723 -2.86 -10.79 -25.16
C GLN B 723 -2.22 -12.16 -24.89
N CYS B 724 -2.65 -12.82 -23.81
CA CYS B 724 -2.16 -14.17 -23.50
C CYS B 724 -2.63 -15.18 -24.56
N PHE B 725 -3.87 -15.06 -25.00
CA PHE B 725 -4.42 -15.97 -26.02
C PHE B 725 -4.20 -15.47 -27.47
N SER B 726 -3.36 -14.45 -27.64
CA SER B 726 -3.13 -13.81 -28.94
C SER B 726 -4.43 -13.52 -29.69
N LEU B 727 -5.40 -12.96 -28.96
CA LEU B 727 -6.69 -12.56 -29.52
C LEU B 727 -6.69 -11.05 -29.78
N PRO B 728 -7.20 -10.62 -30.97
CA PRO B 728 -7.14 -9.21 -31.37
C PRO B 728 -8.02 -8.29 -30.50
C1 NAG C . 58.28 8.75 3.27
C2 NAG C . 57.80 8.21 4.60
C3 NAG C . 58.52 9.01 5.67
C4 NAG C . 60.04 8.91 5.46
C5 NAG C . 60.40 9.34 4.03
C6 NAG C . 61.89 9.23 3.71
C7 NAG C . 55.46 7.63 3.97
C8 NAG C . 54.12 8.28 3.77
N2 NAG C . 56.35 8.35 4.67
O3 NAG C . 58.18 8.54 6.95
O4 NAG C . 60.70 9.73 6.41
O5 NAG C . 59.67 8.56 3.11
O6 NAG C . 62.32 7.90 3.81
O7 NAG C . 55.67 6.51 3.50
C1 NAG D . 8.42 21.38 22.80
C2 NAG D . 8.99 22.11 24.00
C3 NAG D . 7.83 22.40 24.96
C4 NAG D . 6.65 23.09 24.23
C5 NAG D . 6.37 22.51 22.83
C6 NAG D . 5.51 23.46 22.00
C7 NAG D . 11.35 21.62 24.53
C8 NAG D . 12.29 20.70 25.26
N2 NAG D . 10.05 21.30 24.60
O3 NAG D . 8.32 23.25 25.97
O4 NAG D . 5.48 23.05 25.04
O5 NAG D . 7.56 22.25 22.09
O6 NAG D . 5.25 22.84 20.78
O7 NAG D . 11.82 22.59 23.93
N1 B1Q E . 13.66 15.61 -4.11
C2 B1Q E . 14.96 16.20 -3.75
N3 B1Q E . 16.95 17.25 -4.62
C4 B1Q E . 16.90 18.32 -3.58
C5 B1Q E . 13.27 14.40 -3.72
C6 B1Q E . 18.27 18.83 -3.28
C7 B1Q E . 15.59 16.83 -4.99
C8 B1Q E . 16.15 17.87 -2.30
C9 B1Q E . 14.80 17.22 -2.61
C10 B1Q E . 19.31 18.66 -4.21
C11 B1Q E . 18.55 19.51 -2.07
C12 B1Q E . 19.84 20.00 -1.80
C13 B1Q E . 12.75 16.37 -4.97
C14 B1Q E . 20.58 19.17 -3.93
C15 B1Q E . 20.86 19.84 -2.74
C16 B1Q E . 11.86 14.18 -4.19
C17 B1Q E . 17.66 17.72 -5.82
C18 B1Q E . 11.47 15.57 -4.70
O19 B1Q E . 13.92 13.57 -3.10
C20 B1Q E . 19.13 17.94 -5.54
N21 B1Q E . 14.31 16.59 -1.41
O22 B1Q E . 20.13 20.68 -0.63
O23 B1Q E . 22.13 20.32 -2.48
F24 B1Q E . 9.79 16.58 -5.95
C25 B1Q E . 10.61 15.48 -5.93
C26 B1Q E . 23.02 20.71 -3.54
C27 B1Q E . 19.42 20.51 0.60
C1 NAG F . -58.20 -8.52 -1.45
C2 NAG F . -57.78 -7.47 -0.41
C3 NAG F . -58.66 -7.49 0.85
C4 NAG F . -60.13 -7.48 0.47
C5 NAG F . -60.39 -8.60 -0.53
C6 NAG F . -61.85 -8.66 -0.97
C7 NAG F . -55.47 -6.76 -0.41
C8 NAG F . -54.06 -7.06 0.00
N2 NAG F . -56.39 -7.63 -0.01
O3 NAG F . -58.37 -6.35 1.64
O4 NAG F . -60.90 -7.64 1.65
O5 NAG F . -59.58 -8.43 -1.69
O6 NAG F . -62.21 -7.48 -1.67
O7 NAG F . -55.73 -5.77 -1.09
C1 NAG G . -12.18 -7.11 29.22
C2 NAG G . -12.87 -6.99 30.56
C3 NAG G . -11.86 -6.63 31.64
C4 NAG G . -10.54 -7.41 31.50
C5 NAG G . -10.15 -7.80 30.06
C6 NAG G . -9.13 -8.93 30.00
C7 NAG G . -15.22 -6.44 30.42
C8 NAG G . -16.28 -5.38 30.44
N2 NAG G . -13.95 -6.03 30.48
O3 NAG G . -12.45 -6.90 32.89
O4 NAG G . -9.50 -6.64 32.08
O5 NAG G . -11.26 -8.19 29.28
O6 NAG G . -8.79 -9.14 28.65
O7 NAG G . -15.53 -7.63 30.36
N1 B1Q H . -13.48 -16.06 2.64
C2 B1Q H . -14.85 -16.39 3.05
N3 B1Q H . -16.78 -17.85 2.62
C4 B1Q H . -16.94 -18.07 4.08
C5 B1Q H . -13.08 -14.82 2.40
C6 B1Q H . -18.36 -18.43 4.40
C7 B1Q H . -15.34 -17.66 2.34
C8 B1Q H . -16.42 -16.89 4.93
C9 B1Q H . -14.97 -16.55 4.58
C10 B1Q H . -19.20 -18.99 3.42
C11 B1Q H . -18.83 -18.28 5.70
C12 B1Q H . -20.14 -18.65 6.02
C13 B1Q H . -12.49 -17.12 2.51
C14 B1Q H . -20.51 -19.35 3.74
C15 B1Q H . -20.99 -19.19 5.05
C16 B1Q H . -11.63 -14.84 2.03
C17 B1Q H . -17.25 -19.02 1.86
C18 B1Q H . -11.22 -16.27 2.42
O19 B1Q H . -13.76 -13.81 2.45
C20 B1Q H . -18.75 -19.19 1.98
N21 B1Q H . -14.54 -15.37 5.33
O22 B1Q H . -20.62 -18.46 7.30
O23 B1Q H . -22.28 -19.54 5.38
F24 B1Q H . -9.67 -17.98 1.91
C25 B1Q H . -10.19 -16.80 1.44
C26 B1Q H . -23.05 -20.50 4.65
C27 B1Q H . -19.80 -18.65 8.45
#